data_2HQT
#
_entry.id   2HQT
#
_cell.length_a   222.317
_cell.length_b   89.463
_cell.length_c   126.792
_cell.angle_alpha   90.00
_cell.angle_beta   99.39
_cell.angle_gamma   90.00
#
_symmetry.space_group_name_H-M   'C 1 2 1'
#
loop_
_entity.id
_entity.type
_entity.pdbx_description
1 polymer 'GU4 nucleic-binding protein 1'
2 non-polymer 'SULFATE ION'
3 water water
#
_entity_poly.entity_id   1
_entity_poly.type   'polypeptide(L)'
_entity_poly.pdbx_seq_one_letter_code
;GHMSDLVTKFESLIISKYPVSFTKEQSAQAAQWESVLKSGQIQPHLDQLNLVLRDNTFIVSTLYPTSTDVHVFEVALPLI
KDLVASSKDVKSTYTTYRHILRWIDYMQNLLEVSSTDKLEINHD
;
_entity_poly.pdbx_strand_id   A,B,C,D,E,F,G,H,I,J,K,L,M,N,O,P,Q,R,S,T
#
loop_
_chem_comp.id
_chem_comp.type
_chem_comp.name
_chem_comp.formula
SO4 non-polymer 'SULFATE ION' 'O4 S -2'
#
# COMPACT_ATOMS: atom_id res chain seq x y z
N SER A 4 55.29 -28.79 -44.12
CA SER A 4 55.04 -30.22 -43.79
C SER A 4 56.20 -30.76 -42.94
N ASP A 5 57.38 -30.85 -43.57
CA ASP A 5 58.69 -30.93 -42.90
C ASP A 5 58.77 -29.72 -41.96
N LEU A 6 58.60 -28.55 -42.55
CA LEU A 6 58.35 -27.31 -41.84
C LEU A 6 56.94 -27.42 -41.26
N VAL A 7 56.81 -27.19 -39.97
CA VAL A 7 55.58 -27.48 -39.20
C VAL A 7 55.96 -28.49 -38.12
N THR A 8 56.33 -29.70 -38.54
CA THR A 8 56.80 -30.72 -37.61
C THR A 8 58.08 -30.21 -36.96
N LYS A 9 58.94 -29.60 -37.77
CA LYS A 9 60.13 -28.92 -37.25
C LYS A 9 59.70 -27.78 -36.37
N PHE A 10 58.79 -26.94 -36.88
CA PHE A 10 58.26 -25.80 -36.12
C PHE A 10 57.72 -26.22 -34.75
N GLU A 11 56.77 -27.16 -34.73
CA GLU A 11 56.17 -27.59 -33.47
C GLU A 11 57.11 -28.41 -32.58
N SER A 12 58.28 -28.79 -33.12
CA SER A 12 59.36 -29.36 -32.31
C SER A 12 60.25 -28.30 -31.67
N LEU A 13 59.90 -27.02 -31.84
CA LEU A 13 60.72 -25.92 -31.31
C LEU A 13 60.11 -25.27 -30.09
N ILE A 14 60.98 -24.78 -29.20
CA ILE A 14 60.62 -23.81 -28.17
C ILE A 14 61.30 -22.47 -28.49
N TYR A 18 55.94 -23.48 -24.88
CA TYR A 18 56.13 -22.58 -23.75
C TYR A 18 55.87 -21.14 -24.18
N PRO A 19 54.83 -20.49 -23.64
CA PRO A 19 54.50 -19.12 -24.05
C PRO A 19 55.72 -18.19 -23.86
N VAL A 20 55.82 -17.08 -24.60
CA VAL A 20 57.06 -16.21 -24.56
C VAL A 20 57.15 -15.40 -23.26
N SER A 21 56.02 -15.29 -22.56
CA SER A 21 55.99 -14.71 -21.24
C SER A 21 56.36 -15.76 -20.16
N PHE A 22 56.65 -16.98 -20.57
CA PHE A 22 57.07 -18.02 -19.63
C PHE A 22 58.32 -17.57 -18.89
N THR A 23 58.33 -17.66 -17.56
CA THR A 23 59.50 -17.27 -16.75
C THR A 23 60.50 -18.42 -16.47
N LYS A 24 61.68 -18.04 -16.01
CA LYS A 24 62.68 -19.04 -15.59
C LYS A 24 62.09 -19.97 -14.52
N GLU A 25 61.32 -19.40 -13.59
CA GLU A 25 60.65 -20.16 -12.52
C GLU A 25 59.60 -21.13 -13.07
N GLN A 26 58.78 -20.66 -13.99
CA GLN A 26 57.83 -21.54 -14.65
C GLN A 26 58.53 -22.67 -15.36
N SER A 27 59.60 -22.34 -16.07
CA SER A 27 60.41 -23.34 -16.74
C SER A 27 61.00 -24.39 -15.78
N ALA A 28 61.60 -23.93 -14.68
CA ALA A 28 62.17 -24.86 -13.69
C ALA A 28 61.08 -25.77 -13.07
N GLN A 29 59.89 -25.24 -12.81
CA GLN A 29 58.80 -25.99 -12.17
C GLN A 29 58.25 -27.03 -13.14
N ALA A 30 58.14 -26.68 -14.42
CA ALA A 30 57.78 -27.68 -15.47
C ALA A 30 58.77 -28.86 -15.54
N ALA A 31 60.08 -28.56 -15.58
CA ALA A 31 61.17 -29.58 -15.51
C ALA A 31 61.10 -30.47 -14.28
N GLN A 32 60.83 -29.83 -13.16
CA GLN A 32 60.66 -30.52 -11.90
C GLN A 32 59.49 -31.51 -11.89
N TRP A 33 58.35 -31.10 -12.43
CA TRP A 33 57.20 -32.03 -12.52
C TRP A 33 57.47 -33.14 -13.51
N GLU A 34 58.12 -32.81 -14.60
CA GLU A 34 58.49 -33.81 -15.59
C GLU A 34 59.45 -34.83 -14.96
N SER A 35 60.35 -34.36 -14.09
CA SER A 35 61.24 -35.24 -13.35
C SER A 35 60.52 -36.16 -12.36
N VAL A 36 59.53 -35.64 -11.66
CA VAL A 36 58.71 -36.48 -10.75
C VAL A 36 57.86 -37.52 -11.50
N LEU A 37 57.36 -37.14 -12.66
CA LEU A 37 56.72 -38.06 -13.60
C LEU A 37 57.67 -39.15 -14.05
N LYS A 38 58.85 -38.77 -14.53
CA LYS A 38 59.80 -39.74 -15.04
C LYS A 38 60.26 -40.76 -13.99
N SER A 39 60.34 -40.30 -12.74
CA SER A 39 60.80 -41.12 -11.61
C SER A 39 59.63 -41.84 -10.92
N GLY A 40 58.41 -41.63 -11.40
CA GLY A 40 57.25 -42.28 -10.85
C GLY A 40 56.93 -41.89 -9.41
N GLN A 41 57.28 -40.66 -9.03
CA GLN A 41 57.02 -40.19 -7.67
C GLN A 41 55.84 -39.27 -7.57
N ILE A 42 54.83 -39.39 -8.43
CA ILE A 42 53.74 -38.41 -8.33
C ILE A 42 53.02 -38.56 -6.98
N GLN A 43 52.94 -39.79 -6.45
CA GLN A 43 52.12 -40.03 -5.24
C GLN A 43 52.69 -39.26 -4.01
N PRO A 44 53.99 -39.39 -3.72
CA PRO A 44 54.52 -38.54 -2.64
C PRO A 44 54.55 -37.05 -2.94
N HIS A 45 54.22 -36.67 -4.18
CA HIS A 45 54.11 -35.25 -4.55
C HIS A 45 52.67 -34.75 -4.62
N LEU A 46 51.66 -35.58 -4.31
CA LEU A 46 50.25 -35.19 -4.34
C LEU A 46 49.91 -34.02 -3.42
N ASP A 47 50.40 -34.07 -2.20
CA ASP A 47 50.16 -32.99 -1.28
C ASP A 47 50.66 -31.67 -1.85
N GLN A 48 51.86 -31.69 -2.44
CA GLN A 48 52.40 -30.48 -3.07
C GLN A 48 51.57 -30.02 -4.25
N LEU A 49 51.12 -30.99 -5.07
CA LEU A 49 50.29 -30.69 -6.26
C LEU A 49 49.02 -30.05 -5.78
N ASN A 50 48.46 -30.61 -4.72
CA ASN A 50 47.27 -30.03 -4.13
C ASN A 50 47.50 -28.61 -3.63
N LEU A 51 48.64 -28.34 -2.97
CA LEU A 51 48.92 -26.98 -2.48
C LEU A 51 49.18 -25.99 -3.66
N VAL A 52 49.88 -26.44 -4.70
CA VAL A 52 50.07 -25.60 -5.89
C VAL A 52 48.73 -25.20 -6.52
N LEU A 53 47.80 -26.15 -6.66
CA LEU A 53 46.49 -25.91 -7.35
C LEU A 53 45.54 -25.10 -6.47
N ARG A 54 45.83 -25.05 -5.18
CA ARG A 54 45.06 -24.19 -4.28
C ARG A 54 45.15 -22.80 -4.78
N ASP A 55 46.36 -22.39 -5.11
CA ASP A 55 46.63 -20.98 -5.44
C ASP A 55 46.86 -20.67 -6.92
N ASN A 56 46.80 -21.70 -7.74
CA ASN A 56 47.09 -21.58 -9.18
C ASN A 56 46.10 -22.39 -9.97
N THR A 57 45.47 -21.78 -10.97
CA THR A 57 44.47 -22.44 -11.78
C THR A 57 45.07 -23.71 -12.41
N PHE A 58 46.31 -23.58 -12.92
CA PHE A 58 47.03 -24.63 -13.62
C PHE A 58 48.41 -24.77 -13.01
N ILE A 59 49.03 -25.93 -13.25
CA ILE A 59 50.19 -26.39 -12.51
C ILE A 59 51.35 -25.40 -12.54
N VAL A 60 51.63 -24.79 -13.68
CA VAL A 60 52.76 -23.87 -13.80
C VAL A 60 52.32 -22.41 -14.01
N SER A 61 51.11 -22.11 -13.55
CA SER A 61 50.64 -20.73 -13.37
C SER A 61 50.43 -20.03 -14.68
N THR A 62 49.84 -20.75 -15.61
CA THR A 62 49.51 -20.24 -16.91
C THR A 62 48.02 -19.93 -17.00
N LEU A 63 47.64 -19.17 -18.04
CA LEU A 63 46.24 -18.84 -18.31
C LEU A 63 45.56 -19.93 -19.09
N TYR A 64 46.36 -20.84 -19.65
CA TYR A 64 45.85 -22.04 -20.27
C TYR A 64 46.69 -23.21 -19.83
N PRO A 65 46.10 -24.41 -19.85
CA PRO A 65 46.84 -25.58 -19.49
C PRO A 65 48.03 -25.78 -20.43
N THR A 66 49.10 -26.37 -19.89
CA THR A 66 50.32 -26.66 -20.63
C THR A 66 50.47 -28.19 -20.74
N SER A 67 51.43 -28.66 -21.53
CA SER A 67 51.67 -30.10 -21.56
C SER A 67 52.02 -30.63 -20.15
N THR A 68 52.56 -29.79 -19.28
CA THR A 68 52.82 -30.19 -17.89
C THR A 68 51.51 -30.57 -17.19
N ASP A 69 50.48 -29.76 -17.34
CA ASP A 69 49.13 -30.14 -16.84
C ASP A 69 48.66 -31.49 -17.38
N VAL A 70 48.80 -31.68 -18.69
CA VAL A 70 48.35 -32.92 -19.33
C VAL A 70 49.14 -34.14 -18.86
N HIS A 71 50.46 -33.98 -18.76
CA HIS A 71 51.30 -35.10 -18.36
C HIS A 71 51.04 -35.53 -16.93
N VAL A 72 50.91 -34.56 -16.04
CA VAL A 72 50.66 -34.84 -14.62
C VAL A 72 49.26 -35.44 -14.44
N PHE A 73 48.28 -34.84 -15.08
CA PHE A 73 46.91 -35.39 -15.15
C PHE A 73 46.84 -36.88 -15.55
N GLU A 74 47.61 -37.31 -16.55
CA GLU A 74 47.52 -38.69 -17.00
C GLU A 74 47.84 -39.64 -15.89
N VAL A 75 48.72 -39.19 -15.00
CA VAL A 75 49.20 -40.02 -13.91
C VAL A 75 48.31 -39.86 -12.67
N ALA A 76 47.96 -38.61 -12.39
CA ALA A 76 47.22 -38.23 -11.20
C ALA A 76 45.76 -38.71 -11.25
N LEU A 77 45.15 -38.76 -12.44
CA LEU A 77 43.73 -39.17 -12.56
C LEU A 77 43.49 -40.60 -12.10
N PRO A 78 44.22 -41.57 -12.66
CA PRO A 78 43.98 -42.93 -12.18
C PRO A 78 44.42 -43.14 -10.72
N LEU A 79 45.42 -42.38 -10.29
CA LEU A 79 45.91 -42.42 -8.92
C LEU A 79 44.89 -41.93 -7.91
N ILE A 80 44.31 -40.76 -8.20
CA ILE A 80 43.28 -40.23 -7.34
C ILE A 80 42.05 -41.16 -7.39
N LYS A 81 41.64 -41.59 -8.58
CA LYS A 81 40.57 -42.59 -8.68
C LYS A 81 40.82 -43.80 -7.77
N ASP A 82 42.06 -44.26 -7.74
CA ASP A 82 42.47 -45.37 -6.87
C ASP A 82 42.43 -45.05 -5.37
N LEU A 83 42.90 -43.86 -4.99
CA LEU A 83 42.83 -43.43 -3.58
C LEU A 83 41.38 -43.32 -3.07
N VAL A 84 40.48 -42.77 -3.87
CA VAL A 84 39.06 -42.79 -3.55
C VAL A 84 38.52 -44.22 -3.40
N ALA A 85 38.86 -45.08 -4.37
CA ALA A 85 38.41 -46.47 -4.39
C ALA A 85 38.81 -47.22 -3.12
N SER A 86 40.05 -46.99 -2.71
CA SER A 86 40.65 -47.68 -1.58
C SER A 86 40.37 -46.93 -0.27
N SER A 87 39.68 -45.81 -0.35
CA SER A 87 39.65 -44.86 0.75
C SER A 87 38.88 -45.41 1.92
N LYS A 88 39.37 -45.17 3.13
CA LYS A 88 38.64 -45.62 4.31
C LYS A 88 37.45 -44.71 4.62
N ASP A 89 37.50 -43.47 4.14
CA ASP A 89 36.34 -42.56 4.24
C ASP A 89 36.41 -41.58 3.07
N VAL A 90 35.45 -41.63 2.15
CA VAL A 90 35.58 -40.90 0.88
C VAL A 90 35.62 -39.38 1.08
N LYS A 91 34.72 -38.87 1.93
CA LYS A 91 34.68 -37.44 2.25
C LYS A 91 36.03 -36.94 2.73
N SER A 92 36.69 -37.68 3.63
CA SER A 92 38.06 -37.28 4.08
C SER A 92 38.97 -37.19 2.88
N THR A 93 38.82 -38.12 1.93
CA THR A 93 39.72 -38.12 0.75
C THR A 93 39.46 -36.88 -0.13
N TYR A 94 38.18 -36.58 -0.37
CA TYR A 94 37.80 -35.42 -1.14
C TYR A 94 38.31 -34.14 -0.54
N THR A 95 38.20 -34.05 0.78
CA THR A 95 38.69 -32.87 1.53
C THR A 95 40.19 -32.76 1.45
N THR A 96 40.89 -33.90 1.43
CA THR A 96 42.34 -33.87 1.45
C THR A 96 42.96 -33.41 0.11
N TYR A 97 42.24 -33.59 -1.01
CA TYR A 97 42.74 -33.25 -2.35
C TYR A 97 41.79 -32.40 -3.13
N ARG A 98 41.25 -31.39 -2.48
CA ARG A 98 40.18 -30.56 -3.04
C ARG A 98 40.60 -29.91 -4.32
N HIS A 99 41.82 -29.39 -4.33
CA HIS A 99 42.30 -28.51 -5.39
C HIS A 99 42.74 -29.36 -6.60
N ILE A 100 43.36 -30.49 -6.35
CA ILE A 100 43.51 -31.54 -7.44
C ILE A 100 42.20 -31.94 -8.05
N LEU A 101 41.18 -32.19 -7.24
CA LEU A 101 39.88 -32.63 -7.74
C LEU A 101 39.24 -31.57 -8.64
N ARG A 102 39.36 -30.32 -8.24
CA ARG A 102 38.93 -29.21 -9.07
C ARG A 102 39.57 -29.25 -10.46
N TRP A 103 40.88 -29.42 -10.45
CA TRP A 103 41.71 -29.42 -11.65
C TRP A 103 41.47 -30.69 -12.48
N ILE A 104 41.32 -31.85 -11.81
CA ILE A 104 40.88 -33.07 -12.49
C ILE A 104 39.57 -32.93 -13.19
N ASP A 105 38.61 -32.30 -12.52
CA ASP A 105 37.33 -32.04 -13.12
C ASP A 105 37.51 -31.19 -14.41
N TYR A 106 38.36 -30.15 -14.33
CA TYR A 106 38.59 -29.24 -15.47
C TYR A 106 39.24 -30.04 -16.60
N MET A 107 40.32 -30.73 -16.27
CA MET A 107 41.17 -31.35 -17.30
C MET A 107 40.51 -32.51 -18.02
N GLN A 108 39.77 -33.31 -17.27
CA GLN A 108 39.06 -34.44 -17.89
C GLN A 108 37.92 -33.99 -18.81
N ASN A 109 37.33 -32.83 -18.55
CA ASN A 109 36.37 -32.25 -19.47
C ASN A 109 37.06 -31.68 -20.73
N LEU A 110 38.12 -30.91 -20.52
CA LEU A 110 38.96 -30.38 -21.62
C LEU A 110 39.43 -31.49 -22.57
N LEU A 111 39.94 -32.58 -22.00
CA LEU A 111 40.55 -33.66 -22.77
C LEU A 111 39.55 -34.73 -23.18
N GLU A 112 38.27 -34.45 -22.93
CA GLU A 112 37.18 -35.28 -23.40
C GLU A 112 37.43 -36.74 -23.00
N VAL A 113 37.57 -36.95 -21.70
CA VAL A 113 37.96 -38.24 -21.16
C VAL A 113 36.79 -39.21 -21.15
N SER A 114 37.11 -40.49 -21.34
CA SER A 114 36.13 -41.58 -21.32
C SER A 114 35.24 -41.62 -20.07
N SER A 115 33.95 -41.78 -20.27
CA SER A 115 33.14 -42.49 -19.30
C SER A 115 33.80 -43.81 -18.95
N THR A 116 34.10 -44.03 -17.68
CA THR A 116 34.75 -45.27 -17.23
C THR A 116 36.19 -45.09 -16.81
N ASP A 117 36.87 -44.12 -17.40
CA ASP A 117 38.12 -43.67 -16.81
C ASP A 117 38.00 -42.35 -16.05
N LYS A 118 37.02 -41.52 -16.41
CA LYS A 118 36.68 -40.34 -15.65
C LYS A 118 36.49 -40.64 -14.16
N LEU A 119 36.63 -39.60 -13.33
CA LEU A 119 36.32 -39.71 -11.88
C LEU A 119 35.02 -38.99 -11.53
N GLU A 120 34.03 -39.69 -10.93
CA GLU A 120 32.92 -39.05 -10.16
C GLU A 120 32.78 -37.55 -10.37
N ILE A 121 32.43 -36.89 -9.27
CA ILE A 121 33.23 -35.83 -8.68
C ILE A 121 32.60 -35.41 -7.35
N MET B 3 34.11 -50.09 25.58
CA MET B 3 34.45 -50.48 26.99
C MET B 3 33.23 -50.42 27.92
N SER B 4 33.46 -50.92 29.13
CA SER B 4 32.52 -50.79 30.21
C SER B 4 32.03 -49.35 30.37
N ASP B 5 30.79 -49.20 30.81
CA ASP B 5 30.29 -47.90 31.20
C ASP B 5 31.14 -47.32 32.35
N LEU B 6 31.57 -48.17 33.28
CA LEU B 6 32.37 -47.70 34.42
C LEU B 6 33.72 -47.20 33.98
N VAL B 7 34.33 -47.89 33.03
CA VAL B 7 35.64 -47.48 32.57
C VAL B 7 35.49 -46.15 31.85
N THR B 8 34.47 -46.05 31.00
CA THR B 8 34.18 -44.79 30.36
C THR B 8 33.92 -43.67 31.35
N LYS B 9 33.16 -43.94 32.42
CA LYS B 9 32.89 -42.93 33.44
C LYS B 9 34.18 -42.47 34.12
N PHE B 10 35.05 -43.43 34.43
CA PHE B 10 36.37 -43.10 35.00
C PHE B 10 37.12 -42.15 34.08
N GLU B 11 37.22 -42.53 32.80
CA GLU B 11 37.98 -41.72 31.85
C GLU B 11 37.37 -40.33 31.72
N SER B 12 36.03 -40.24 31.86
CA SER B 12 35.35 -38.95 31.73
C SER B 12 35.67 -37.98 32.83
N LEU B 13 36.17 -38.46 33.96
CA LEU B 13 36.35 -37.60 35.13
C LEU B 13 37.75 -37.13 35.40
N ILE B 14 38.71 -37.66 34.66
CA ILE B 14 40.13 -37.41 34.91
C ILE B 14 40.40 -35.89 35.06
N ILE B 15 39.84 -35.08 34.17
CA ILE B 15 40.07 -33.63 34.22
C ILE B 15 38.90 -32.88 34.90
N SER B 16 37.69 -33.18 34.46
CA SER B 16 36.48 -32.55 35.01
C SER B 16 36.14 -32.89 36.46
N LYS B 17 36.59 -34.06 36.92
CA LYS B 17 36.24 -34.62 38.22
C LYS B 17 34.77 -35.02 38.35
N TYR B 18 34.04 -35.06 37.23
CA TYR B 18 32.62 -35.42 37.25
C TYR B 18 32.39 -36.56 36.26
N PRO B 19 31.90 -37.72 36.75
CA PRO B 19 31.75 -38.80 35.81
C PRO B 19 30.49 -38.63 34.96
N VAL B 20 30.64 -38.86 33.66
CA VAL B 20 29.51 -38.83 32.74
C VAL B 20 29.66 -40.00 31.81
N SER B 21 28.64 -40.85 31.69
CA SER B 21 28.69 -41.94 30.69
C SER B 21 28.76 -41.37 29.29
N PHE B 22 29.40 -42.09 28.38
CA PHE B 22 29.31 -41.77 26.95
C PHE B 22 27.87 -41.95 26.42
N THR B 23 27.53 -41.15 25.41
CA THR B 23 26.34 -41.35 24.62
C THR B 23 26.59 -42.51 23.68
N LYS B 24 25.53 -42.98 23.04
CA LYS B 24 25.63 -44.06 22.05
C LYS B 24 26.62 -43.68 20.96
N GLU B 25 26.55 -42.43 20.51
CA GLU B 25 27.40 -41.94 19.43
C GLU B 25 28.89 -41.92 19.84
N GLN B 26 29.15 -41.44 21.03
CA GLN B 26 30.51 -41.43 21.56
C GLN B 26 31.08 -42.85 21.72
N SER B 27 30.29 -43.77 22.27
CA SER B 27 30.72 -45.18 22.37
C SER B 27 31.04 -45.75 21.00
N ALA B 28 30.25 -45.40 20.00
CA ALA B 28 30.48 -45.87 18.64
C ALA B 28 31.78 -45.31 18.04
N GLN B 29 32.06 -44.02 18.24
CA GLN B 29 33.32 -43.39 17.78
C GLN B 29 34.52 -44.08 18.43
N ALA B 30 34.44 -44.25 19.75
CA ALA B 30 35.47 -44.93 20.56
C ALA B 30 35.72 -46.36 20.06
N ALA B 31 34.63 -47.05 19.74
CA ALA B 31 34.70 -48.40 19.16
C ALA B 31 35.40 -48.44 17.78
N GLN B 32 35.05 -47.48 16.90
CA GLN B 32 35.67 -47.31 15.56
C GLN B 32 37.19 -47.22 15.69
N TRP B 33 37.64 -46.30 16.54
CA TRP B 33 39.09 -46.09 16.65
C TRP B 33 39.81 -47.24 17.33
N GLU B 34 39.12 -47.91 18.25
CA GLU B 34 39.67 -49.14 18.79
C GLU B 34 39.87 -50.18 17.69
N SER B 35 38.85 -50.38 16.85
CA SER B 35 38.94 -51.33 15.73
C SER B 35 40.13 -50.97 14.84
N VAL B 36 40.25 -49.71 14.51
CA VAL B 36 41.42 -49.22 13.72
C VAL B 36 42.76 -49.59 14.37
N LEU B 37 42.85 -49.33 15.66
CA LEU B 37 44.07 -49.65 16.36
C LEU B 37 44.34 -51.14 16.31
N LYS B 38 43.30 -51.94 16.55
CA LYS B 38 43.46 -53.39 16.58
C LYS B 38 43.86 -53.99 15.23
N SER B 39 43.43 -53.35 14.15
CA SER B 39 43.75 -53.84 12.82
C SER B 39 45.12 -53.31 12.37
N GLY B 40 45.69 -52.42 13.17
CA GLY B 40 46.94 -51.78 12.81
C GLY B 40 46.85 -50.85 11.61
N GLN B 41 45.68 -50.23 11.37
CA GLN B 41 45.48 -49.35 10.19
C GLN B 41 45.32 -47.88 10.48
N ILE B 42 46.09 -47.35 11.42
CA ILE B 42 46.01 -45.89 11.63
C ILE B 42 46.47 -45.13 10.38
N GLN B 43 47.52 -45.62 9.71
CA GLN B 43 48.06 -44.85 8.57
C GLN B 43 47.01 -44.52 7.49
N PRO B 44 46.27 -45.53 6.98
CA PRO B 44 45.20 -45.13 6.03
C PRO B 44 44.02 -44.40 6.63
N HIS B 45 43.92 -44.33 7.95
CA HIS B 45 42.91 -43.50 8.60
C HIS B 45 43.35 -42.10 9.00
N LEU B 46 44.54 -41.68 8.61
CA LEU B 46 45.00 -40.34 8.99
C LEU B 46 44.14 -39.26 8.35
N ASP B 47 43.73 -39.42 7.09
CA ASP B 47 42.91 -38.35 6.50
C ASP B 47 41.57 -38.26 7.25
N GLN B 48 41.02 -39.39 7.66
CA GLN B 48 39.75 -39.35 8.41
C GLN B 48 39.96 -38.72 9.79
N LEU B 49 41.10 -39.01 10.42
CA LEU B 49 41.43 -38.45 11.72
C LEU B 49 41.50 -36.91 11.63
N ASN B 50 42.09 -36.45 10.55
CA ASN B 50 42.22 -34.99 10.32
C ASN B 50 40.86 -34.34 10.09
N LEU B 51 39.94 -35.05 9.43
CA LEU B 51 38.60 -34.52 9.18
C LEU B 51 37.82 -34.44 10.48
N VAL B 52 37.89 -35.52 11.26
CA VAL B 52 37.34 -35.55 12.61
C VAL B 52 37.82 -34.39 13.49
N LEU B 53 39.12 -34.15 13.50
CA LEU B 53 39.66 -33.11 14.32
C LEU B 53 39.43 -31.69 13.78
N ARG B 54 39.06 -31.54 12.51
CA ARG B 54 38.61 -30.22 11.96
C ARG B 54 37.42 -29.68 12.73
N ASP B 55 36.48 -30.59 13.01
CA ASP B 55 35.22 -30.19 13.59
C ASP B 55 35.05 -30.60 15.03
N ASN B 56 36.01 -31.30 15.61
CA ASN B 56 35.86 -31.73 16.98
C ASN B 56 37.13 -31.46 17.69
N THR B 57 37.03 -30.92 18.89
CA THR B 57 38.25 -30.67 19.68
C THR B 57 39.07 -31.91 20.02
N PHE B 58 38.39 -32.95 20.51
CA PHE B 58 38.99 -34.28 20.80
C PHE B 58 38.31 -35.35 19.92
N ILE B 59 38.92 -36.52 19.81
CA ILE B 59 38.48 -37.51 18.81
C ILE B 59 37.06 -38.01 19.01
N VAL B 60 36.65 -38.25 20.25
CA VAL B 60 35.28 -38.73 20.59
C VAL B 60 34.23 -37.64 20.97
N SER B 61 34.44 -36.40 20.54
CA SER B 61 33.46 -35.30 20.77
C SER B 61 33.15 -35.10 22.26
N THR B 62 34.20 -35.06 23.06
CA THR B 62 34.12 -34.88 24.48
C THR B 62 34.60 -33.47 24.82
N LEU B 63 34.38 -33.03 26.05
CA LEU B 63 34.94 -31.74 26.50
C LEU B 63 36.36 -31.88 27.03
N TYR B 64 36.78 -33.11 27.24
CA TYR B 64 38.08 -33.43 27.77
C TYR B 64 38.67 -34.58 26.98
N PRO B 65 40.00 -34.69 26.96
CA PRO B 65 40.58 -35.80 26.23
C PRO B 65 40.23 -37.11 26.91
N THR B 66 40.17 -38.16 26.12
CA THR B 66 39.87 -39.47 26.63
C THR B 66 41.02 -40.40 26.29
N SER B 67 40.93 -41.63 26.77
CA SER B 67 41.96 -42.62 26.41
C SER B 67 41.93 -42.91 24.92
N THR B 68 40.80 -42.74 24.22
CA THR B 68 40.84 -42.81 22.75
C THR B 68 41.88 -41.84 22.19
N ASP B 69 41.91 -40.63 22.71
CA ASP B 69 42.83 -39.59 22.24
C ASP B 69 44.24 -40.04 22.54
N VAL B 70 44.44 -40.60 23.74
CA VAL B 70 45.78 -40.99 24.13
C VAL B 70 46.26 -42.15 23.25
N HIS B 71 45.40 -43.13 23.03
CA HIS B 71 45.83 -44.30 22.30
C HIS B 71 46.14 -44.01 20.86
N VAL B 72 45.26 -43.27 20.20
CA VAL B 72 45.43 -42.86 18.81
C VAL B 72 46.66 -41.96 18.64
N PHE B 73 46.83 -41.06 19.62
CA PHE B 73 47.99 -40.15 19.69
C PHE B 73 49.30 -40.91 19.73
N GLU B 74 49.32 -41.99 20.52
CA GLU B 74 50.48 -42.80 20.65
C GLU B 74 50.97 -43.45 19.33
N VAL B 75 50.04 -43.85 18.46
CA VAL B 75 50.38 -44.38 17.15
C VAL B 75 50.55 -43.23 16.15
N ALA B 76 49.68 -42.20 16.19
CA ALA B 76 49.72 -41.09 15.22
C ALA B 76 50.97 -40.20 15.31
N LEU B 77 51.45 -39.93 16.53
CA LEU B 77 52.62 -39.05 16.68
C LEU B 77 53.76 -39.50 15.77
N PRO B 78 54.27 -40.75 15.94
CA PRO B 78 55.42 -41.19 15.13
C PRO B 78 55.12 -41.24 13.65
N LEU B 79 53.89 -41.59 13.26
CA LEU B 79 53.55 -41.58 11.83
C LEU B 79 53.71 -40.18 11.24
N ILE B 80 53.23 -39.17 11.95
CA ILE B 80 53.23 -37.79 11.43
C ILE B 80 54.65 -37.26 11.51
N LYS B 81 55.34 -37.61 12.58
CA LYS B 81 56.75 -37.24 12.65
C LYS B 81 57.53 -37.77 11.44
N ASP B 82 57.31 -39.05 11.10
CA ASP B 82 57.95 -39.66 9.91
C ASP B 82 57.51 -39.04 8.60
N LEU B 83 56.21 -38.74 8.47
CA LEU B 83 55.65 -38.05 7.29
C LEU B 83 56.36 -36.73 7.06
N VAL B 84 56.49 -35.95 8.13
CA VAL B 84 57.23 -34.68 8.13
C VAL B 84 58.69 -34.86 7.79
N ALA B 85 59.35 -35.81 8.46
CA ALA B 85 60.72 -36.10 8.22
C ALA B 85 60.95 -36.55 6.76
N SER B 86 59.97 -37.25 6.19
CA SER B 86 60.11 -37.77 4.82
C SER B 86 59.43 -36.95 3.72
N SER B 87 58.83 -35.84 4.10
CA SER B 87 58.09 -34.99 3.17
C SER B 87 58.93 -34.51 1.97
N LYS B 88 58.32 -34.50 0.79
CA LYS B 88 58.87 -33.79 -0.38
C LYS B 88 58.63 -32.25 -0.30
N ASP B 89 57.69 -31.81 0.54
CA ASP B 89 57.42 -30.39 0.75
C ASP B 89 56.75 -30.19 2.14
N VAL B 90 57.51 -29.72 3.12
CA VAL B 90 57.01 -29.72 4.50
C VAL B 90 55.79 -28.84 4.61
N LYS B 91 55.80 -27.68 3.98
CA LYS B 91 54.62 -26.79 4.00
C LYS B 91 53.34 -27.56 3.58
N SER B 92 53.45 -28.33 2.49
CA SER B 92 52.30 -29.10 1.99
C SER B 92 51.81 -30.10 2.97
N THR B 93 52.75 -30.74 3.66
CA THR B 93 52.43 -31.67 4.70
C THR B 93 51.68 -30.99 5.84
N TYR B 94 52.20 -29.86 6.34
CA TYR B 94 51.47 -29.16 7.42
C TYR B 94 50.05 -28.80 7.02
N THR B 95 49.89 -28.35 5.79
CA THR B 95 48.58 -27.92 5.32
C THR B 95 47.64 -29.10 5.12
N THR B 96 48.19 -30.29 4.90
CA THR B 96 47.42 -31.50 4.67
C THR B 96 46.87 -32.11 5.97
N TYR B 97 47.57 -31.86 7.08
CA TYR B 97 47.25 -32.43 8.40
C TYR B 97 47.10 -31.37 9.47
N ARG B 98 46.46 -30.24 9.13
CA ARG B 98 46.40 -29.10 9.99
C ARG B 98 45.75 -29.41 11.36
N HIS B 99 44.69 -30.20 11.32
CA HIS B 99 43.82 -30.44 12.46
C HIS B 99 44.46 -31.53 13.36
N ILE B 100 45.06 -32.55 12.77
CA ILE B 100 45.89 -33.48 13.55
C ILE B 100 47.06 -32.76 14.23
N LEU B 101 47.67 -31.81 13.55
CA LEU B 101 48.78 -31.05 14.16
C LEU B 101 48.32 -30.19 15.37
N ARG B 102 47.15 -29.56 15.26
CA ARG B 102 46.55 -28.83 16.40
C ARG B 102 46.42 -29.75 17.63
N TRP B 103 45.87 -30.93 17.38
CA TRP B 103 45.61 -31.91 18.43
C TRP B 103 46.89 -32.55 18.96
N ILE B 104 47.83 -32.87 18.08
CA ILE B 104 49.12 -33.31 18.52
C ILE B 104 49.81 -32.28 19.42
N ASP B 105 49.77 -31.00 19.04
CA ASP B 105 50.38 -29.92 19.86
C ASP B 105 49.74 -29.94 21.27
N TYR B 106 48.43 -30.08 21.29
CA TYR B 106 47.69 -30.17 22.53
C TYR B 106 48.10 -31.38 23.40
N MET B 107 48.01 -32.55 22.81
CA MET B 107 48.31 -33.78 23.51
C MET B 107 49.76 -33.89 23.96
N GLN B 108 50.68 -33.39 23.14
CA GLN B 108 52.05 -33.54 23.50
C GLN B 108 52.38 -32.57 24.63
N ASN B 109 51.68 -31.45 24.69
CA ASN B 109 51.80 -30.53 25.83
C ASN B 109 51.07 -31.07 27.08
N LEU B 110 49.86 -31.58 26.90
CA LEU B 110 49.09 -32.20 27.97
C LEU B 110 49.90 -33.28 28.69
N LEU B 111 50.43 -34.21 27.91
CA LEU B 111 51.14 -35.37 28.47
C LEU B 111 52.64 -35.20 28.67
N GLU B 112 53.14 -33.98 28.46
CA GLU B 112 54.55 -33.66 28.69
C GLU B 112 55.45 -34.66 27.95
N VAL B 113 55.24 -34.76 26.64
CA VAL B 113 56.02 -35.66 25.81
C VAL B 113 57.48 -35.10 25.79
N SER B 114 58.48 -35.96 25.92
CA SER B 114 59.87 -35.50 25.88
C SER B 114 60.16 -34.66 24.62
N SER B 115 61.11 -33.72 24.73
CA SER B 115 61.43 -32.84 23.60
C SER B 115 62.00 -33.62 22.44
N THR B 116 62.68 -34.73 22.70
CA THR B 116 63.14 -35.61 21.63
C THR B 116 61.97 -36.25 20.89
N ASP B 117 60.87 -36.55 21.60
CA ASP B 117 59.73 -37.28 21.06
C ASP B 117 58.66 -36.39 20.46
N LYS B 118 58.52 -35.19 20.98
CA LYS B 118 57.62 -34.18 20.45
C LYS B 118 57.87 -34.00 18.96
N LEU B 119 56.79 -33.64 18.26
CA LEU B 119 56.84 -33.07 16.93
C LEU B 119 57.01 -31.57 17.08
N GLU B 120 57.97 -31.02 16.34
CA GLU B 120 58.22 -29.58 16.27
C GLU B 120 57.10 -28.89 15.52
N ILE B 121 56.09 -28.43 16.23
CA ILE B 121 54.99 -27.73 15.58
C ILE B 121 55.44 -26.32 15.18
N ASN B 122 54.94 -25.85 14.03
CA ASN B 122 55.20 -24.48 13.56
C ASN B 122 54.45 -23.41 14.42
N ASP C 5 34.66 -1.76 -20.17
CA ASP C 5 36.10 -1.73 -20.59
C ASP C 5 36.80 -3.06 -20.28
N LEU C 6 36.43 -3.70 -19.17
CA LEU C 6 36.85 -5.09 -18.89
C LEU C 6 36.05 -6.09 -19.74
N VAL C 7 34.76 -5.81 -19.97
CA VAL C 7 33.96 -6.65 -20.86
C VAL C 7 34.42 -6.50 -22.32
N THR C 8 34.79 -5.28 -22.71
CA THR C 8 35.27 -5.03 -24.07
C THR C 8 36.53 -5.80 -24.34
N LYS C 9 37.43 -5.77 -23.36
CA LYS C 9 38.66 -6.53 -23.44
C LYS C 9 38.36 -7.99 -23.73
N PHE C 10 37.58 -8.60 -22.84
CA PHE C 10 37.19 -10.01 -22.95
C PHE C 10 36.54 -10.27 -24.31
N GLU C 11 35.65 -9.39 -24.71
CA GLU C 11 34.97 -9.55 -25.98
C GLU C 11 35.94 -9.35 -27.16
N SER C 12 37.13 -8.80 -26.94
CA SER C 12 38.15 -8.71 -28.02
C SER C 12 38.93 -10.01 -28.28
N LEU C 13 38.93 -10.91 -27.31
CA LEU C 13 39.71 -12.16 -27.37
C LEU C 13 38.92 -13.30 -28.06
N ILE C 14 39.61 -14.18 -28.81
CA ILE C 14 38.92 -15.33 -29.41
C ILE C 14 38.30 -16.26 -28.36
N ILE C 15 38.83 -16.22 -27.14
CA ILE C 15 38.40 -17.14 -26.08
C ILE C 15 36.97 -16.85 -25.64
N SER C 16 36.44 -15.68 -25.98
CA SER C 16 35.04 -15.36 -25.69
C SER C 16 34.05 -16.05 -26.65
N LYS C 17 34.55 -16.83 -27.61
CA LYS C 17 33.68 -17.68 -28.44
C LYS C 17 33.68 -19.14 -27.95
N SER C 21 27.32 -21.39 -19.83
CA SER C 21 25.93 -21.45 -20.32
C SER C 21 25.36 -22.87 -20.32
N PHE C 22 25.46 -23.55 -21.47
CA PHE C 22 24.91 -24.91 -21.69
C PHE C 22 24.00 -25.52 -20.60
N THR C 23 24.47 -26.49 -19.80
CA THR C 23 23.54 -27.41 -19.09
C THR C 23 22.45 -26.74 -18.22
N LYS C 24 21.41 -27.50 -17.90
CA LYS C 24 20.36 -27.04 -16.99
C LYS C 24 21.01 -26.46 -15.74
N GLU C 25 22.04 -27.14 -15.23
CA GLU C 25 22.71 -26.72 -13.99
C GLU C 25 23.61 -25.49 -14.20
N GLN C 26 24.21 -25.39 -15.37
CA GLN C 26 25.05 -24.25 -15.72
C GLN C 26 24.20 -23.02 -15.97
N SER C 27 23.11 -23.18 -16.71
CA SER C 27 22.20 -22.05 -16.93
C SER C 27 21.71 -21.51 -15.59
N ALA C 28 21.28 -22.41 -14.70
CA ALA C 28 20.83 -22.02 -13.35
C ALA C 28 21.90 -21.22 -12.61
N GLN C 29 23.16 -21.63 -12.77
CA GLN C 29 24.31 -20.97 -12.14
C GLN C 29 24.59 -19.58 -12.76
N ALA C 30 24.57 -19.49 -14.08
CA ALA C 30 24.75 -18.20 -14.75
C ALA C 30 23.67 -17.23 -14.33
N ALA C 31 22.42 -17.72 -14.25
CA ALA C 31 21.27 -16.92 -13.81
C ALA C 31 21.45 -16.36 -12.39
N GLN C 32 21.75 -17.26 -11.45
CA GLN C 32 22.01 -16.91 -10.05
C GLN C 32 22.87 -15.65 -9.99
N TRP C 33 24.06 -15.73 -10.57
CA TRP C 33 25.01 -14.62 -10.53
C TRP C 33 24.50 -13.37 -11.23
N GLU C 34 23.67 -13.54 -12.27
CA GLU C 34 23.07 -12.40 -12.97
C GLU C 34 22.20 -11.63 -11.99
N SER C 35 21.27 -12.34 -11.36
CA SER C 35 20.39 -11.73 -10.36
C SER C 35 21.16 -11.08 -9.21
N VAL C 36 22.23 -11.73 -8.76
CA VAL C 36 23.05 -11.20 -7.67
C VAL C 36 23.68 -9.87 -8.09
N LEU C 37 24.26 -9.87 -9.29
CA LEU C 37 24.83 -8.65 -9.87
C LEU C 37 23.86 -7.48 -10.01
N LYS C 38 22.71 -7.70 -10.63
CA LYS C 38 21.83 -6.55 -10.90
C LYS C 38 21.15 -6.03 -9.62
N SER C 39 21.19 -6.83 -8.54
CA SER C 39 20.70 -6.41 -7.23
C SER C 39 21.78 -5.77 -6.36
N GLY C 40 23.01 -5.73 -6.87
CA GLY C 40 24.14 -5.20 -6.13
C GLY C 40 24.46 -6.00 -4.87
N GLN C 41 24.24 -7.32 -4.90
CA GLN C 41 24.41 -8.16 -3.71
C GLN C 41 25.73 -8.91 -3.69
N ILE C 42 26.71 -8.48 -4.47
CA ILE C 42 27.94 -9.27 -4.58
C ILE C 42 28.66 -9.46 -3.21
N GLN C 43 28.74 -8.43 -2.37
CA GLN C 43 29.44 -8.59 -1.07
C GLN C 43 28.90 -9.69 -0.09
N PRO C 44 27.59 -9.70 0.17
CA PRO C 44 27.04 -10.82 0.93
C PRO C 44 27.13 -12.21 0.30
N HIS C 45 27.47 -12.27 -0.99
CA HIS C 45 27.62 -13.54 -1.69
C HIS C 45 29.08 -13.94 -1.89
N LEU C 46 30.01 -13.15 -1.35
CA LEU C 46 31.44 -13.40 -1.47
C LEU C 46 31.78 -14.77 -0.88
N ASP C 47 31.23 -15.13 0.28
CA ASP C 47 31.51 -16.46 0.81
C ASP C 47 31.06 -17.59 -0.14
N GLN C 48 29.91 -17.39 -0.77
CA GLN C 48 29.39 -18.37 -1.72
C GLN C 48 30.25 -18.40 -2.96
N LEU C 49 30.71 -17.23 -3.39
CA LEU C 49 31.62 -17.18 -4.54
C LEU C 49 32.91 -17.92 -4.25
N ASN C 50 33.44 -17.76 -3.05
CA ASN C 50 34.66 -18.47 -2.65
C ASN C 50 34.43 -19.98 -2.66
N LEU C 51 33.28 -20.42 -2.19
CA LEU C 51 32.98 -21.84 -2.11
C LEU C 51 32.81 -22.40 -3.52
N VAL C 52 32.09 -21.67 -4.37
CA VAL C 52 31.95 -22.11 -5.76
C VAL C 52 33.30 -22.33 -6.44
N LEU C 53 34.20 -21.36 -6.28
CA LEU C 53 35.52 -21.42 -6.89
C LEU C 53 36.48 -22.39 -6.22
N ARG C 54 36.21 -22.85 -5.00
CA ARG C 54 36.98 -23.97 -4.45
C ARG C 54 36.89 -25.16 -5.39
N ASP C 55 35.71 -25.40 -5.96
CA ASP C 55 35.45 -26.66 -6.67
C ASP C 55 35.35 -26.53 -8.19
N ASN C 56 35.35 -25.30 -8.66
CA ASN C 56 35.22 -24.99 -10.08
C ASN C 56 36.23 -23.96 -10.47
N THR C 57 36.91 -24.21 -11.60
CA THR C 57 37.97 -23.31 -12.08
C THR C 57 37.44 -21.94 -12.39
N PHE C 58 36.28 -21.92 -13.04
CA PHE C 58 35.57 -20.71 -13.36
C PHE C 58 34.15 -20.82 -12.76
N ILE C 59 33.49 -19.70 -12.62
CA ILE C 59 32.19 -19.64 -11.91
C ILE C 59 31.15 -20.64 -12.42
N VAL C 60 30.95 -20.70 -13.74
CA VAL C 60 29.92 -21.53 -14.35
C VAL C 60 30.42 -22.90 -14.85
N SER C 61 31.47 -23.44 -14.23
CA SER C 61 31.98 -24.78 -14.53
C SER C 61 32.21 -24.97 -16.01
N THR C 62 32.86 -23.97 -16.61
CA THR C 62 33.22 -23.98 -18.02
C THR C 62 34.70 -24.30 -18.18
N LEU C 63 35.11 -24.53 -19.42
CA LEU C 63 36.53 -24.73 -19.76
C LEU C 63 37.27 -23.40 -19.94
N TYR C 64 36.54 -22.33 -20.23
CA TYR C 64 37.10 -21.00 -20.45
C TYR C 64 36.35 -20.00 -19.59
N PRO C 65 36.96 -18.84 -19.30
CA PRO C 65 36.24 -17.79 -18.60
C PRO C 65 35.11 -17.29 -19.48
N THR C 66 34.07 -16.83 -18.83
CA THR C 66 32.78 -16.73 -19.45
C THR C 66 32.34 -15.33 -19.08
N SER C 67 31.27 -14.81 -19.68
CA SER C 67 30.79 -13.47 -19.35
C SER C 67 30.45 -13.29 -17.85
N THR C 68 30.00 -14.37 -17.21
CA THR C 68 29.68 -14.34 -15.77
C THR C 68 30.95 -14.13 -14.92
N ASP C 69 32.05 -14.81 -15.30
CA ASP C 69 33.33 -14.59 -14.67
C ASP C 69 33.72 -13.12 -14.77
N VAL C 70 33.62 -12.56 -15.97
CA VAL C 70 34.05 -11.17 -16.19
C VAL C 70 33.17 -10.19 -15.43
N HIS C 71 31.85 -10.35 -15.53
CA HIS C 71 30.92 -9.49 -14.79
C HIS C 71 31.12 -9.58 -13.28
N VAL C 72 31.24 -10.79 -12.74
CA VAL C 72 31.43 -10.92 -11.29
C VAL C 72 32.80 -10.35 -10.88
N PHE C 73 33.87 -10.65 -11.66
CA PHE C 73 35.24 -10.15 -11.36
C PHE C 73 35.35 -8.62 -11.27
N GLU C 74 34.68 -7.96 -12.18
CA GLU C 74 34.65 -6.49 -12.24
C GLU C 74 34.20 -5.84 -10.93
N VAL C 75 33.27 -6.51 -10.25
CA VAL C 75 32.77 -6.07 -8.94
C VAL C 75 33.52 -6.73 -7.75
N ALA C 76 33.90 -7.98 -7.91
CA ALA C 76 34.60 -8.69 -6.83
C ALA C 76 36.03 -8.13 -6.60
N LEU C 77 36.72 -7.80 -7.68
CA LEU C 77 38.11 -7.32 -7.60
C LEU C 77 38.25 -6.09 -6.68
N PRO C 78 37.40 -5.06 -6.87
CA PRO C 78 37.48 -3.87 -5.97
C PRO C 78 37.16 -4.17 -4.51
N LEU C 79 36.17 -5.02 -4.27
CA LEU C 79 35.82 -5.36 -2.88
C LEU C 79 37.01 -6.02 -2.18
N ILE C 80 37.58 -7.02 -2.85
CA ILE C 80 38.62 -7.83 -2.23
C ILE C 80 39.83 -6.97 -1.94
N LYS C 81 40.22 -6.14 -2.89
CA LYS C 81 41.31 -5.20 -2.65
C LYS C 81 40.98 -4.35 -1.41
N ASP C 82 39.74 -3.87 -1.32
CA ASP C 82 39.31 -3.09 -0.17
C ASP C 82 39.32 -3.90 1.13
N LEU C 83 38.83 -5.15 1.09
CA LEU C 83 38.90 -6.01 2.26
C LEU C 83 40.36 -6.22 2.67
N VAL C 84 41.25 -6.45 1.72
CA VAL C 84 42.67 -6.59 2.06
C VAL C 84 43.27 -5.29 2.62
N ALA C 85 42.91 -4.15 2.02
CA ALA C 85 43.37 -2.83 2.48
C ALA C 85 43.00 -2.53 3.91
N SER C 86 41.73 -2.73 4.22
CA SER C 86 41.18 -2.38 5.53
C SER C 86 41.40 -3.49 6.56
N SER C 87 41.89 -4.65 6.11
CA SER C 87 42.00 -5.83 6.94
C SER C 87 42.75 -5.68 8.30
N LYS C 88 42.11 -6.20 9.35
CA LYS C 88 42.74 -6.26 10.67
C LYS C 88 43.83 -7.34 10.73
N ASP C 89 43.83 -8.29 9.80
CA ASP C 89 44.91 -9.28 9.72
C ASP C 89 44.96 -9.91 8.33
N VAL C 90 45.99 -9.56 7.57
CA VAL C 90 45.96 -9.77 6.14
C VAL C 90 45.99 -11.25 5.80
N LYS C 91 46.81 -12.00 6.54
CA LYS C 91 46.86 -13.45 6.38
C LYS C 91 45.50 -14.11 6.56
N SER C 92 44.76 -13.66 7.58
CA SER C 92 43.43 -14.18 7.86
C SER C 92 42.52 -13.83 6.72
N THR C 93 42.70 -12.66 6.12
CA THR C 93 41.96 -12.31 4.90
C THR C 93 42.28 -13.21 3.70
N TYR C 94 43.56 -13.43 3.40
CA TYR C 94 43.90 -14.28 2.26
C TYR C 94 43.37 -15.69 2.45
N THR C 95 43.43 -16.19 3.68
CA THR C 95 42.96 -17.53 4.01
C THR C 95 41.44 -17.63 3.87
N THR C 96 40.72 -16.54 4.12
CA THR C 96 39.24 -16.53 4.04
C THR C 96 38.72 -16.56 2.57
N TYR C 97 39.50 -15.97 1.65
CA TYR C 97 39.11 -15.87 0.24
C TYR C 97 40.10 -16.51 -0.74
N ARG C 98 40.66 -17.67 -0.36
CA ARG C 98 41.70 -18.25 -1.15
C ARG C 98 41.32 -18.53 -2.57
N HIS C 99 40.10 -18.98 -2.77
CA HIS C 99 39.69 -19.44 -4.08
C HIS C 99 39.35 -18.25 -4.98
N ILE C 100 38.69 -17.26 -4.37
CA ILE C 100 38.49 -15.98 -5.05
C ILE C 100 39.82 -15.41 -5.53
N LEU C 101 40.85 -15.44 -4.68
CA LEU C 101 42.17 -14.95 -5.04
C LEU C 101 42.85 -15.71 -6.19
N ARG C 102 42.76 -17.04 -6.20
CA ARG C 102 43.31 -17.80 -7.34
C ARG C 102 42.70 -17.30 -8.66
N TRP C 103 41.40 -17.15 -8.62
CA TRP C 103 40.62 -16.80 -9.78
C TRP C 103 40.84 -15.32 -10.15
N ILE C 104 41.03 -14.44 -9.16
CA ILE C 104 41.39 -13.04 -9.41
C ILE C 104 42.75 -12.95 -10.10
N ASP C 105 43.69 -13.78 -9.64
CA ASP C 105 45.06 -13.85 -10.22
C ASP C 105 44.90 -14.22 -11.70
N TYR C 106 44.03 -15.19 -11.99
CA TYR C 106 43.71 -15.60 -13.36
C TYR C 106 43.11 -14.48 -14.19
N MET C 107 41.98 -13.96 -13.70
CA MET C 107 41.14 -13.00 -14.44
C MET C 107 41.86 -11.69 -14.66
N GLN C 108 42.63 -11.24 -13.66
CA GLN C 108 43.35 -9.97 -13.83
C GLN C 108 44.49 -10.05 -14.81
N ASN C 109 45.08 -11.25 -14.95
CA ASN C 109 46.09 -11.48 -15.98
C ASN C 109 45.43 -11.62 -17.35
N LEU C 110 44.37 -12.43 -17.43
CA LEU C 110 43.66 -12.64 -18.69
C LEU C 110 43.22 -11.32 -19.31
N LEU C 111 42.69 -10.44 -18.47
CA LEU C 111 42.08 -9.21 -18.98
C LEU C 111 43.07 -8.05 -18.91
N GLU C 112 44.31 -8.34 -18.54
CA GLU C 112 45.42 -7.36 -18.60
C GLU C 112 45.11 -6.11 -17.76
N VAL C 113 44.66 -6.37 -16.54
CA VAL C 113 44.36 -5.30 -15.60
C VAL C 113 45.61 -4.49 -15.26
N SER C 114 45.43 -3.17 -15.18
CA SER C 114 46.45 -2.23 -14.73
C SER C 114 47.12 -2.60 -13.41
N SER C 115 48.43 -2.41 -13.37
CA SER C 115 49.27 -2.77 -12.21
C SER C 115 49.16 -1.75 -11.08
N THR C 116 47.97 -1.17 -10.94
CA THR C 116 47.61 -0.38 -9.78
C THR C 116 46.16 -0.70 -9.42
N ASP C 117 45.38 -1.15 -10.40
CA ASP C 117 44.05 -1.68 -10.15
C ASP C 117 44.14 -3.14 -9.76
N LYS C 118 45.19 -3.83 -10.17
CA LYS C 118 45.36 -5.25 -9.80
C LYS C 118 45.51 -5.48 -8.28
N LEU C 119 45.07 -6.65 -7.85
CA LEU C 119 45.34 -7.14 -6.51
C LEU C 119 46.70 -7.82 -6.53
N GLU C 120 47.60 -7.36 -5.67
CA GLU C 120 48.97 -7.86 -5.66
C GLU C 120 49.18 -8.76 -4.46
N ILE C 121 49.16 -10.07 -4.70
CA ILE C 121 49.34 -11.10 -3.68
C ILE C 121 50.76 -11.10 -3.11
N MET D 3 31.29 -11.13 36.97
CA MET D 3 30.54 -12.19 36.32
C MET D 3 29.35 -11.63 35.54
N SER D 4 29.45 -11.63 34.21
CA SER D 4 28.30 -12.04 33.41
C SER D 4 27.90 -13.44 33.77
N ASP D 5 26.85 -13.94 33.12
CA ASP D 5 26.28 -15.24 33.49
C ASP D 5 27.18 -16.39 33.03
N LEU D 6 27.90 -16.20 31.93
CA LEU D 6 28.79 -17.26 31.46
C LEU D 6 30.05 -17.33 32.31
N VAL D 7 30.47 -16.19 32.83
CA VAL D 7 31.68 -16.13 33.63
C VAL D 7 31.45 -16.82 34.97
N THR D 8 30.30 -16.58 35.60
CA THR D 8 29.97 -17.32 36.83
C THR D 8 30.01 -18.84 36.60
N LYS D 9 29.43 -19.33 35.49
CA LYS D 9 29.48 -20.75 35.19
C LYS D 9 30.93 -21.23 35.04
N PHE D 10 31.69 -20.52 34.20
CA PHE D 10 33.07 -20.87 33.97
C PHE D 10 33.80 -21.01 35.30
N GLU D 11 33.69 -20.00 36.16
CA GLU D 11 34.40 -20.05 37.42
C GLU D 11 33.96 -21.17 38.38
N SER D 12 32.77 -21.74 38.17
CA SER D 12 32.31 -22.90 38.94
C SER D 12 32.95 -24.22 38.48
N LEU D 13 33.57 -24.21 37.30
CA LEU D 13 34.25 -25.40 36.77
C LEU D 13 35.67 -25.50 37.27
N ILE D 14 36.14 -26.71 37.55
CA ILE D 14 37.47 -26.89 38.11
C ILE D 14 38.58 -26.51 37.11
N ILE D 15 38.35 -26.63 35.81
CA ILE D 15 39.36 -26.17 34.84
C ILE D 15 39.61 -24.64 34.88
N SER D 16 38.73 -23.88 35.54
CA SER D 16 38.97 -22.48 35.73
C SER D 16 40.01 -22.20 36.83
N LYS D 17 40.40 -23.23 37.59
CA LYS D 17 41.28 -23.07 38.76
C LYS D 17 42.70 -23.54 38.46
N TYR D 18 42.92 -23.91 37.21
CA TYR D 18 44.22 -24.29 36.74
C TYR D 18 44.99 -22.98 36.55
N PRO D 19 46.17 -22.86 37.21
CA PRO D 19 46.90 -21.59 37.11
C PRO D 19 47.26 -21.29 35.67
N VAL D 20 46.98 -20.07 35.25
CA VAL D 20 47.51 -19.56 34.00
C VAL D 20 48.95 -19.11 34.31
N SER D 21 49.90 -19.71 33.61
CA SER D 21 51.24 -19.20 33.55
C SER D 21 51.48 -18.76 32.13
N PHE D 22 50.94 -17.59 31.78
CA PHE D 22 51.08 -17.09 30.42
C PHE D 22 52.49 -16.68 30.07
N THR D 23 52.85 -16.87 28.81
CA THR D 23 54.06 -16.26 28.27
C THR D 23 53.79 -14.79 27.96
N LYS D 24 54.84 -14.02 27.65
CA LYS D 24 54.67 -12.64 27.19
C LYS D 24 53.70 -12.61 26.00
N GLU D 25 53.84 -13.59 25.10
CA GLU D 25 53.08 -13.64 23.87
C GLU D 25 51.61 -13.94 24.17
N GLN D 26 51.35 -14.88 25.09
CA GLN D 26 49.99 -15.22 25.51
C GLN D 26 49.35 -14.01 26.17
N SER D 27 50.03 -13.42 27.13
CA SER D 27 49.56 -12.21 27.82
C SER D 27 49.18 -11.12 26.83
N ALA D 28 50.09 -10.87 25.88
CA ALA D 28 49.83 -9.92 24.82
C ALA D 28 48.56 -10.30 24.07
N GLN D 29 48.39 -11.57 23.72
CA GLN D 29 47.25 -11.97 22.94
C GLN D 29 45.96 -11.86 23.75
N ALA D 30 45.99 -12.19 25.03
CA ALA D 30 44.78 -12.01 25.88
C ALA D 30 44.37 -10.51 25.95
N ALA D 31 45.36 -9.64 26.11
CA ALA D 31 45.11 -8.19 26.19
C ALA D 31 44.54 -7.65 24.86
N GLN D 32 45.05 -8.16 23.74
CA GLN D 32 44.55 -7.84 22.41
C GLN D 32 43.07 -8.17 22.21
N TRP D 33 42.68 -9.36 22.62
CA TRP D 33 41.28 -9.79 22.46
C TRP D 33 40.38 -8.99 23.38
N GLU D 34 40.89 -8.63 24.55
CA GLU D 34 40.18 -7.73 25.45
C GLU D 34 39.90 -6.37 24.78
N SER D 35 40.91 -5.77 24.21
CA SER D 35 40.78 -4.54 23.42
C SER D 35 39.75 -4.65 22.30
N VAL D 36 39.83 -5.73 21.55
CA VAL D 36 38.88 -6.03 20.47
C VAL D 36 37.45 -6.04 20.98
N LEU D 37 37.24 -6.73 22.09
CA LEU D 37 35.91 -6.77 22.70
C LEU D 37 35.47 -5.40 23.14
N LYS D 38 36.30 -4.69 23.91
CA LYS D 38 35.90 -3.42 24.43
C LYS D 38 35.63 -2.40 23.33
N SER D 39 36.40 -2.47 22.25
CA SER D 39 36.28 -1.49 21.17
C SER D 39 35.08 -1.84 20.27
N GLY D 40 34.37 -2.94 20.57
CA GLY D 40 33.24 -3.36 19.77
C GLY D 40 33.59 -3.88 18.37
N GLN D 41 34.78 -4.41 18.20
CA GLN D 41 35.25 -4.77 16.85
C GLN D 41 35.40 -6.26 16.61
N ILE D 42 34.66 -7.10 17.34
CA ILE D 42 34.79 -8.53 17.16
C ILE D 42 34.48 -8.91 15.72
N GLN D 43 33.54 -8.21 15.08
CA GLN D 43 33.07 -8.65 13.77
C GLN D 43 34.18 -8.62 12.71
N PRO D 44 34.84 -7.45 12.53
CA PRO D 44 36.02 -7.44 11.66
C PRO D 44 37.22 -8.29 12.09
N HIS D 45 37.21 -8.82 13.31
CA HIS D 45 38.24 -9.77 13.74
C HIS D 45 37.82 -11.24 13.69
N LEU D 46 36.64 -11.52 13.13
CA LEU D 46 36.19 -12.94 13.06
C LEU D 46 37.13 -13.78 12.23
N ASP D 47 37.61 -13.20 11.13
CA ASP D 47 38.49 -13.99 10.27
C ASP D 47 39.77 -14.33 10.97
N GLN D 48 40.33 -13.39 11.72
CA GLN D 48 41.46 -13.67 12.60
C GLN D 48 41.18 -14.74 13.66
N LEU D 49 40.04 -14.62 14.33
CA LEU D 49 39.66 -15.57 15.35
C LEU D 49 39.66 -16.97 14.73
N ASN D 50 39.09 -17.08 13.52
CA ASN D 50 38.97 -18.35 12.84
C ASN D 50 40.33 -18.93 12.51
N LEU D 51 41.26 -18.07 12.11
CA LEU D 51 42.63 -18.50 11.82
C LEU D 51 43.34 -18.93 13.09
N VAL D 52 43.15 -18.18 14.19
CA VAL D 52 43.77 -18.56 15.46
C VAL D 52 43.35 -19.98 15.85
N LEU D 53 42.04 -20.20 15.73
CA LEU D 53 41.46 -21.42 16.19
C LEU D 53 41.72 -22.56 15.27
N ARG D 54 42.15 -22.34 14.03
CA ARG D 54 42.60 -23.42 13.19
C ARG D 54 43.71 -24.18 13.86
N ASP D 55 44.65 -23.44 14.44
CA ASP D 55 45.90 -24.02 14.88
C ASP D 55 46.02 -24.16 16.35
N ASN D 56 45.08 -23.58 17.08
CA ASN D 56 45.03 -23.58 18.53
C ASN D 56 43.68 -24.06 19.02
N THR D 57 43.72 -24.95 20.01
CA THR D 57 42.52 -25.52 20.56
C THR D 57 41.67 -24.44 21.22
N PHE D 58 42.33 -23.55 21.99
CA PHE D 58 41.68 -22.42 22.61
C PHE D 58 42.36 -21.12 22.21
N ILE D 59 41.68 -20.01 22.42
CA ILE D 59 42.17 -18.76 21.87
C ILE D 59 43.63 -18.39 22.22
N VAL D 60 44.02 -18.56 23.48
CA VAL D 60 45.37 -18.12 23.94
C VAL D 60 46.29 -19.35 24.12
N SER D 61 46.11 -20.36 23.26
CA SER D 61 47.01 -21.54 23.21
C SER D 61 47.21 -22.22 24.54
N THR D 62 46.13 -22.48 25.25
CA THR D 62 46.22 -23.06 26.56
C THR D 62 45.64 -24.50 26.49
N LEU D 63 45.86 -25.28 27.54
CA LEU D 63 45.29 -26.64 27.61
C LEU D 63 43.78 -26.61 27.95
N TYR D 64 43.35 -25.53 28.60
CA TYR D 64 41.95 -25.32 28.97
C TYR D 64 41.46 -23.92 28.57
N PRO D 65 40.15 -23.75 28.44
CA PRO D 65 39.56 -22.46 28.17
C PRO D 65 39.95 -21.46 29.25
N THR D 66 40.18 -20.22 28.87
CA THR D 66 40.47 -19.17 29.84
C THR D 66 39.35 -18.15 29.79
N SER D 67 39.43 -17.13 30.65
CA SER D 67 38.45 -16.05 30.60
C SER D 67 38.38 -15.38 29.22
N THR D 68 39.51 -15.37 28.46
CA THR D 68 39.47 -14.85 27.08
C THR D 68 38.50 -15.61 26.21
N ASP D 69 38.56 -16.95 26.29
CA ASP D 69 37.63 -17.80 25.53
C ASP D 69 36.22 -17.51 25.90
N VAL D 70 35.97 -17.34 27.20
CA VAL D 70 34.65 -17.06 27.70
C VAL D 70 34.11 -15.71 27.18
N HIS D 71 34.96 -14.69 27.26
CA HIS D 71 34.56 -13.34 26.89
C HIS D 71 34.33 -13.16 25.39
N VAL D 72 35.20 -13.75 24.58
CA VAL D 72 35.06 -13.77 23.12
C VAL D 72 33.84 -14.58 22.68
N PHE D 73 33.66 -15.74 23.31
CA PHE D 73 32.48 -16.60 23.08
C PHE D 73 31.16 -15.92 23.32
N GLU D 74 31.06 -15.14 24.41
CA GLU D 74 29.84 -14.48 24.76
C GLU D 74 29.35 -13.51 23.69
N VAL D 75 30.29 -12.91 22.96
CA VAL D 75 29.98 -12.02 21.85
C VAL D 75 29.91 -12.81 20.52
N ALA D 76 30.84 -13.74 20.31
CA ALA D 76 30.90 -14.51 19.04
C ALA D 76 29.69 -15.43 18.81
N LEU D 77 29.16 -16.05 19.86
CA LEU D 77 28.02 -16.94 19.68
C LEU D 77 26.84 -16.25 18.99
N PRO D 78 26.28 -15.16 19.57
CA PRO D 78 25.14 -14.47 18.94
C PRO D 78 25.39 -13.92 17.55
N LEU D 79 26.62 -13.43 17.34
CA LEU D 79 27.03 -12.89 16.04
C LEU D 79 27.00 -13.99 15.01
N ILE D 80 27.60 -15.14 15.32
CA ILE D 80 27.60 -16.24 14.37
C ILE D 80 26.18 -16.72 14.12
N LYS D 81 25.35 -16.82 15.18
CA LYS D 81 23.97 -17.25 14.95
C LYS D 81 23.26 -16.31 14.00
N ASP D 82 23.53 -15.03 14.17
CA ASP D 82 22.95 -14.00 13.35
C ASP D 82 23.45 -14.06 11.90
N LEU D 83 24.75 -14.26 11.72
CA LEU D 83 25.31 -14.50 10.40
C LEU D 83 24.73 -15.77 9.73
N VAL D 84 24.51 -16.83 10.50
CA VAL D 84 23.92 -18.05 9.93
C VAL D 84 22.45 -17.78 9.51
N ALA D 85 21.72 -17.12 10.39
CA ALA D 85 20.30 -16.88 10.17
C ALA D 85 20.10 -16.03 8.93
N SER D 86 21.00 -15.09 8.68
CA SER D 86 20.81 -14.15 7.58
C SER D 86 21.66 -14.53 6.36
N SER D 87 22.22 -15.73 6.38
CA SER D 87 23.11 -16.21 5.32
C SER D 87 22.41 -16.35 4.00
N LYS D 88 23.06 -15.90 2.93
CA LYS D 88 22.61 -16.18 1.56
C LYS D 88 22.88 -17.62 1.18
N ASP D 89 23.80 -18.26 1.89
CA ASP D 89 24.16 -19.65 1.61
C ASP D 89 24.77 -20.24 2.83
N VAL D 90 23.99 -20.98 3.62
CA VAL D 90 24.50 -21.36 4.94
C VAL D 90 25.71 -22.26 4.86
N LYS D 91 25.76 -23.17 3.88
CA LYS D 91 26.95 -24.03 3.76
C LYS D 91 28.20 -23.16 3.59
N SER D 92 28.10 -22.10 2.80
CA SER D 92 29.28 -21.29 2.61
C SER D 92 29.61 -20.58 3.91
N THR D 93 28.62 -20.21 4.69
CA THR D 93 28.91 -19.61 6.01
C THR D 93 29.57 -20.63 6.93
N TYR D 94 29.04 -21.85 7.00
CA TYR D 94 29.72 -22.89 7.80
C TYR D 94 31.20 -23.06 7.43
N THR D 95 31.48 -23.17 6.14
CA THR D 95 32.83 -23.44 5.63
C THR D 95 33.75 -22.26 5.89
N THR D 96 33.18 -21.05 5.98
CA THR D 96 33.98 -19.83 6.22
C THR D 96 34.45 -19.70 7.69
N TYR D 97 33.76 -20.34 8.62
CA TYR D 97 34.04 -20.17 10.05
C TYR D 97 34.19 -21.53 10.77
N ARG D 98 34.83 -22.46 10.12
CA ARG D 98 34.85 -23.85 10.55
C ARG D 98 35.46 -23.98 11.95
N HIS D 99 36.50 -23.20 12.20
CA HIS D 99 37.31 -23.35 13.41
C HIS D 99 36.61 -22.61 14.57
N ILE D 100 35.98 -21.47 14.29
CA ILE D 100 35.12 -20.84 15.28
C ILE D 100 33.99 -21.79 15.63
N LEU D 101 33.43 -22.48 14.65
CA LEU D 101 32.34 -23.41 14.93
C LEU D 101 32.77 -24.57 15.79
N ARG D 102 33.95 -25.14 15.55
CA ARG D 102 34.45 -26.26 16.39
C ARG D 102 34.48 -25.78 17.83
N TRP D 103 35.02 -24.59 17.99
CA TRP D 103 35.21 -23.97 19.32
C TRP D 103 33.91 -23.50 19.99
N ILE D 104 32.93 -22.96 19.24
CA ILE D 104 31.60 -22.69 19.75
C ILE D 104 30.91 -23.98 20.22
N ASP D 105 31.01 -25.06 19.45
CA ASP D 105 30.37 -26.33 19.85
C ASP D 105 30.89 -26.66 21.24
N TYR D 106 32.21 -26.54 21.38
CA TYR D 106 32.90 -26.88 22.61
C TYR D 106 32.40 -25.99 23.74
N MET D 107 32.47 -24.68 23.53
CA MET D 107 32.22 -23.73 24.59
C MET D 107 30.76 -23.72 24.99
N GLN D 108 29.86 -23.82 24.04
CA GLN D 108 28.44 -23.80 24.44
C GLN D 108 28.00 -25.01 25.25
N ASN D 109 28.64 -26.15 25.01
CA ASN D 109 28.39 -27.32 25.82
C ASN D 109 29.07 -27.23 27.20
N LEU D 110 30.30 -26.78 27.22
CA LEU D 110 31.05 -26.58 28.47
C LEU D 110 30.28 -25.63 29.42
N LEU D 111 29.76 -24.56 28.86
CA LEU D 111 29.11 -23.53 29.68
C LEU D 111 27.59 -23.73 29.80
N GLU D 112 27.11 -24.88 29.32
CA GLU D 112 25.74 -25.35 29.52
C GLU D 112 24.77 -24.25 29.10
N VAL D 113 25.01 -23.76 27.90
CA VAL D 113 24.16 -22.77 27.28
C VAL D 113 22.81 -23.45 27.09
N SER D 114 21.75 -22.75 27.36
CA SER D 114 20.44 -23.32 27.14
C SER D 114 20.26 -23.81 25.73
N SER D 115 19.59 -24.95 25.60
CA SER D 115 19.40 -25.59 24.32
C SER D 115 18.87 -24.62 23.26
N THR D 116 17.94 -23.76 23.65
CA THR D 116 17.36 -22.78 22.74
C THR D 116 18.36 -21.71 22.30
N ASP D 117 19.36 -21.43 23.13
CA ASP D 117 20.39 -20.43 22.77
C ASP D 117 21.61 -20.94 22.00
N LYS D 118 21.81 -22.25 21.99
CA LYS D 118 22.89 -22.82 21.20
C LYS D 118 22.79 -22.56 19.70
N LEU D 119 23.97 -22.58 19.06
CA LEU D 119 24.08 -22.60 17.62
C LEU D 119 23.94 -24.05 17.13
N GLU D 120 23.15 -24.23 16.07
CA GLU D 120 22.95 -25.55 15.46
C GLU D 120 24.27 -25.95 14.86
N ILE D 121 24.81 -27.09 15.26
CA ILE D 121 26.02 -27.55 14.63
C ILE D 121 25.78 -28.89 13.94
N ASN D 122 26.33 -29.03 12.75
CA ASN D 122 25.90 -30.09 11.85
C ASN D 122 27.02 -31.11 11.61
N SER E 4 8.20 -20.97 -57.31
CA SER E 4 8.43 -21.04 -58.74
C SER E 4 9.85 -20.62 -59.08
N ASP E 5 10.67 -21.59 -59.41
CA ASP E 5 12.00 -21.69 -58.82
C ASP E 5 12.31 -20.48 -57.94
N LEU E 6 11.93 -19.30 -58.38
CA LEU E 6 12.47 -18.07 -57.83
C LEU E 6 11.78 -17.70 -56.52
N VAL E 7 10.45 -17.85 -56.52
CA VAL E 7 9.69 -17.63 -55.27
C VAL E 7 10.11 -18.62 -54.19
N THR E 8 10.44 -19.86 -54.59
CA THR E 8 10.87 -20.89 -53.65
C THR E 8 12.20 -20.54 -53.01
N LYS E 9 13.16 -20.06 -53.80
CA LYS E 9 14.47 -19.68 -53.27
C LYS E 9 14.37 -18.49 -52.32
N PHE E 10 13.50 -17.54 -52.65
CA PHE E 10 13.25 -16.38 -51.82
C PHE E 10 12.74 -16.82 -50.47
N GLU E 11 11.84 -17.78 -50.49
CA GLU E 11 11.22 -18.23 -49.24
C GLU E 11 12.20 -19.02 -48.38
N SER E 12 13.32 -19.47 -48.98
CA SER E 12 14.32 -20.25 -48.24
C SER E 12 15.45 -19.42 -47.63
N LEU E 13 15.17 -18.18 -47.25
CA LEU E 13 16.18 -17.25 -46.72
C LEU E 13 15.59 -16.37 -45.63
N ILE E 14 16.48 -15.83 -44.78
CA ILE E 14 16.08 -14.80 -43.83
C ILE E 14 16.16 -13.45 -44.55
N TYR E 18 14.23 -12.76 -38.02
CA TYR E 18 13.74 -13.14 -39.33
C TYR E 18 12.35 -12.58 -39.59
N PRO E 19 11.95 -11.60 -38.80
CA PRO E 19 11.73 -10.23 -39.27
C PRO E 19 12.94 -9.34 -39.03
N VAL E 20 12.84 -8.08 -39.44
CA VAL E 20 14.05 -7.24 -39.61
C VAL E 20 14.61 -6.65 -38.32
N SER E 21 13.74 -6.48 -37.34
CA SER E 21 14.12 -5.95 -36.05
C SER E 21 14.60 -7.09 -35.16
N PHE E 22 14.57 -8.32 -35.68
CA PHE E 22 14.85 -9.51 -34.88
C PHE E 22 16.26 -9.42 -34.34
N THR E 23 16.38 -9.52 -33.03
CA THR E 23 17.68 -9.35 -32.37
C THR E 23 18.40 -10.68 -32.24
N LYS E 24 19.68 -10.65 -31.88
CA LYS E 24 20.43 -11.89 -31.65
C LYS E 24 19.88 -12.65 -30.45
N GLU E 25 19.44 -11.92 -29.44
CA GLU E 25 18.70 -12.50 -28.31
C GLU E 25 17.46 -13.26 -28.74
N GLN E 26 16.59 -12.64 -29.53
CA GLN E 26 15.42 -13.34 -29.99
C GLN E 26 15.79 -14.55 -30.81
N SER E 27 16.85 -14.46 -31.59
CA SER E 27 17.30 -15.59 -32.37
C SER E 27 17.79 -16.74 -31.46
N ALA E 28 18.51 -16.40 -30.39
CA ALA E 28 19.04 -17.42 -29.49
C ALA E 28 17.94 -18.14 -28.71
N GLN E 29 16.87 -17.42 -28.41
CA GLN E 29 15.76 -17.98 -27.68
C GLN E 29 14.95 -18.90 -28.55
N ALA E 30 14.80 -18.54 -29.81
CA ALA E 30 14.07 -19.37 -30.78
C ALA E 30 14.75 -20.71 -31.03
N ALA E 31 16.07 -20.65 -31.21
CA ALA E 31 16.94 -21.82 -31.24
C ALA E 31 16.79 -22.70 -29.99
N GLN E 32 16.77 -22.10 -28.79
CA GLN E 32 16.59 -22.86 -27.54
C GLN E 32 15.25 -23.57 -27.47
N TRP E 33 14.16 -22.91 -27.85
CA TRP E 33 12.87 -23.63 -27.90
C TRP E 33 12.89 -24.71 -29.00
N GLU E 34 13.59 -24.45 -30.10
CA GLU E 34 13.67 -25.47 -31.15
C GLU E 34 14.48 -26.69 -30.67
N SER E 35 15.49 -26.41 -29.84
CA SER E 35 16.31 -27.45 -29.20
C SER E 35 15.51 -28.30 -28.19
N VAL E 36 14.66 -27.62 -27.41
CA VAL E 36 13.76 -28.26 -26.46
C VAL E 36 12.81 -29.20 -27.20
N LEU E 37 12.23 -28.69 -28.28
CA LEU E 37 11.27 -29.42 -29.08
C LEU E 37 11.98 -30.61 -29.68
N LYS E 38 13.15 -30.35 -30.26
CA LYS E 38 14.02 -31.37 -30.78
C LYS E 38 14.24 -32.54 -29.82
N SER E 39 14.52 -32.24 -28.56
CA SER E 39 14.89 -33.27 -27.58
C SER E 39 13.66 -33.89 -26.92
N GLY E 40 12.47 -33.39 -27.28
CA GLY E 40 11.20 -33.88 -26.72
C GLY E 40 10.94 -33.43 -25.28
N GLN E 41 11.51 -32.29 -24.91
CA GLN E 41 11.56 -31.89 -23.50
C GLN E 41 10.61 -30.76 -23.17
N ILE E 42 9.54 -30.60 -23.93
CA ILE E 42 8.60 -29.53 -23.66
C ILE E 42 8.03 -29.65 -22.23
N GLN E 43 7.68 -30.86 -21.80
CA GLN E 43 7.02 -31.02 -20.53
C GLN E 43 7.79 -30.36 -19.37
N PRO E 44 9.08 -30.73 -19.14
CA PRO E 44 9.79 -30.07 -18.06
C PRO E 44 10.07 -28.59 -18.28
N HIS E 45 9.83 -28.07 -19.50
CA HIS E 45 9.91 -26.64 -19.79
C HIS E 45 8.56 -25.87 -19.76
N LEU E 46 7.48 -26.55 -19.39
CA LEU E 46 6.20 -25.88 -19.31
C LEU E 46 6.22 -24.72 -18.31
N ASP E 47 6.78 -24.92 -17.11
CA ASP E 47 6.86 -23.83 -16.12
C ASP E 47 7.62 -22.61 -16.68
N GLN E 48 8.67 -22.87 -17.43
CA GLN E 48 9.42 -21.80 -18.12
C GLN E 48 8.60 -21.14 -19.21
N LEU E 49 7.93 -21.94 -20.02
CA LEU E 49 7.04 -21.39 -21.02
C LEU E 49 5.99 -20.45 -20.38
N ASN E 50 5.40 -20.87 -19.24
CA ASN E 50 4.38 -20.07 -18.56
C ASN E 50 4.96 -18.75 -18.04
N LEU E 51 6.16 -18.80 -17.49
CA LEU E 51 6.84 -17.58 -17.07
C LEU E 51 7.16 -16.64 -18.23
N VAL E 52 7.58 -17.19 -19.35
CA VAL E 52 7.95 -16.34 -20.48
C VAL E 52 6.70 -15.60 -20.94
N LEU E 53 5.60 -16.34 -21.01
CA LEU E 53 4.36 -15.83 -21.57
C LEU E 53 3.61 -14.86 -20.66
N ARG E 54 3.96 -14.87 -19.39
CA ARG E 54 3.45 -13.92 -18.43
C ARG E 54 3.80 -12.50 -18.85
N ASP E 55 5.04 -12.33 -19.28
CA ASP E 55 5.56 -11.03 -19.59
C ASP E 55 5.67 -10.70 -21.08
N ASN E 56 5.43 -11.68 -21.94
CA ASN E 56 5.60 -11.54 -23.38
C ASN E 56 4.41 -12.08 -24.06
N THR E 57 3.86 -11.30 -24.99
CA THR E 57 2.69 -11.73 -25.74
C THR E 57 2.86 -13.02 -26.51
N PHE E 58 3.96 -13.10 -27.27
CA PHE E 58 4.34 -14.27 -28.03
C PHE E 58 5.72 -14.74 -27.54
N ILE E 59 6.11 -15.97 -27.84
CA ILE E 59 7.24 -16.63 -27.14
C ILE E 59 8.61 -15.96 -27.27
N VAL E 60 8.93 -15.43 -28.45
CA VAL E 60 10.18 -14.68 -28.60
C VAL E 60 9.98 -13.15 -28.76
N SER E 61 8.97 -12.57 -28.08
CA SER E 61 8.86 -11.12 -27.89
C SER E 61 8.59 -10.33 -29.15
N THR E 62 7.86 -10.93 -30.08
CA THR E 62 7.57 -10.36 -31.38
C THR E 62 6.15 -9.82 -31.33
N LEU E 63 5.77 -9.01 -32.32
CA LEU E 63 4.44 -8.42 -32.37
C LEU E 63 3.44 -9.35 -33.07
N TYR E 64 3.98 -10.27 -33.86
CA TYR E 64 3.23 -11.31 -34.50
C TYR E 64 3.76 -12.63 -34.02
N PRO E 65 2.90 -13.65 -33.99
CA PRO E 65 3.39 -14.97 -33.66
C PRO E 65 4.39 -15.44 -34.69
N THR E 66 5.32 -16.25 -34.23
CA THR E 66 6.41 -16.72 -35.05
C THR E 66 6.23 -18.21 -35.36
N SER E 67 7.06 -18.76 -36.25
CA SER E 67 7.00 -20.21 -36.40
C SER E 67 7.36 -20.91 -35.06
N THR E 68 8.15 -20.24 -34.21
CA THR E 68 8.44 -20.77 -32.87
C THR E 68 7.15 -20.92 -32.06
N ASP E 69 6.33 -19.90 -32.11
CA ASP E 69 5.02 -19.96 -31.47
C ASP E 69 4.25 -21.17 -31.99
N VAL E 70 4.20 -21.37 -33.29
CA VAL E 70 3.42 -22.47 -33.89
C VAL E 70 3.99 -23.82 -33.48
N HIS E 71 5.30 -23.95 -33.56
CA HIS E 71 5.96 -25.21 -33.25
C HIS E 71 5.77 -25.63 -31.80
N VAL E 72 6.00 -24.72 -30.86
CA VAL E 72 5.75 -25.04 -29.42
C VAL E 72 4.28 -25.34 -29.19
N PHE E 73 3.40 -24.51 -29.76
CA PHE E 73 1.98 -24.73 -29.67
C PHE E 73 1.59 -26.15 -30.07
N GLU E 74 2.17 -26.68 -31.16
CA GLU E 74 1.78 -27.99 -31.66
C GLU E 74 2.09 -29.11 -30.68
N VAL E 75 3.18 -28.96 -29.94
CA VAL E 75 3.47 -29.93 -28.91
C VAL E 75 2.75 -29.61 -27.59
N ALA E 76 2.74 -28.33 -27.20
CA ALA E 76 2.16 -27.89 -25.94
C ALA E 76 0.64 -28.09 -25.79
N LEU E 77 -0.10 -27.91 -26.88
CA LEU E 77 -1.56 -28.08 -26.85
C LEU E 77 -1.99 -29.47 -26.41
N PRO E 78 -1.61 -30.52 -27.15
CA PRO E 78 -2.05 -31.83 -26.67
C PRO E 78 -1.56 -32.16 -25.26
N LEU E 79 -0.42 -31.62 -24.86
CA LEU E 79 0.14 -31.89 -23.53
C LEU E 79 -0.71 -31.27 -22.43
N ILE E 80 -1.03 -30.00 -22.60
CA ILE E 80 -1.89 -29.28 -21.64
C ILE E 80 -3.29 -29.87 -21.56
N LYS E 81 -3.83 -30.27 -22.71
CA LYS E 81 -5.08 -30.99 -22.72
C LYS E 81 -4.99 -32.26 -21.89
N ASP E 82 -3.92 -33.03 -22.06
CA ASP E 82 -3.72 -34.26 -21.28
C ASP E 82 -3.63 -33.95 -19.79
N LEU E 83 -2.84 -32.96 -19.43
CA LEU E 83 -2.73 -32.48 -18.04
C LEU E 83 -4.09 -32.10 -17.47
N VAL E 84 -4.85 -31.30 -18.22
CA VAL E 84 -6.20 -30.92 -17.80
C VAL E 84 -7.09 -32.15 -17.72
N ALA E 85 -7.00 -33.03 -18.72
CA ALA E 85 -7.84 -34.25 -18.75
C ALA E 85 -7.57 -35.29 -17.65
N SER E 86 -6.38 -35.31 -17.07
CA SER E 86 -6.09 -36.20 -15.96
C SER E 86 -5.94 -35.47 -14.62
N SER E 87 -6.51 -34.25 -14.52
CA SER E 87 -6.23 -33.35 -13.38
C SER E 87 -6.93 -33.71 -12.05
N LYS E 88 -6.18 -33.66 -10.95
CA LYS E 88 -6.71 -33.94 -9.62
C LYS E 88 -7.59 -32.78 -9.15
N ASP E 89 -7.36 -31.60 -9.73
CA ASP E 89 -8.27 -30.47 -9.56
C ASP E 89 -8.09 -29.52 -10.72
N VAL E 90 -9.10 -29.37 -11.58
CA VAL E 90 -8.90 -28.63 -12.83
C VAL E 90 -8.62 -27.14 -12.59
N LYS E 91 -9.26 -26.51 -11.61
CA LYS E 91 -8.95 -25.08 -11.33
C LYS E 91 -7.44 -24.85 -11.00
N SER E 92 -6.86 -25.76 -10.21
CA SER E 92 -5.42 -25.72 -9.86
C SER E 92 -4.54 -25.81 -11.08
N THR E 93 -4.97 -26.60 -12.05
CA THR E 93 -4.25 -26.77 -13.32
C THR E 93 -4.30 -25.50 -14.14
N TYR E 94 -5.48 -24.92 -14.26
CA TYR E 94 -5.66 -23.69 -15.01
C TYR E 94 -4.86 -22.56 -14.37
N THR E 95 -4.94 -22.45 -13.05
CA THR E 95 -4.18 -21.47 -12.29
C THR E 95 -2.66 -21.62 -12.44
N THR E 96 -2.22 -22.84 -12.64
CA THR E 96 -0.79 -23.14 -12.74
C THR E 96 -0.20 -22.82 -14.14
N TYR E 97 -1.02 -22.78 -15.17
CA TYR E 97 -0.60 -22.45 -16.53
C TYR E 97 -1.43 -21.34 -17.18
N ARG E 98 -1.72 -20.28 -16.42
CA ARG E 98 -2.57 -19.17 -16.90
C ARG E 98 -2.11 -18.57 -18.23
N HIS E 99 -0.81 -18.38 -18.32
CA HIS E 99 -0.20 -17.58 -19.39
C HIS E 99 -0.03 -18.43 -20.63
N ILE E 100 0.31 -19.70 -20.47
CA ILE E 100 0.15 -20.69 -21.54
C ILE E 100 -1.29 -20.75 -22.08
N LEU E 101 -2.29 -20.72 -21.19
CA LEU E 101 -3.68 -20.80 -21.64
C LEU E 101 -4.12 -19.59 -22.44
N ARG E 102 -3.75 -18.40 -21.98
CA ARG E 102 -3.95 -17.16 -22.74
C ARG E 102 -3.50 -17.37 -24.18
N TRP E 103 -2.30 -17.91 -24.29
CA TRP E 103 -1.55 -18.00 -25.54
C TRP E 103 -2.14 -19.14 -26.41
N ILE E 104 -2.47 -20.26 -25.77
CA ILE E 104 -3.22 -21.34 -26.43
C ILE E 104 -4.56 -20.84 -26.97
N ASP E 105 -5.33 -20.15 -26.15
CA ASP E 105 -6.60 -19.57 -26.59
C ASP E 105 -6.38 -18.72 -27.87
N TYR E 106 -5.35 -17.89 -27.87
CA TYR E 106 -4.93 -17.10 -29.05
C TYR E 106 -4.61 -17.99 -30.28
N MET E 107 -3.67 -18.90 -30.09
CA MET E 107 -3.08 -19.61 -31.21
C MET E 107 -4.02 -20.58 -31.88
N GLN E 108 -4.82 -21.25 -31.06
CA GLN E 108 -5.75 -22.24 -31.53
C GLN E 108 -6.88 -21.56 -32.31
N ASN E 109 -7.20 -20.33 -31.97
CA ASN E 109 -8.13 -19.52 -32.74
C ASN E 109 -7.49 -19.02 -34.03
N LEU E 110 -6.26 -18.54 -33.95
CA LEU E 110 -5.48 -18.08 -35.11
C LEU E 110 -5.33 -19.15 -36.18
N LEU E 111 -5.03 -20.38 -35.74
CA LEU E 111 -4.71 -21.51 -36.64
C LEU E 111 -5.90 -22.40 -36.92
N GLU E 112 -7.06 -22.00 -36.40
CA GLU E 112 -8.32 -22.66 -36.72
C GLU E 112 -8.26 -24.14 -36.35
N VAL E 113 -7.75 -24.41 -35.15
CA VAL E 113 -7.72 -25.78 -34.61
C VAL E 113 -9.16 -26.30 -34.48
N SER E 114 -9.37 -27.59 -34.72
CA SER E 114 -10.72 -28.16 -34.65
C SER E 114 -11.28 -28.13 -33.21
N SER E 115 -12.62 -28.19 -33.15
CA SER E 115 -13.35 -28.18 -31.88
C SER E 115 -13.02 -29.39 -31.00
N THR E 116 -12.74 -30.53 -31.64
CA THR E 116 -12.32 -31.73 -30.91
C THR E 116 -10.87 -31.47 -30.34
N ASP E 117 -10.03 -30.85 -31.16
CA ASP E 117 -8.62 -30.72 -30.79
C ASP E 117 -8.33 -29.52 -29.90
N LYS E 118 -9.19 -28.50 -29.94
CA LYS E 118 -9.03 -27.32 -29.09
C LYS E 118 -9.06 -27.66 -27.61
N LEU E 119 -8.38 -26.84 -26.82
CA LEU E 119 -8.52 -26.93 -25.38
C LEU E 119 -9.70 -26.04 -24.96
N GLU E 120 -10.56 -26.55 -24.09
CA GLU E 120 -11.67 -25.75 -23.62
C GLU E 120 -11.16 -24.71 -22.64
N ILE E 121 -11.51 -23.47 -22.94
CA ILE E 121 -11.18 -22.34 -22.10
C ILE E 121 -12.50 -21.96 -21.40
N ASN E 122 -13.28 -21.05 -22.00
CA ASN E 122 -14.32 -20.27 -21.31
C ASN E 122 -13.91 -18.79 -21.31
N HIS F 2 -4.63 -41.44 13.51
CA HIS F 2 -5.99 -41.06 14.00
C HIS F 2 -6.33 -39.67 13.50
N MET F 3 -7.33 -39.04 14.15
CA MET F 3 -7.47 -37.58 14.24
C MET F 3 -8.82 -37.24 14.90
N SER F 4 -8.86 -37.49 16.20
CA SER F 4 -10.07 -37.32 17.00
C SER F 4 -10.34 -35.88 17.42
N ASP F 5 -11.50 -35.70 18.04
CA ASP F 5 -11.87 -34.48 18.70
C ASP F 5 -10.78 -34.03 19.70
N LEU F 6 -10.32 -34.97 20.51
CA LEU F 6 -9.39 -34.67 21.59
C LEU F 6 -8.03 -34.34 21.05
N VAL F 7 -7.64 -35.02 19.97
CA VAL F 7 -6.38 -34.74 19.30
C VAL F 7 -6.31 -33.34 18.71
N THR F 8 -7.32 -32.94 17.96
CA THR F 8 -7.34 -31.61 17.40
C THR F 8 -7.39 -30.53 18.50
N LYS F 9 -8.13 -30.80 19.56
CA LYS F 9 -8.17 -29.91 20.72
C LYS F 9 -6.78 -29.72 21.26
N PHE F 10 -6.08 -30.82 21.45
CA PHE F 10 -4.69 -30.75 21.88
C PHE F 10 -3.77 -29.89 20.98
N GLU F 11 -3.76 -30.15 19.69
CA GLU F 11 -2.97 -29.36 18.72
C GLU F 11 -3.33 -27.86 18.69
N SER F 12 -4.62 -27.56 18.78
CA SER F 12 -5.12 -26.17 18.88
C SER F 12 -4.50 -25.38 20.04
N LEU F 13 -3.95 -26.06 21.05
CA LEU F 13 -3.25 -25.35 22.15
C LEU F 13 -1.96 -24.59 21.77
N ILE F 14 -1.42 -24.85 20.58
CA ILE F 14 -0.33 -24.07 20.07
C ILE F 14 -0.61 -22.56 20.02
N ILE F 15 -1.82 -22.16 19.65
CA ILE F 15 -2.11 -20.70 19.43
C ILE F 15 -2.89 -20.10 20.57
N SER F 16 -3.43 -20.94 21.44
CA SER F 16 -4.36 -20.45 22.43
C SER F 16 -4.27 -21.28 23.71
N LYS F 17 -4.72 -20.72 24.82
CA LYS F 17 -4.90 -21.52 26.02
C LYS F 17 -6.21 -22.29 25.93
N TYR F 18 -7.05 -21.95 24.95
CA TYR F 18 -8.37 -22.55 24.86
C TYR F 18 -8.39 -23.64 23.82
N PRO F 19 -8.58 -24.91 24.24
CA PRO F 19 -8.70 -25.98 23.25
C PRO F 19 -9.98 -25.86 22.43
N VAL F 20 -9.88 -26.03 21.12
CA VAL F 20 -11.02 -26.02 20.25
C VAL F 20 -10.95 -27.15 19.23
N SER F 21 -12.05 -27.87 19.03
CA SER F 21 -12.07 -28.99 18.10
C SER F 21 -12.17 -28.56 16.63
N PHE F 22 -11.68 -29.41 15.73
CA PHE F 22 -11.89 -29.23 14.32
C PHE F 22 -13.36 -29.06 14.04
N THR F 23 -13.61 -28.27 13.03
CA THR F 23 -14.94 -27.97 12.57
C THR F 23 -15.30 -29.07 11.54
N LYS F 24 -16.55 -29.14 11.08
CA LYS F 24 -16.90 -30.22 10.14
C LYS F 24 -16.08 -30.07 8.83
N GLU F 25 -15.91 -28.83 8.36
CA GLU F 25 -15.09 -28.56 7.16
C GLU F 25 -13.62 -28.89 7.37
N GLN F 26 -13.07 -28.53 8.51
CA GLN F 26 -11.68 -28.84 8.80
C GLN F 26 -11.46 -30.35 8.81
N SER F 27 -12.34 -31.09 9.48
CA SER F 27 -12.15 -32.53 9.57
C SER F 27 -12.17 -33.14 8.18
N ALA F 28 -13.06 -32.60 7.34
CA ALA F 28 -13.18 -32.98 5.93
C ALA F 28 -11.88 -32.73 5.18
N GLN F 29 -11.37 -31.50 5.27
CA GLN F 29 -10.12 -31.12 4.61
C GLN F 29 -9.01 -32.07 5.07
N ALA F 30 -8.92 -32.26 6.38
CA ALA F 30 -7.86 -33.07 6.98
C ALA F 30 -7.93 -34.53 6.52
N ALA F 31 -9.14 -35.09 6.51
CA ALA F 31 -9.38 -36.40 5.93
C ALA F 31 -8.97 -36.52 4.46
N GLN F 32 -9.19 -35.49 3.65
CA GLN F 32 -8.83 -35.59 2.23
C GLN F 32 -7.32 -35.67 2.04
N TRP F 33 -6.58 -34.77 2.69
CA TRP F 33 -5.11 -34.82 2.65
C TRP F 33 -4.57 -36.17 3.14
N GLU F 34 -5.15 -36.70 4.21
CA GLU F 34 -4.75 -38.02 4.72
C GLU F 34 -4.92 -39.10 3.63
N SER F 35 -6.01 -39.00 2.86
CA SER F 35 -6.25 -39.92 1.73
C SER F 35 -5.17 -39.79 0.63
N VAL F 36 -4.81 -38.56 0.28
CA VAL F 36 -3.74 -38.34 -0.72
C VAL F 36 -2.42 -38.88 -0.16
N LEU F 37 -2.13 -38.61 1.10
CA LEU F 37 -0.93 -39.13 1.73
C LEU F 37 -0.96 -40.67 1.68
N LYS F 38 -2.07 -41.26 2.10
CA LYS F 38 -2.18 -42.73 2.16
C LYS F 38 -2.00 -43.39 0.79
N SER F 39 -2.55 -42.80 -0.26
CA SER F 39 -2.48 -43.35 -1.60
C SER F 39 -1.18 -42.96 -2.33
N GLY F 40 -0.29 -42.24 -1.66
CA GLY F 40 0.98 -41.83 -2.25
C GLY F 40 0.83 -40.81 -3.37
N GLN F 41 -0.12 -39.89 -3.19
CA GLN F 41 -0.63 -39.06 -4.31
C GLN F 41 -0.31 -37.56 -4.19
N ILE F 42 0.65 -37.22 -3.34
CA ILE F 42 1.00 -35.84 -3.12
C ILE F 42 1.52 -35.13 -4.35
N GLN F 43 2.33 -35.83 -5.15
CA GLN F 43 2.93 -35.20 -6.32
C GLN F 43 1.84 -34.66 -7.25
N PRO F 44 0.88 -35.52 -7.69
CA PRO F 44 -0.21 -34.99 -8.52
C PRO F 44 -1.13 -33.93 -7.87
N HIS F 45 -1.05 -33.75 -6.55
CA HIS F 45 -1.84 -32.74 -5.83
C HIS F 45 -0.98 -31.52 -5.46
N LEU F 46 0.24 -31.40 -5.98
CA LEU F 46 1.03 -30.19 -5.68
C LEU F 46 0.34 -28.92 -6.16
N ASP F 47 -0.21 -28.94 -7.36
CA ASP F 47 -0.83 -27.72 -7.86
C ASP F 47 -2.00 -27.36 -6.95
N GLN F 48 -2.76 -28.34 -6.52
CA GLN F 48 -3.88 -28.07 -5.61
C GLN F 48 -3.41 -27.58 -4.22
N LEU F 49 -2.29 -28.09 -3.74
CA LEU F 49 -1.78 -27.68 -2.44
C LEU F 49 -1.41 -26.21 -2.53
N ASN F 50 -0.78 -25.87 -3.64
CA ASN F 50 -0.37 -24.49 -3.89
C ASN F 50 -1.57 -23.56 -3.88
N LEU F 51 -2.66 -23.95 -4.55
CA LEU F 51 -3.89 -23.16 -4.62
C LEU F 51 -4.51 -23.03 -3.22
N VAL F 52 -4.60 -24.13 -2.49
CA VAL F 52 -5.10 -24.11 -1.12
C VAL F 52 -4.34 -23.07 -0.29
N LEU F 53 -3.03 -23.14 -0.36
CA LEU F 53 -2.16 -22.23 0.40
C LEU F 53 -2.08 -20.80 -0.12
N ARG F 54 -2.49 -20.54 -1.35
CA ARG F 54 -2.70 -19.14 -1.78
C ARG F 54 -3.66 -18.42 -0.82
N ASP F 55 -4.73 -19.10 -0.46
CA ASP F 55 -5.83 -18.44 0.18
C ASP F 55 -5.96 -18.84 1.62
N ASN F 56 -5.21 -19.83 2.05
CA ASN F 56 -5.25 -20.32 3.41
C ASN F 56 -3.87 -20.31 4.00
N THR F 57 -3.75 -19.79 5.22
CA THR F 57 -2.45 -19.74 5.91
C THR F 57 -1.87 -21.12 6.16
N PHE F 58 -2.71 -22.03 6.64
CA PHE F 58 -2.32 -23.42 6.80
C PHE F 58 -3.28 -24.29 6.06
N ILE F 59 -2.91 -25.56 5.90
CA ILE F 59 -3.59 -26.41 4.93
C ILE F 59 -5.08 -26.71 5.23
N VAL F 60 -5.44 -26.85 6.50
CA VAL F 60 -6.80 -27.20 6.92
C VAL F 60 -7.51 -25.95 7.44
N SER F 61 -7.05 -24.76 7.07
CA SER F 61 -7.85 -23.54 7.38
C SER F 61 -8.01 -23.35 8.88
N THR F 62 -6.92 -23.53 9.61
CA THR F 62 -6.91 -23.35 11.02
C THR F 62 -6.11 -22.10 11.36
N LEU F 63 -6.13 -21.72 12.63
CA LEU F 63 -5.32 -20.61 13.14
C LEU F 63 -3.90 -21.05 13.50
N TYR F 64 -3.65 -22.33 13.38
CA TYR F 64 -2.39 -22.90 13.82
C TYR F 64 -2.01 -24.02 12.87
N PRO F 65 -0.71 -24.32 12.81
CA PRO F 65 -0.29 -25.46 12.02
C PRO F 65 -0.70 -26.76 12.73
N THR F 66 -1.15 -27.74 11.94
CA THR F 66 -1.72 -28.95 12.50
C THR F 66 -0.80 -30.10 12.15
N SER F 67 -1.07 -31.29 12.65
CA SER F 67 -0.32 -32.44 12.23
C SER F 67 -0.50 -32.75 10.74
N THR F 68 -1.63 -32.37 10.16
CA THR F 68 -1.83 -32.51 8.73
C THR F 68 -0.83 -31.69 7.92
N ASP F 69 -0.60 -30.44 8.34
CA ASP F 69 0.44 -29.61 7.75
C ASP F 69 1.77 -30.34 7.81
N VAL F 70 2.06 -30.92 8.96
CA VAL F 70 3.34 -31.60 9.17
C VAL F 70 3.49 -32.85 8.28
N HIS F 71 2.45 -33.69 8.23
CA HIS F 71 2.51 -34.88 7.39
C HIS F 71 2.69 -34.53 5.91
N VAL F 72 1.92 -33.57 5.42
CA VAL F 72 2.05 -33.15 4.02
C VAL F 72 3.44 -32.52 3.79
N PHE F 73 3.88 -31.71 4.73
CA PHE F 73 5.17 -31.05 4.61
C PHE F 73 6.30 -32.07 4.47
N GLU F 74 6.22 -33.12 5.25
CA GLU F 74 7.26 -34.09 5.31
C GLU F 74 7.42 -34.78 3.96
N VAL F 75 6.32 -34.84 3.20
CA VAL F 75 6.36 -35.43 1.87
C VAL F 75 6.63 -34.36 0.81
N ALA F 76 6.04 -33.19 0.96
CA ALA F 76 6.16 -32.13 -0.03
C ALA F 76 7.56 -31.53 -0.09
N LEU F 77 8.23 -31.40 1.06
CA LEU F 77 9.53 -30.73 1.11
C LEU F 77 10.54 -31.40 0.18
N PRO F 78 10.79 -32.70 0.37
CA PRO F 78 11.67 -33.36 -0.59
C PRO F 78 11.25 -33.31 -2.06
N LEU F 79 9.94 -33.28 -2.35
CA LEU F 79 9.51 -33.20 -3.74
C LEU F 79 9.90 -31.85 -4.29
N ILE F 80 9.68 -30.80 -3.51
CA ILE F 80 9.97 -29.44 -3.98
C ILE F 80 11.48 -29.24 -4.16
N LYS F 81 12.25 -29.75 -3.19
CA LYS F 81 13.69 -29.76 -3.31
C LYS F 81 14.10 -30.40 -4.64
N ASP F 82 13.62 -31.62 -4.89
CA ASP F 82 13.92 -32.27 -6.16
C ASP F 82 13.56 -31.38 -7.35
N LEU F 83 12.39 -30.74 -7.32
CA LEU F 83 11.94 -29.95 -8.46
C LEU F 83 12.89 -28.78 -8.72
N VAL F 84 13.30 -28.14 -7.64
CA VAL F 84 14.22 -27.01 -7.68
C VAL F 84 15.58 -27.46 -8.20
N ALA F 85 16.10 -28.57 -7.68
CA ALA F 85 17.39 -29.10 -8.09
C ALA F 85 17.40 -29.51 -9.55
N SER F 86 16.33 -30.17 -10.00
CA SER F 86 16.23 -30.65 -11.38
C SER F 86 15.69 -29.57 -12.33
N SER F 87 15.47 -28.37 -11.82
CA SER F 87 14.79 -27.34 -12.60
C SER F 87 15.51 -26.94 -13.87
N LYS F 88 14.76 -26.72 -14.94
CA LYS F 88 15.29 -26.15 -16.17
C LYS F 88 15.32 -24.60 -16.08
N ASP F 89 14.63 -24.02 -15.08
CA ASP F 89 14.64 -22.54 -14.86
C ASP F 89 14.18 -22.28 -13.44
N VAL F 90 15.09 -21.92 -12.54
CA VAL F 90 14.73 -21.90 -11.12
C VAL F 90 13.64 -20.85 -10.79
N LYS F 91 13.74 -19.67 -11.37
CA LYS F 91 12.73 -18.62 -11.16
C LYS F 91 11.33 -19.14 -11.53
N SER F 92 11.20 -19.88 -12.63
CA SER F 92 9.91 -20.45 -13.02
C SER F 92 9.36 -21.39 -11.98
N THR F 93 10.24 -22.18 -11.38
CA THR F 93 9.85 -23.15 -10.40
C THR F 93 9.33 -22.41 -9.18
N TYR F 94 10.07 -21.38 -8.74
CA TYR F 94 9.60 -20.57 -7.62
C TYR F 94 8.26 -19.93 -7.88
N THR F 95 8.06 -19.40 -9.07
CA THR F 95 6.81 -18.73 -9.37
C THR F 95 5.66 -19.73 -9.47
N THR F 96 5.98 -21.01 -9.75
CA THR F 96 4.95 -22.05 -9.94
C THR F 96 4.41 -22.56 -8.60
N TYR F 97 5.23 -22.47 -7.56
CA TYR F 97 4.90 -23.03 -6.23
C TYR F 97 5.08 -21.97 -5.12
N ARG F 98 4.69 -20.75 -5.43
CA ARG F 98 4.85 -19.62 -4.53
C ARG F 98 4.35 -19.88 -3.11
N HIS F 99 3.14 -20.37 -3.03
CA HIS F 99 2.34 -20.50 -1.79
C HIS F 99 2.85 -21.71 -1.00
N ILE F 100 3.11 -22.81 -1.69
CA ILE F 100 3.86 -23.93 -1.12
C ILE F 100 5.18 -23.44 -0.50
N LEU F 101 5.92 -22.60 -1.23
CA LEU F 101 7.18 -22.06 -0.74
C LEU F 101 7.07 -21.20 0.52
N ARG F 102 6.06 -20.35 0.58
CA ARG F 102 5.80 -19.53 1.79
C ARG F 102 5.57 -20.44 3.01
N TRP F 103 4.78 -21.49 2.77
CA TRP F 103 4.39 -22.46 3.79
C TRP F 103 5.57 -23.37 4.20
N ILE F 104 6.36 -23.81 3.21
CA ILE F 104 7.64 -24.52 3.49
C ILE F 104 8.57 -23.68 4.35
N ASP F 105 8.72 -22.41 4.00
CA ASP F 105 9.54 -21.49 4.81
C ASP F 105 9.06 -21.51 6.25
N TYR F 106 7.75 -21.37 6.44
CA TYR F 106 7.10 -21.44 7.74
C TYR F 106 7.42 -22.76 8.47
N MET F 107 7.11 -23.88 7.82
CA MET F 107 7.10 -25.15 8.47
C MET F 107 8.49 -25.60 8.77
N GLN F 108 9.45 -25.26 7.90
CA GLN F 108 10.80 -25.74 8.17
C GLN F 108 11.47 -24.97 9.28
N ASN F 109 11.03 -23.73 9.46
CA ASN F 109 11.47 -22.93 10.61
C ASN F 109 10.75 -23.34 11.88
N LEU F 110 9.45 -23.68 11.77
CA LEU F 110 8.68 -24.13 12.91
C LEU F 110 9.29 -25.40 13.51
N LEU F 111 9.55 -26.37 12.63
CA LEU F 111 10.08 -27.66 13.06
C LEU F 111 11.59 -27.70 13.20
N GLU F 112 12.22 -26.55 12.98
CA GLU F 112 13.68 -26.43 13.03
C GLU F 112 14.38 -27.55 12.28
N VAL F 113 14.04 -27.65 11.01
CA VAL F 113 14.65 -28.61 10.11
C VAL F 113 16.13 -28.25 9.95
N SER F 114 17.00 -29.26 9.84
CA SER F 114 18.42 -29.01 9.75
C SER F 114 18.72 -28.13 8.56
N SER F 115 19.75 -27.30 8.72
CA SER F 115 20.30 -26.51 7.60
C SER F 115 20.49 -27.36 6.36
N THR F 116 20.78 -28.64 6.55
CA THR F 116 21.10 -29.53 5.45
C THR F 116 19.88 -29.95 4.68
N ASP F 117 18.81 -30.22 5.42
CA ASP F 117 17.59 -30.77 4.85
C ASP F 117 16.67 -29.68 4.32
N LYS F 118 16.87 -28.46 4.79
CA LYS F 118 15.90 -27.43 4.52
C LYS F 118 16.06 -26.87 3.12
N LEU F 119 14.97 -26.33 2.57
CA LEU F 119 15.00 -25.63 1.31
C LEU F 119 15.46 -24.21 1.53
N GLU F 120 16.62 -23.87 0.96
CA GLU F 120 17.09 -22.49 1.00
C GLU F 120 16.46 -21.69 -0.14
N ILE F 121 15.83 -20.59 0.21
CA ILE F 121 14.82 -19.98 -0.65
C ILE F 121 15.30 -18.64 -1.19
N MET G 3 -6.95 13.01 -35.25
CA MET G 3 -7.72 11.97 -34.60
C MET G 3 -7.42 11.89 -33.10
N SER G 4 -6.62 10.90 -32.72
CA SER G 4 -5.39 11.16 -32.00
C SER G 4 -4.21 10.68 -32.83
N ASP G 5 -3.01 11.10 -32.44
CA ASP G 5 -1.82 10.64 -33.11
C ASP G 5 -1.53 9.14 -32.98
N LEU G 6 -2.02 8.51 -31.92
CA LEU G 6 -1.88 7.04 -31.80
C LEU G 6 -2.93 6.32 -32.62
N VAL G 7 -4.13 6.91 -32.69
CA VAL G 7 -5.21 6.34 -33.50
C VAL G 7 -4.89 6.46 -34.99
N THR G 8 -4.37 7.61 -35.42
CA THR G 8 -3.92 7.82 -36.78
C THR G 8 -2.83 6.82 -37.17
N LYS G 9 -1.89 6.60 -36.25
CA LYS G 9 -0.85 5.56 -36.43
C LYS G 9 -1.47 4.20 -36.67
N PHE G 10 -2.36 3.81 -35.77
CA PHE G 10 -3.01 2.49 -35.84
C PHE G 10 -3.76 2.33 -37.13
N GLU G 11 -4.52 3.34 -37.52
CA GLU G 11 -5.33 3.23 -38.75
C GLU G 11 -4.50 3.28 -40.05
N SER G 12 -3.25 3.72 -39.98
CA SER G 12 -2.31 3.63 -41.13
C SER G 12 -1.88 2.21 -41.45
N LEU G 13 -1.99 1.31 -40.48
CA LEU G 13 -1.51 -0.09 -40.61
C LEU G 13 -2.59 -0.98 -41.18
N ILE G 14 -2.26 -1.98 -42.01
CA ILE G 14 -3.30 -2.93 -42.45
C ILE G 14 -3.86 -3.79 -41.36
N ILE G 15 -3.11 -3.99 -40.29
CA ILE G 15 -3.60 -4.77 -39.18
C ILE G 15 -4.90 -4.15 -38.65
N SER G 16 -5.12 -2.84 -38.88
CA SER G 16 -6.32 -2.15 -38.39
C SER G 16 -7.57 -2.48 -39.19
N LYS G 17 -7.35 -3.04 -40.38
CA LYS G 17 -8.40 -3.41 -41.33
C LYS G 17 -8.54 -4.92 -41.43
N TYR G 18 -7.87 -5.66 -40.54
CA TYR G 18 -8.16 -7.08 -40.37
C TYR G 18 -9.49 -7.18 -39.60
N PRO G 19 -10.18 -8.30 -39.82
CA PRO G 19 -11.59 -8.26 -40.18
C PRO G 19 -12.62 -8.22 -39.08
N VAL G 20 -13.86 -7.91 -39.49
CA VAL G 20 -14.98 -7.65 -38.58
C VAL G 20 -15.35 -8.88 -37.73
N SER G 21 -16.65 -9.17 -37.70
CA SER G 21 -17.21 -10.36 -37.07
C SER G 21 -16.88 -10.56 -35.60
N PHE G 22 -17.16 -9.56 -34.77
CA PHE G 22 -17.12 -9.81 -33.32
C PHE G 22 -18.17 -10.89 -32.91
N THR G 23 -17.80 -11.76 -31.98
CA THR G 23 -18.75 -12.66 -31.36
C THR G 23 -19.58 -11.82 -30.36
N LYS G 24 -20.56 -12.45 -29.75
CA LYS G 24 -21.44 -11.74 -28.85
C LYS G 24 -20.66 -11.22 -27.67
N GLU G 25 -19.74 -12.05 -27.18
CA GLU G 25 -18.96 -11.68 -26.03
C GLU G 25 -18.03 -10.55 -26.38
N GLN G 26 -17.40 -10.63 -27.56
CA GLN G 26 -16.48 -9.59 -28.03
C GLN G 26 -17.21 -8.25 -28.17
N SER G 27 -18.43 -8.28 -28.71
CA SER G 27 -19.26 -7.10 -28.88
C SER G 27 -19.53 -6.44 -27.52
N ALA G 28 -19.77 -7.29 -26.52
CA ALA G 28 -20.15 -6.83 -25.20
C ALA G 28 -18.93 -6.21 -24.52
N GLN G 29 -17.78 -6.90 -24.57
CA GLN G 29 -16.48 -6.35 -24.16
C GLN G 29 -16.15 -4.99 -24.80
N ALA G 30 -16.28 -4.87 -26.12
CA ALA G 30 -15.98 -3.58 -26.75
C ALA G 30 -16.91 -2.46 -26.25
N ALA G 31 -18.20 -2.78 -26.11
CA ALA G 31 -19.17 -1.79 -25.63
C ALA G 31 -18.83 -1.39 -24.20
N GLN G 32 -18.42 -2.34 -23.36
CA GLN G 32 -18.05 -2.03 -21.94
C GLN G 32 -16.90 -1.05 -21.85
N TRP G 33 -15.82 -1.30 -22.58
CA TRP G 33 -14.67 -0.37 -22.57
C TRP G 33 -14.99 0.98 -23.19
N GLU G 34 -15.79 0.97 -24.26
CA GLU G 34 -16.31 2.20 -24.79
C GLU G 34 -17.04 3.04 -23.74
N SER G 35 -17.94 2.44 -22.94
CA SER G 35 -18.64 3.26 -21.97
C SER G 35 -17.72 3.72 -20.81
N VAL G 36 -16.68 2.94 -20.47
CA VAL G 36 -15.63 3.32 -19.50
C VAL G 36 -14.83 4.52 -20.01
N LEU G 37 -14.49 4.52 -21.28
CA LEU G 37 -13.79 5.62 -21.88
C LEU G 37 -14.64 6.87 -21.94
N LYS G 38 -15.90 6.72 -22.34
CA LYS G 38 -16.79 7.86 -22.54
C LYS G 38 -17.10 8.56 -21.21
N SER G 39 -17.19 7.79 -20.14
CA SER G 39 -17.39 8.34 -18.79
C SER G 39 -16.08 8.79 -18.13
N GLY G 40 -14.96 8.56 -18.79
CA GLY G 40 -13.65 8.92 -18.26
C GLY G 40 -13.21 8.19 -17.00
N GLN G 41 -13.59 6.90 -16.87
CA GLN G 41 -13.31 6.13 -15.65
C GLN G 41 -12.26 5.04 -15.84
N ILE G 42 -11.29 5.23 -16.70
CA ILE G 42 -10.33 4.16 -16.86
C ILE G 42 -9.60 3.91 -15.56
N GLN G 43 -9.31 4.96 -14.79
CA GLN G 43 -8.46 4.77 -13.61
C GLN G 43 -9.03 3.79 -12.59
N PRO G 44 -10.31 3.93 -12.20
CA PRO G 44 -10.95 2.92 -11.39
C PRO G 44 -11.09 1.53 -12.00
N HIS G 45 -10.89 1.40 -13.30
CA HIS G 45 -11.07 0.10 -13.95
C HIS G 45 -9.73 -0.52 -14.31
N LEU G 46 -8.63 -0.01 -13.77
CA LEU G 46 -7.30 -0.58 -14.10
C LEU G 46 -7.09 -1.99 -13.55
N ASP G 47 -7.57 -2.27 -12.32
CA ASP G 47 -7.54 -3.66 -11.82
C ASP G 47 -8.32 -4.61 -12.72
N GLN G 48 -9.49 -4.18 -13.17
CA GLN G 48 -10.27 -5.02 -14.13
C GLN G 48 -9.51 -5.21 -15.45
N LEU G 49 -8.93 -4.14 -15.97
CA LEU G 49 -8.13 -4.23 -17.20
C LEU G 49 -7.02 -5.23 -17.06
N ASN G 50 -6.31 -5.17 -15.95
CA ASN G 50 -5.27 -6.15 -15.66
C ASN G 50 -5.80 -7.58 -15.62
N LEU G 51 -6.98 -7.79 -15.06
CA LEU G 51 -7.53 -9.15 -15.00
C LEU G 51 -7.96 -9.62 -16.39
N VAL G 52 -8.52 -8.70 -17.19
CA VAL G 52 -8.90 -9.04 -18.55
C VAL G 52 -7.63 -9.50 -19.29
N LEU G 53 -6.62 -8.68 -19.17
CA LEU G 53 -5.39 -8.93 -19.93
C LEU G 53 -4.64 -10.16 -19.39
N ARG G 54 -4.94 -10.61 -18.17
CA ARG G 54 -4.33 -11.89 -17.73
C ARG G 54 -4.67 -13.02 -18.65
N ASP G 55 -5.92 -13.06 -19.06
CA ASP G 55 -6.44 -14.25 -19.77
C ASP G 55 -6.64 -14.00 -21.27
N ASN G 56 -6.42 -12.76 -21.70
CA ASN G 56 -6.69 -12.36 -23.05
C ASN G 56 -5.51 -11.54 -23.60
N THR G 57 -5.03 -11.92 -24.78
CA THR G 57 -3.88 -11.26 -25.42
C THR G 57 -4.13 -9.77 -25.69
N PHE G 58 -5.28 -9.48 -26.29
CA PHE G 58 -5.78 -8.12 -26.54
C PHE G 58 -7.11 -7.91 -25.80
N ILE G 59 -7.51 -6.66 -25.59
CA ILE G 59 -8.62 -6.36 -24.71
C ILE G 59 -9.92 -7.06 -25.08
N VAL G 60 -10.17 -7.17 -26.38
CA VAL G 60 -11.43 -7.73 -26.90
C VAL G 60 -11.26 -9.18 -27.41
N SER G 61 -10.29 -9.93 -26.90
CA SER G 61 -10.09 -11.35 -27.22
C SER G 61 -10.01 -11.62 -28.71
N THR G 62 -9.32 -10.72 -29.41
CA THR G 62 -9.17 -10.72 -30.85
C THR G 62 -7.81 -11.24 -31.19
N LEU G 63 -7.64 -11.59 -32.46
CA LEU G 63 -6.34 -12.04 -32.94
C LEU G 63 -5.40 -10.86 -33.21
N TYR G 64 -5.98 -9.66 -33.30
CA TYR G 64 -5.19 -8.49 -33.65
C TYR G 64 -5.61 -7.37 -32.72
N PRO G 65 -4.70 -6.43 -32.40
CA PRO G 65 -5.13 -5.31 -31.59
C PRO G 65 -6.28 -4.58 -32.36
N THR G 66 -7.23 -3.99 -31.64
CA THR G 66 -8.39 -3.31 -32.27
C THR G 66 -8.41 -1.88 -31.76
N SER G 67 -9.35 -1.06 -32.23
CA SER G 67 -9.42 0.31 -31.75
C SER G 67 -9.59 0.37 -30.24
N THR G 68 -10.27 -0.61 -29.65
CA THR G 68 -10.47 -0.64 -28.20
C THR G 68 -9.12 -0.74 -27.52
N ASP G 69 -8.22 -1.59 -28.00
CA ASP G 69 -6.85 -1.62 -27.45
C ASP G 69 -6.18 -0.27 -27.53
N VAL G 70 -6.26 0.36 -28.70
CA VAL G 70 -5.60 1.63 -28.90
C VAL G 70 -6.22 2.73 -28.02
N HIS G 71 -7.54 2.82 -27.97
CA HIS G 71 -8.22 3.83 -27.16
C HIS G 71 -7.92 3.68 -25.66
N VAL G 72 -8.01 2.46 -25.15
CA VAL G 72 -7.71 2.20 -23.74
C VAL G 72 -6.21 2.49 -23.46
N PHE G 73 -5.33 2.11 -24.39
CA PHE G 73 -3.86 2.32 -24.25
C PHE G 73 -3.53 3.79 -24.16
N GLU G 74 -4.20 4.62 -24.96
CA GLU G 74 -3.91 6.04 -24.96
C GLU G 74 -4.13 6.64 -23.58
N VAL G 75 -5.13 6.15 -22.86
CA VAL G 75 -5.49 6.66 -21.55
C VAL G 75 -4.70 5.95 -20.47
N ALA G 76 -4.51 4.65 -20.62
CA ALA G 76 -3.82 3.84 -19.62
C ALA G 76 -2.28 4.02 -19.54
N LEU G 77 -1.63 4.24 -20.67
CA LEU G 77 -0.18 4.40 -20.64
C LEU G 77 0.28 5.48 -19.66
N PRO G 78 -0.28 6.72 -19.77
CA PRO G 78 0.14 7.74 -18.82
C PRO G 78 -0.22 7.44 -17.36
N LEU G 79 -1.33 6.78 -17.14
CA LEU G 79 -1.73 6.46 -15.78
C LEU G 79 -0.77 5.45 -15.18
N ILE G 80 -0.35 4.46 -15.97
CA ILE G 80 0.58 3.44 -15.46
C ILE G 80 1.96 4.01 -15.31
N LYS G 81 2.39 4.86 -16.24
CA LYS G 81 3.65 5.52 -16.09
C LYS G 81 3.71 6.29 -14.77
N ASP G 82 2.61 6.96 -14.41
CA ASP G 82 2.61 7.74 -13.16
C ASP G 82 2.60 6.85 -11.93
N LEU G 83 1.91 5.72 -12.00
CA LEU G 83 1.94 4.76 -10.90
C LEU G 83 3.33 4.25 -10.69
N VAL G 84 4.01 3.93 -11.78
CA VAL G 84 5.37 3.43 -11.67
C VAL G 84 6.29 4.51 -11.15
N ALA G 85 6.16 5.72 -11.68
CA ALA G 85 7.00 6.81 -11.26
C ALA G 85 6.80 7.21 -9.81
N SER G 86 5.56 7.12 -9.31
CA SER G 86 5.26 7.57 -7.96
C SER G 86 5.39 6.47 -6.95
N SER G 87 5.65 5.26 -7.41
CA SER G 87 5.65 4.06 -6.57
C SER G 87 6.75 4.12 -5.51
N LYS G 88 6.36 3.87 -4.27
CA LYS G 88 7.29 3.65 -3.16
C LYS G 88 8.02 2.30 -3.26
N ASP G 89 7.50 1.39 -4.08
CA ASP G 89 8.08 0.05 -4.23
C ASP G 89 7.71 -0.47 -5.60
N VAL G 90 8.59 -0.21 -6.55
CA VAL G 90 8.29 -0.49 -7.93
C VAL G 90 8.05 -2.00 -8.22
N LYS G 91 8.76 -2.90 -7.53
CA LYS G 91 8.48 -4.31 -7.76
C LYS G 91 7.04 -4.65 -7.40
N SER G 92 6.54 -4.11 -6.31
CA SER G 92 5.13 -4.38 -5.99
C SER G 92 4.20 -3.79 -7.05
N THR G 93 4.53 -2.62 -7.59
CA THR G 93 3.76 -2.07 -8.71
C THR G 93 3.77 -2.98 -9.93
N TYR G 94 4.95 -3.43 -10.33
CA TYR G 94 5.06 -4.35 -11.45
C TYR G 94 4.24 -5.63 -11.29
N THR G 95 4.24 -6.17 -10.08
CA THR G 95 3.53 -7.41 -9.72
C THR G 95 2.04 -7.22 -9.77
N THR G 96 1.61 -6.00 -9.45
CA THR G 96 0.21 -5.64 -9.36
C THR G 96 -0.42 -5.40 -10.71
N TYR G 97 0.41 -5.02 -11.72
CA TYR G 97 -0.06 -4.75 -13.07
C TYR G 97 0.67 -5.53 -14.14
N ARG G 98 0.97 -6.81 -13.89
CA ARG G 98 1.83 -7.58 -14.77
C ARG G 98 1.23 -7.65 -16.16
N HIS G 99 -0.06 -7.86 -16.26
CA HIS G 99 -0.72 -8.15 -17.54
C HIS G 99 -0.94 -6.85 -18.36
N ILE G 100 -1.28 -5.76 -17.70
CA ILE G 100 -1.28 -4.45 -18.33
C ILE G 100 0.12 -4.15 -18.86
N LEU G 101 1.18 -4.50 -18.11
CA LEU G 101 2.53 -4.21 -18.57
C LEU G 101 2.94 -5.01 -19.83
N ARG G 102 2.59 -6.31 -19.88
CA ARG G 102 2.77 -7.09 -21.09
C ARG G 102 2.14 -6.39 -22.28
N TRP G 103 0.91 -5.97 -22.11
CA TRP G 103 0.12 -5.40 -23.22
C TRP G 103 0.61 -3.99 -23.58
N ILE G 104 0.99 -3.20 -22.59
CA ILE G 104 1.70 -1.93 -22.87
C ILE G 104 2.96 -2.10 -23.69
N ASP G 105 3.80 -3.06 -23.33
CA ASP G 105 5.00 -3.35 -24.05
C ASP G 105 4.67 -3.63 -25.53
N TYR G 106 3.61 -4.43 -25.77
CA TYR G 106 3.20 -4.76 -27.13
C TYR G 106 2.69 -3.48 -27.85
N MET G 107 1.79 -2.77 -27.19
CA MET G 107 1.11 -1.66 -27.84
C MET G 107 2.10 -0.54 -28.13
N GLN G 108 3.06 -0.32 -27.23
CA GLN G 108 3.99 0.77 -27.47
C GLN G 108 4.97 0.45 -28.58
N ASN G 109 5.27 -0.83 -28.77
CA ASN G 109 6.07 -1.24 -29.93
C ASN G 109 5.26 -1.19 -31.22
N LEU G 110 4.02 -1.68 -31.17
CA LEU G 110 3.18 -1.64 -32.35
C LEU G 110 3.05 -0.19 -32.85
N LEU G 111 2.71 0.73 -31.96
CA LEU G 111 2.37 2.10 -32.33
C LEU G 111 3.56 3.05 -32.39
N GLU G 112 4.77 2.51 -32.22
CA GLU G 112 5.99 3.28 -32.39
C GLU G 112 5.95 4.52 -31.49
N VAL G 113 5.57 4.30 -30.23
CA VAL G 113 5.58 5.36 -29.21
C VAL G 113 7.03 5.79 -29.04
N SER G 114 7.25 7.10 -28.89
CA SER G 114 8.59 7.62 -28.78
C SER G 114 9.27 7.00 -27.57
N SER G 115 10.57 6.74 -27.69
CA SER G 115 11.32 6.16 -26.60
C SER G 115 11.17 7.02 -25.37
N THR G 116 10.90 8.31 -25.57
CA THR G 116 10.63 9.23 -24.47
C THR G 116 9.26 9.04 -23.84
N ASP G 117 8.24 8.77 -24.64
CA ASP G 117 6.89 8.47 -24.14
C ASP G 117 6.68 7.03 -23.71
N LYS G 118 7.61 6.16 -24.06
CA LYS G 118 7.52 4.75 -23.67
C LYS G 118 7.59 4.58 -22.14
N LEU G 119 6.95 3.53 -21.67
CA LEU G 119 7.14 3.06 -20.32
C LEU G 119 8.35 2.16 -20.40
N GLU G 120 9.35 2.42 -19.55
CA GLU G 120 10.48 1.52 -19.43
C GLU G 120 10.00 0.19 -18.90
N ILE G 121 9.99 -0.82 -19.78
CA ILE G 121 9.66 -2.15 -19.34
C ILE G 121 10.96 -2.83 -18.92
N ASN G 122 11.04 -3.17 -17.63
CA ASN G 122 12.14 -3.99 -17.11
C ASN G 122 11.55 -5.12 -16.28
N SER H 4 -6.26 -0.52 19.54
CA SER H 4 -7.02 -0.22 20.79
C SER H 4 -7.67 -1.50 21.35
N ASP H 5 -8.90 -1.79 20.95
CA ASP H 5 -9.56 -3.04 21.38
C ASP H 5 -8.92 -4.28 20.71
N LEU H 6 -8.47 -4.15 19.47
CA LEU H 6 -7.75 -5.26 18.82
C LEU H 6 -6.36 -5.51 19.43
N VAL H 7 -5.68 -4.45 19.88
CA VAL H 7 -4.40 -4.63 20.57
C VAL H 7 -4.65 -5.30 21.92
N THR H 8 -5.66 -4.83 22.63
CA THR H 8 -6.03 -5.42 23.92
C THR H 8 -6.28 -6.91 23.75
N LYS H 9 -7.03 -7.26 22.71
CA LYS H 9 -7.37 -8.65 22.45
C LYS H 9 -6.10 -9.43 22.15
N PHE H 10 -5.25 -8.88 21.28
CA PHE H 10 -3.98 -9.54 21.01
C PHE H 10 -3.17 -9.73 22.29
N GLU H 11 -3.03 -8.66 23.08
CA GLU H 11 -2.18 -8.69 24.25
C GLU H 11 -2.68 -9.76 25.24
N SER H 12 -3.99 -10.02 25.20
CA SER H 12 -4.60 -11.04 26.07
C SER H 12 -4.38 -12.46 25.58
N LEU H 13 -3.85 -12.63 24.37
CA LEU H 13 -3.52 -13.96 23.87
C LEU H 13 -2.09 -14.30 24.28
N ILE H 14 -1.86 -15.52 24.77
CA ILE H 14 -0.54 -15.96 25.22
C ILE H 14 0.49 -15.89 24.09
N ILE H 15 -0.01 -15.99 22.88
CA ILE H 15 0.79 -15.92 21.67
C ILE H 15 1.54 -14.58 21.54
N SER H 16 0.94 -13.50 22.04
CA SER H 16 1.65 -12.22 22.15
C SER H 16 2.86 -12.27 23.10
N LYS H 17 2.97 -13.34 23.90
CA LYS H 17 4.09 -13.48 24.83
C LYS H 17 5.23 -14.39 24.32
N TYR H 18 5.04 -15.05 23.17
CA TYR H 18 6.14 -15.73 22.49
C TYR H 18 7.20 -14.71 22.01
N PRO H 19 8.47 -15.10 22.01
CA PRO H 19 9.57 -14.13 21.98
C PRO H 19 10.00 -13.74 20.57
N VAL H 20 11.04 -14.37 20.04
CA VAL H 20 11.97 -13.65 19.17
C VAL H 20 13.41 -14.13 19.32
N SER H 21 14.23 -13.81 18.32
CA SER H 21 13.73 -13.38 17.03
C SER H 21 14.00 -11.90 16.79
N PHE H 22 14.69 -11.63 15.70
CA PHE H 22 14.67 -10.35 15.02
C PHE H 22 16.07 -9.95 14.54
N ALA H 31 8.84 -2.42 11.48
CA ALA H 31 9.91 -1.40 11.58
C ALA H 31 9.61 -0.24 10.63
N GLN H 32 9.66 -0.52 9.33
CA GLN H 32 9.11 0.39 8.33
C GLN H 32 7.58 0.46 8.49
N TRP H 33 6.92 -0.67 8.77
CA TRP H 33 5.46 -0.68 8.88
C TRP H 33 4.95 0.29 9.96
N GLU H 34 5.75 0.45 11.01
CA GLU H 34 5.49 1.49 12.03
C GLU H 34 5.51 2.90 11.43
N SER H 35 6.44 3.16 10.51
CA SER H 35 6.49 4.48 9.86
C SER H 35 5.27 4.75 8.97
N VAL H 36 4.89 3.76 8.17
CA VAL H 36 3.70 3.86 7.31
C VAL H 36 2.44 4.07 8.13
N LEU H 37 2.35 3.37 9.26
CA LEU H 37 1.32 3.58 10.27
C LEU H 37 1.36 4.99 10.82
N LYS H 38 2.53 5.41 11.26
CA LYS H 38 2.73 6.77 11.77
C LYS H 38 2.42 7.87 10.76
N SER H 39 2.56 7.57 9.47
CA SER H 39 2.39 8.59 8.41
C SER H 39 1.01 8.65 7.76
N GLY H 40 0.17 7.67 8.05
CA GLY H 40 -1.14 7.57 7.40
C GLY H 40 -1.12 7.03 5.98
N GLN H 41 -0.06 6.31 5.59
CA GLN H 41 0.14 5.93 4.18
C GLN H 41 -0.04 4.45 3.89
N ILE H 42 -0.98 3.87 4.62
CA ILE H 42 -1.28 2.48 4.42
C ILE H 42 -1.92 2.20 3.03
N GLN H 43 -2.76 3.09 2.52
CA GLN H 43 -3.38 2.85 1.19
C GLN H 43 -2.36 2.77 0.04
N PRO H 44 -1.49 3.79 -0.10
CA PRO H 44 -0.40 3.69 -1.08
C PRO H 44 0.60 2.55 -0.88
N HIS H 45 0.64 1.95 0.31
CA HIS H 45 1.53 0.83 0.61
C HIS H 45 0.83 -0.55 0.49
N LEU H 46 -0.44 -0.55 0.08
CA LEU H 46 -1.17 -1.81 0.00
C LEU H 46 -0.57 -2.79 -0.96
N ASP H 47 -0.06 -2.34 -2.10
CA ASP H 47 0.58 -3.26 -3.06
C ASP H 47 1.81 -3.93 -2.45
N GLN H 48 2.60 -3.15 -1.73
CA GLN H 48 3.80 -3.66 -1.05
C GLN H 48 3.44 -4.68 0.05
N LEU H 49 2.39 -4.38 0.81
CA LEU H 49 1.88 -5.31 1.82
C LEU H 49 1.47 -6.63 1.20
N ASN H 50 0.77 -6.55 0.07
CA ASN H 50 0.35 -7.73 -0.66
C ASN H 50 1.54 -8.57 -1.13
N LEU H 51 2.61 -7.94 -1.61
CA LEU H 51 3.82 -8.63 -2.08
C LEU H 51 4.55 -9.30 -0.91
N VAL H 52 4.60 -8.58 0.20
CA VAL H 52 5.21 -9.10 1.42
C VAL H 52 4.50 -10.32 1.87
N LEU H 53 3.16 -10.26 1.87
CA LEU H 53 2.36 -11.37 2.38
C LEU H 53 2.31 -12.54 1.40
N ARG H 54 2.68 -12.33 0.14
CA ARG H 54 2.79 -13.43 -0.83
C ARG H 54 3.81 -14.46 -0.35
N ASP H 55 4.91 -14.00 0.20
CA ASP H 55 6.07 -14.85 0.47
C ASP H 55 6.28 -15.08 1.96
N ASN H 56 5.52 -14.39 2.78
CA ASN H 56 5.63 -14.47 4.24
C ASN H 56 4.29 -14.61 4.91
N THR H 57 4.20 -15.59 5.82
CA THR H 57 2.94 -15.93 6.46
C THR H 57 2.42 -14.77 7.27
N PHE H 58 3.31 -14.15 8.02
CA PHE H 58 3.02 -12.95 8.81
C PHE H 58 3.96 -11.84 8.32
N ILE H 59 3.58 -10.60 8.60
CA ILE H 59 4.29 -9.45 8.04
C ILE H 59 5.81 -9.51 8.23
N VAL H 60 6.26 -9.89 9.41
CA VAL H 60 7.69 -9.84 9.73
C VAL H 60 8.34 -11.24 9.71
N SER H 61 7.74 -12.17 8.97
CA SER H 61 8.38 -13.45 8.67
C SER H 61 8.59 -14.28 9.91
N THR H 62 7.63 -14.16 10.82
CA THR H 62 7.62 -14.86 12.10
C THR H 62 6.73 -16.10 12.05
N LEU H 63 6.86 -16.95 13.07
CA LEU H 63 5.99 -18.15 13.22
C LEU H 63 4.56 -17.82 13.74
N TYR H 64 4.45 -16.70 14.46
CA TYR H 64 3.21 -16.31 15.13
C TYR H 64 3.02 -14.85 14.83
N PRO H 65 1.77 -14.38 14.85
CA PRO H 65 1.55 -12.97 14.56
C PRO H 65 2.17 -12.09 15.61
N THR H 66 2.58 -10.89 15.21
CA THR H 66 3.17 -9.92 16.12
C THR H 66 2.33 -8.67 16.15
N SER H 67 2.70 -7.76 17.05
CA SER H 67 2.10 -6.42 17.18
C SER H 67 2.04 -5.70 15.83
N THR H 68 3.08 -5.88 15.00
CA THR H 68 3.08 -5.36 13.62
C THR H 68 1.93 -5.89 12.80
N ASP H 69 1.59 -7.17 12.97
CA ASP H 69 0.46 -7.70 12.24
C ASP H 69 -0.81 -7.05 12.73
N VAL H 70 -0.96 -6.96 14.04
CA VAL H 70 -2.19 -6.39 14.59
C VAL H 70 -2.39 -4.93 14.19
N HIS H 71 -1.33 -4.15 14.28
CA HIS H 71 -1.40 -2.71 14.00
C HIS H 71 -1.70 -2.41 12.52
N VAL H 72 -1.06 -3.16 11.63
CA VAL H 72 -1.34 -2.96 10.20
C VAL H 72 -2.76 -3.43 9.85
N PHE H 73 -3.17 -4.54 10.45
CA PHE H 73 -4.52 -5.13 10.26
C PHE H 73 -5.65 -4.21 10.67
N GLU H 74 -5.44 -3.52 11.78
CA GLU H 74 -6.41 -2.59 12.31
C GLU H 74 -6.75 -1.48 11.31
N VAL H 75 -5.78 -1.12 10.48
CA VAL H 75 -5.95 -0.11 9.46
C VAL H 75 -6.33 -0.71 8.10
N ALA H 76 -5.75 -1.87 7.74
CA ALA H 76 -6.04 -2.57 6.48
C ALA H 76 -7.46 -3.15 6.36
N LEU H 77 -7.95 -3.80 7.43
CA LEU H 77 -9.28 -4.42 7.35
C LEU H 77 -10.34 -3.43 6.84
N PRO H 78 -10.51 -2.26 7.51
CA PRO H 78 -11.55 -1.34 7.00
C PRO H 78 -11.24 -0.73 5.62
N LEU H 79 -9.97 -0.59 5.30
CA LEU H 79 -9.57 -0.04 4.00
C LEU H 79 -9.97 -1.02 2.87
N ILE H 80 -9.65 -2.29 3.06
CA ILE H 80 -10.00 -3.32 2.10
C ILE H 80 -11.50 -3.47 2.05
N LYS H 81 -12.21 -3.33 3.18
CA LYS H 81 -13.67 -3.40 3.11
C LYS H 81 -14.26 -2.29 2.22
N ASP H 82 -13.73 -1.07 2.32
CA ASP H 82 -14.33 0.06 1.57
C ASP H 82 -13.91 -0.03 0.12
N LEU H 83 -12.70 -0.51 -0.13
CA LEU H 83 -12.25 -0.77 -1.52
C LEU H 83 -13.11 -1.83 -2.22
N VAL H 84 -13.47 -2.91 -1.52
CA VAL H 84 -14.44 -3.85 -2.06
C VAL H 84 -15.84 -3.25 -2.32
N ALA H 85 -16.35 -2.45 -1.37
CA ALA H 85 -17.69 -1.87 -1.51
C ALA H 85 -17.80 -0.91 -2.69
N SER H 86 -16.69 -0.26 -3.01
CA SER H 86 -16.71 0.79 -4.02
C SER H 86 -16.10 0.29 -5.32
N SER H 87 -15.90 -1.02 -5.41
CA SER H 87 -15.15 -1.62 -6.50
C SER H 87 -15.98 -1.70 -7.76
N LYS H 88 -15.35 -1.42 -8.89
CA LYS H 88 -15.95 -1.59 -10.20
C LYS H 88 -16.11 -3.04 -10.60
N ASP H 89 -15.36 -3.96 -10.00
CA ASP H 89 -15.48 -5.36 -10.34
C ASP H 89 -14.85 -6.09 -9.19
N VAL H 90 -15.65 -6.76 -8.39
CA VAL H 90 -15.17 -7.33 -7.12
C VAL H 90 -14.09 -8.36 -7.33
N LYS H 91 -14.26 -9.23 -8.31
CA LYS H 91 -13.24 -10.26 -8.54
C LYS H 91 -11.85 -9.66 -8.82
N SER H 92 -11.80 -8.62 -9.65
CA SER H 92 -10.53 -7.93 -9.90
C SER H 92 -9.90 -7.41 -8.61
N THR H 93 -10.72 -6.92 -7.68
CA THR H 93 -10.23 -6.40 -6.41
C THR H 93 -9.66 -7.57 -5.57
N TYR H 94 -10.43 -8.65 -5.43
CA TYR H 94 -9.92 -9.82 -4.72
C TYR H 94 -8.60 -10.30 -5.29
N THR H 95 -8.52 -10.43 -6.61
CA THR H 95 -7.30 -10.91 -7.27
C THR H 95 -6.13 -9.98 -7.07
N THR H 96 -6.41 -8.70 -6.94
CA THR H 96 -5.35 -7.72 -6.79
C THR H 96 -4.77 -7.80 -5.36
N TYR H 97 -5.55 -8.29 -4.39
CA TYR H 97 -5.09 -8.24 -3.00
C TYR H 97 -5.19 -9.61 -2.34
N ARG H 98 -4.84 -10.65 -3.10
CA ARG H 98 -5.04 -12.00 -2.67
C ARG H 98 -4.34 -12.39 -1.36
N HIS H 99 -3.13 -11.96 -1.20
CA HIS H 99 -2.32 -12.29 -0.05
C HIS H 99 -2.73 -11.49 1.17
N ILE H 100 -3.09 -10.23 1.00
CA ILE H 100 -3.74 -9.49 2.07
C ILE H 100 -5.02 -10.16 2.53
N LEU H 101 -5.83 -10.64 1.59
CA LEU H 101 -7.04 -11.32 1.97
C LEU H 101 -6.83 -12.63 2.74
N ARG H 102 -5.83 -13.43 2.36
CA ARG H 102 -5.45 -14.62 3.14
C ARG H 102 -5.18 -14.25 4.61
N TRP H 103 -4.38 -13.21 4.75
CA TRP H 103 -3.92 -12.72 6.05
C TRP H 103 -5.02 -12.04 6.88
N ILE H 104 -5.93 -11.32 6.22
CA ILE H 104 -7.09 -10.74 6.89
C ILE H 104 -8.00 -11.85 7.41
N ASP H 105 -8.17 -12.89 6.62
CA ASP H 105 -9.03 -13.99 6.97
C ASP H 105 -8.50 -14.62 8.25
N TYR H 106 -7.17 -14.74 8.34
CA TYR H 106 -6.50 -15.24 9.53
C TYR H 106 -6.71 -14.29 10.69
N MET H 107 -6.34 -13.03 10.48
CA MET H 107 -6.26 -12.09 11.59
C MET H 107 -7.62 -11.80 12.15
N GLN H 108 -8.63 -11.69 11.29
CA GLN H 108 -9.94 -11.37 11.77
C GLN H 108 -10.54 -12.51 12.58
N ASN H 109 -10.17 -13.75 12.29
CA ASN H 109 -10.65 -14.89 13.10
C ASN H 109 -9.87 -15.05 14.42
N LEU H 110 -8.57 -14.78 14.38
CA LEU H 110 -7.71 -14.88 15.55
C LEU H 110 -8.09 -13.84 16.60
N LEU H 111 -8.30 -12.61 16.14
CA LEU H 111 -8.71 -11.53 17.01
C LEU H 111 -10.22 -11.45 17.19
N GLU H 112 -10.96 -12.42 16.67
CA GLU H 112 -12.40 -12.56 16.96
C GLU H 112 -13.15 -11.28 16.65
N VAL H 113 -12.88 -10.76 15.46
CA VAL H 113 -13.56 -9.56 14.98
C VAL H 113 -15.04 -9.85 14.83
N SER H 114 -15.87 -8.90 15.27
CA SER H 114 -17.30 -8.99 15.12
C SER H 114 -17.72 -9.53 13.75
N SER H 115 -18.71 -10.41 13.74
CA SER H 115 -19.21 -10.94 12.49
C SER H 115 -19.59 -9.86 11.48
N THR H 116 -20.27 -8.82 11.90
CA THR H 116 -20.65 -7.77 10.95
C THR H 116 -19.43 -6.94 10.48
N ASP H 117 -18.37 -6.89 11.29
CA ASP H 117 -17.16 -6.11 10.93
C ASP H 117 -16.13 -6.90 10.11
N LYS H 118 -16.29 -8.22 10.04
CA LYS H 118 -15.43 -9.07 9.23
C LYS H 118 -15.64 -8.79 7.76
N LEU H 119 -14.55 -8.92 7.01
CA LEU H 119 -14.62 -8.92 5.56
C LEU H 119 -15.11 -10.28 5.08
N GLU H 120 -16.14 -10.26 4.24
CA GLU H 120 -16.61 -11.45 3.56
C GLU H 120 -15.48 -11.94 2.68
N ILE H 121 -15.04 -13.17 2.92
CA ILE H 121 -14.06 -13.81 2.04
C ILE H 121 -14.89 -14.69 1.13
N ASN H 122 -15.23 -14.15 -0.05
CA ASN H 122 -16.28 -14.71 -0.89
C ASN H 122 -15.68 -15.48 -2.05
N MET I 3 28.06 13.81 -31.53
CA MET I 3 29.09 12.77 -31.81
C MET I 3 30.52 13.34 -31.89
N SER I 4 30.62 14.63 -32.21
CA SER I 4 31.82 15.20 -32.83
C SER I 4 33.09 14.78 -32.14
N ASP I 5 34.15 14.61 -32.93
CA ASP I 5 35.48 14.33 -32.41
C ASP I 5 36.02 15.54 -31.64
N LEU I 6 35.68 16.75 -32.07
CA LEU I 6 36.18 17.97 -31.44
C LEU I 6 35.48 18.28 -30.13
N VAL I 7 34.20 17.92 -30.05
CA VAL I 7 33.44 18.08 -28.82
C VAL I 7 33.85 17.02 -27.80
N THR I 8 34.08 15.80 -28.27
CA THR I 8 34.57 14.71 -27.42
C THR I 8 35.88 15.10 -26.75
N LYS I 9 36.84 15.56 -27.56
CA LYS I 9 38.12 16.05 -27.04
C LYS I 9 37.88 17.19 -26.06
N PHE I 10 37.03 18.14 -26.43
CA PHE I 10 36.75 19.30 -25.59
C PHE I 10 36.32 18.87 -24.20
N GLU I 11 35.37 17.96 -24.16
CA GLU I 11 34.82 17.53 -22.88
C GLU I 11 35.80 16.69 -22.03
N SER I 12 36.91 16.25 -22.62
CA SER I 12 37.94 15.52 -21.87
C SER I 12 39.11 16.44 -21.47
N LEU I 13 38.78 17.55 -20.81
CA LEU I 13 39.78 18.56 -20.40
C LEU I 13 39.20 19.35 -19.24
N ILE I 14 40.07 20.03 -18.50
CA ILE I 14 39.66 20.67 -17.25
C ILE I 14 39.03 22.03 -17.52
N TYR I 18 37.15 21.20 -14.23
CA TYR I 18 36.58 21.90 -13.08
C TYR I 18 36.00 23.27 -13.49
N PRO I 19 35.66 24.11 -12.52
CA PRO I 19 35.25 25.50 -12.74
C PRO I 19 36.45 26.47 -12.91
N VAL I 20 36.17 27.71 -13.31
CA VAL I 20 37.23 28.72 -13.53
C VAL I 20 37.99 29.13 -12.27
N SER I 21 37.23 29.40 -11.22
CA SER I 21 37.74 29.86 -9.94
C SER I 21 38.20 28.70 -9.08
N PHE I 22 38.18 27.48 -9.63
CA PHE I 22 38.49 26.26 -8.88
C PHE I 22 39.90 26.31 -8.33
N THR I 23 40.01 26.20 -7.02
CA THR I 23 41.29 26.42 -6.36
C THR I 23 42.07 25.13 -6.20
N LYS I 24 43.32 25.28 -5.79
CA LYS I 24 44.17 24.15 -5.44
C LYS I 24 43.55 23.36 -4.30
N GLU I 25 43.02 24.08 -3.32
CA GLU I 25 42.35 23.46 -2.16
C GLU I 25 41.12 22.62 -2.55
N GLN I 26 40.24 23.20 -3.38
CA GLN I 26 39.10 22.48 -3.93
C GLN I 26 39.54 21.26 -4.71
N SER I 27 40.54 21.41 -5.57
CA SER I 27 41.11 20.29 -6.32
C SER I 27 41.57 19.14 -5.41
N ALA I 28 42.31 19.48 -4.35
CA ALA I 28 42.81 18.46 -3.43
C ALA I 28 41.69 17.74 -2.73
N GLN I 29 40.62 18.47 -2.38
CA GLN I 29 39.47 17.86 -1.70
C GLN I 29 38.73 16.94 -2.65
N ALA I 30 38.55 17.36 -3.90
CA ALA I 30 37.93 16.52 -4.93
C ALA I 30 38.73 15.22 -5.15
N ALA I 31 40.05 15.34 -5.32
CA ALA I 31 40.93 14.17 -5.42
C ALA I 31 40.82 13.26 -4.17
N GLN I 32 40.74 13.84 -2.97
CA GLN I 32 40.54 13.05 -1.74
C GLN I 32 39.22 12.25 -1.71
N TRP I 33 38.09 12.91 -2.01
CA TRP I 33 36.82 12.21 -2.09
C TRP I 33 36.84 11.14 -3.16
N GLU I 34 37.46 11.46 -4.30
CA GLU I 34 37.59 10.48 -5.38
C GLU I 34 38.46 9.31 -4.94
N SER I 35 39.48 9.61 -4.13
CA SER I 35 40.31 8.61 -3.49
C SER I 35 39.50 7.72 -2.56
N VAL I 36 38.61 8.31 -1.75
CA VAL I 36 37.83 7.49 -0.81
C VAL I 36 36.84 6.59 -1.57
N LEU I 37 36.34 7.06 -2.69
CA LEU I 37 35.45 6.28 -3.57
C LEU I 37 36.18 5.08 -4.13
N LYS I 38 37.42 5.29 -4.57
CA LYS I 38 38.24 4.25 -5.19
C LYS I 38 38.58 3.12 -4.21
N SER I 39 38.72 3.45 -2.93
CA SER I 39 38.99 2.47 -1.88
C SER I 39 37.71 1.89 -1.28
N GLY I 40 36.55 2.37 -1.75
CA GLY I 40 35.26 1.92 -1.26
C GLY I 40 34.99 2.25 0.19
N GLN I 41 35.52 3.39 0.66
CA GLN I 41 35.51 3.75 2.08
C GLN I 41 34.57 4.91 2.36
N ILE I 42 33.44 4.95 1.67
CA ILE I 42 32.50 6.05 1.92
C ILE I 42 31.94 5.94 3.33
N GLN I 43 31.63 4.73 3.77
CA GLN I 43 30.96 4.54 5.05
C GLN I 43 31.72 5.17 6.21
N PRO I 44 33.02 4.83 6.39
CA PRO I 44 33.77 5.49 7.47
C PRO I 44 33.96 7.02 7.31
N HIS I 45 33.62 7.55 6.13
CA HIS I 45 33.69 8.98 5.81
C HIS I 45 32.38 9.77 5.88
N LEU I 46 31.29 9.08 6.24
CA LEU I 46 30.00 9.74 6.39
C LEU I 46 30.01 10.87 7.44
N ASP I 47 30.57 10.68 8.62
CA ASP I 47 30.54 11.79 9.58
C ASP I 47 31.26 13.01 8.97
N GLN I 48 32.34 12.74 8.23
CA GLN I 48 33.14 13.82 7.62
C GLN I 48 32.37 14.48 6.49
N LEU I 49 31.69 13.67 5.68
CA LEU I 49 30.79 14.23 4.67
C LEU I 49 29.73 15.13 5.30
N ASN I 50 29.10 14.64 6.37
CA ASN I 50 28.06 15.41 7.08
C ASN I 50 28.62 16.76 7.60
N LEU I 51 29.84 16.75 8.13
CA LEU I 51 30.47 17.95 8.60
C LEU I 51 30.79 18.91 7.43
N VAL I 52 31.31 18.34 6.34
CA VAL I 52 31.62 19.15 5.17
C VAL I 52 30.34 19.87 4.69
N LEU I 53 29.25 19.12 4.56
CA LEU I 53 27.96 19.66 4.10
C LEU I 53 27.23 20.59 5.07
N ARG I 54 27.62 20.59 6.35
CA ARG I 54 27.07 21.54 7.27
C ARG I 54 27.41 22.95 6.86
N ASP I 55 28.67 23.15 6.46
CA ASP I 55 29.17 24.49 6.16
C ASP I 55 29.28 24.83 4.66
N ASN I 56 29.05 23.85 3.82
CA ASN I 56 29.16 23.96 2.38
C ASN I 56 27.94 23.41 1.68
N THR I 57 27.36 24.19 0.78
CA THR I 57 26.18 23.80 -0.01
C THR I 57 26.45 22.52 -0.79
N PHE I 58 27.54 22.52 -1.56
CA PHE I 58 28.05 21.35 -2.25
C PHE I 58 29.42 20.88 -1.75
N ILE I 59 29.78 19.66 -2.09
CA ILE I 59 30.91 18.99 -1.44
C ILE I 59 32.24 19.73 -1.58
N VAL I 60 32.52 20.24 -2.78
CA VAL I 60 33.78 20.94 -3.02
C VAL I 60 33.63 22.47 -2.96
N SER I 61 32.61 22.99 -2.26
CA SER I 61 32.42 24.45 -2.05
C SER I 61 32.18 25.28 -3.31
N THR I 62 31.46 24.70 -4.26
CA THR I 62 31.18 25.31 -5.52
C THR I 62 29.75 25.88 -5.49
N LEU I 63 29.44 26.73 -6.46
CA LEU I 63 28.09 27.28 -6.59
C LEU I 63 27.12 26.35 -7.34
N TYR I 64 27.68 25.42 -8.10
CA TYR I 64 26.90 24.34 -8.74
C TYR I 64 27.48 23.01 -8.31
N PRO I 65 26.67 21.93 -8.31
CA PRO I 65 27.22 20.60 -8.00
C PRO I 65 28.26 20.22 -9.01
N THR I 66 29.25 19.45 -8.57
CA THR I 66 30.29 18.94 -9.45
C THR I 66 30.11 17.44 -9.66
N SER I 67 30.96 16.84 -10.48
CA SER I 67 30.97 15.39 -10.60
C SER I 67 31.35 14.74 -9.28
N THR I 68 32.13 15.41 -8.45
CA THR I 68 32.38 14.92 -7.10
C THR I 68 31.09 14.71 -6.31
N ASP I 69 30.20 15.72 -6.36
CA ASP I 69 28.89 15.63 -5.71
C ASP I 69 28.14 14.41 -6.24
N VAL I 70 28.09 14.28 -7.54
CA VAL I 70 27.39 13.17 -8.16
C VAL I 70 28.00 11.82 -7.77
N HIS I 71 29.32 11.72 -7.74
CA HIS I 71 29.97 10.42 -7.51
C HIS I 71 29.83 9.95 -6.07
N VAL I 72 29.98 10.90 -5.14
CA VAL I 72 29.73 10.61 -3.73
C VAL I 72 28.25 10.30 -3.50
N PHE I 73 27.37 11.09 -4.11
CA PHE I 73 25.92 10.87 -4.00
C PHE I 73 25.48 9.47 -4.43
N GLU I 74 26.10 8.92 -5.47
CA GLU I 74 25.68 7.64 -6.02
C GLU I 74 25.94 6.54 -4.99
N VAL I 75 26.99 6.70 -4.20
CA VAL I 75 27.26 5.71 -3.17
C VAL I 75 26.62 6.07 -1.84
N ALA I 76 26.59 7.36 -1.48
CA ALA I 76 26.03 7.76 -0.19
C ALA I 76 24.49 7.58 -0.08
N LEU I 77 23.76 7.81 -1.16
CA LEU I 77 22.30 7.61 -1.09
C LEU I 77 21.89 6.17 -0.65
N PRO I 78 22.35 5.11 -1.36
CA PRO I 78 21.95 3.78 -0.90
C PRO I 78 22.52 3.37 0.46
N LEU I 79 23.63 3.98 0.87
CA LEU I 79 24.21 3.76 2.19
C LEU I 79 23.29 4.34 3.25
N ILE I 80 22.94 5.62 3.07
CA ILE I 80 22.08 6.33 4.02
C ILE I 80 20.69 5.68 4.11
N LYS I 81 20.14 5.27 2.96
CA LYS I 81 18.86 4.55 2.93
C LYS I 81 18.87 3.26 3.75
N ASP I 82 19.95 2.47 3.63
CA ASP I 82 20.11 1.25 4.39
C ASP I 82 20.30 1.49 5.88
N LEU I 83 20.95 2.59 6.24
CA LEU I 83 21.13 2.97 7.65
C LEU I 83 19.80 3.36 8.24
N VAL I 84 19.08 4.23 7.54
CA VAL I 84 17.70 4.56 7.89
C VAL I 84 16.84 3.28 7.98
N ALA I 85 16.94 2.42 6.97
CA ALA I 85 16.17 1.16 6.93
C ALA I 85 16.38 0.27 8.14
N SER I 86 17.58 0.24 8.69
CA SER I 86 17.92 -0.72 9.75
C SER I 86 18.13 -0.08 11.12
N SER I 87 17.76 1.18 11.29
CA SER I 87 18.17 1.90 12.51
C SER I 87 17.38 1.49 13.76
N LYS I 88 18.04 1.63 14.91
CA LYS I 88 17.37 1.35 16.18
C LYS I 88 16.46 2.53 16.57
N ASP I 89 16.63 3.67 15.92
CA ASP I 89 15.73 4.78 16.11
C ASP I 89 15.87 5.78 14.95
N VAL I 90 14.84 5.91 14.12
CA VAL I 90 14.99 6.70 12.87
C VAL I 90 15.27 8.19 13.11
N LYS I 91 14.65 8.80 14.12
CA LYS I 91 14.91 10.22 14.39
C LYS I 91 16.37 10.48 14.78
N SER I 92 16.95 9.56 15.56
CA SER I 92 18.38 9.62 15.91
C SER I 92 19.28 9.58 14.67
N THR I 93 18.91 8.74 13.71
CA THR I 93 19.61 8.63 12.42
C THR I 93 19.53 9.90 11.58
N TYR I 94 18.34 10.47 11.45
CA TYR I 94 18.21 11.70 10.71
C TYR I 94 18.99 12.84 11.35
N THR I 95 18.88 12.97 12.67
CA THR I 95 19.60 13.96 13.43
C THR I 95 21.13 13.83 13.24
N THR I 96 21.60 12.62 12.99
CA THR I 96 23.05 12.34 12.89
C THR I 96 23.58 12.67 11.50
N TYR I 97 22.72 12.70 10.49
CA TYR I 97 23.15 12.96 9.13
C TYR I 97 22.36 14.11 8.49
N ARG I 98 22.01 15.13 9.29
CA ARG I 98 21.09 16.20 8.84
C ARG I 98 21.62 16.85 7.56
N HIS I 99 22.94 17.00 7.48
CA HIS I 99 23.51 17.83 6.39
C HIS I 99 23.64 17.01 5.13
N ILE I 100 24.03 15.74 5.25
CA ILE I 100 23.96 14.82 4.13
C ILE I 100 22.53 14.76 3.62
N LEU I 101 21.54 14.82 4.52
CA LEU I 101 20.17 14.64 4.11
C LEU I 101 19.68 15.84 3.31
N ARG I 102 20.08 17.04 3.71
CA ARG I 102 19.74 18.24 2.98
C ARG I 102 20.21 18.09 1.52
N TRP I 103 21.46 17.66 1.39
CA TRP I 103 22.18 17.55 0.12
C TRP I 103 21.64 16.41 -0.71
N ILE I 104 21.31 15.28 -0.07
CA ILE I 104 20.65 14.14 -0.75
C ILE I 104 19.30 14.59 -1.30
N ASP I 105 18.51 15.31 -0.50
CA ASP I 105 17.22 15.87 -0.97
C ASP I 105 17.47 16.73 -2.21
N TYR I 106 18.50 17.58 -2.15
CA TYR I 106 18.84 18.41 -3.32
C TYR I 106 19.20 17.51 -4.52
N MET I 107 20.19 16.65 -4.34
CA MET I 107 20.74 15.87 -5.45
C MET I 107 19.76 14.88 -6.04
N GLN I 108 18.97 14.25 -5.18
CA GLN I 108 18.04 13.27 -5.69
C GLN I 108 16.91 13.93 -6.49
N ASN I 109 16.58 15.19 -6.17
CA ASN I 109 15.68 15.98 -7.01
C ASN I 109 16.41 16.51 -8.25
N LEU I 110 17.62 17.06 -8.11
CA LEU I 110 18.36 17.56 -9.29
C LEU I 110 18.46 16.51 -10.40
N LEU I 111 18.81 15.29 -9.99
CA LEU I 111 19.10 14.18 -10.91
C LEU I 111 17.89 13.28 -11.19
N GLU I 112 16.70 13.71 -10.73
CA GLU I 112 15.46 13.01 -11.04
C GLU I 112 15.48 11.54 -10.65
N VAL I 113 16.05 11.25 -9.48
CA VAL I 113 16.10 9.89 -8.97
C VAL I 113 14.67 9.33 -8.80
N SER I 114 14.48 8.03 -9.07
CA SER I 114 13.15 7.39 -9.00
C SER I 114 12.60 7.28 -7.58
N SER I 115 11.27 7.35 -7.45
CA SER I 115 10.58 7.30 -6.15
C SER I 115 10.96 6.10 -5.27
N THR I 116 11.25 4.96 -5.89
CA THR I 116 11.68 3.78 -5.14
C THR I 116 13.12 3.95 -4.62
N ASP I 117 13.98 4.54 -5.44
CA ASP I 117 15.40 4.67 -5.09
C ASP I 117 15.66 5.87 -4.20
N LYS I 118 14.74 6.84 -4.19
CA LYS I 118 14.85 8.00 -3.32
C LYS I 118 14.88 7.67 -1.82
N LEU I 119 15.52 8.55 -1.07
CA LEU I 119 15.42 8.51 0.38
C LEU I 119 14.23 9.39 0.77
N GLU I 120 13.31 8.82 1.56
CA GLU I 120 12.17 9.57 2.05
C GLU I 120 12.60 10.81 2.82
N ILE I 121 12.13 11.95 2.29
CA ILE I 121 12.06 13.23 2.97
C ILE I 121 13.45 13.70 3.30
N HIS J 2 18.63 -5.65 39.52
CA HIS J 2 17.14 -5.64 39.62
C HIS J 2 16.55 -4.25 39.38
N MET J 3 16.95 -3.27 40.19
CA MET J 3 16.44 -1.89 40.08
C MET J 3 15.05 -1.75 40.67
N SER J 4 14.91 -2.26 41.88
CA SER J 4 13.71 -2.09 42.67
C SER J 4 13.48 -0.62 43.05
N ASP J 5 12.31 -0.38 43.64
CA ASP J 5 11.98 0.92 44.20
C ASP J 5 12.99 1.24 45.33
N LEU J 6 13.41 0.24 46.09
CA LEU J 6 14.40 0.48 47.17
C LEU J 6 15.78 0.84 46.66
N VAL J 7 16.24 0.16 45.60
CA VAL J 7 17.53 0.46 44.99
C VAL J 7 17.54 1.83 44.35
N THR J 8 16.54 2.12 43.54
CA THR J 8 16.39 3.45 43.06
C THR J 8 16.38 4.50 44.17
N LYS J 9 15.63 4.27 45.22
CA LYS J 9 15.60 5.22 46.32
C LYS J 9 17.01 5.48 46.86
N PHE J 10 17.76 4.39 47.05
CA PHE J 10 19.08 4.50 47.57
C PHE J 10 19.96 5.37 46.67
N GLU J 11 19.94 5.11 45.36
CA GLU J 11 20.79 5.83 44.41
C GLU J 11 20.48 7.31 44.37
N SER J 12 19.20 7.64 44.51
CA SER J 12 18.74 9.03 44.56
C SER J 12 19.32 9.84 45.71
N LEU J 13 19.82 9.20 46.77
CA LEU J 13 20.51 9.91 47.87
C LEU J 13 21.78 10.64 47.41
N ILE J 14 22.23 10.39 46.17
CA ILE J 14 23.35 11.11 45.62
C ILE J 14 23.11 12.60 45.64
N ILE J 15 21.88 12.98 45.34
CA ILE J 15 21.61 14.38 45.05
C ILE J 15 20.87 15.07 46.20
N SER J 16 20.35 14.28 47.14
CA SER J 16 19.59 14.88 48.21
C SER J 16 19.43 13.94 49.40
N LYS J 17 18.99 14.49 50.52
CA LYS J 17 18.73 13.67 51.71
C LYS J 17 17.38 12.95 51.61
N TYR J 18 16.58 13.31 50.62
CA TYR J 18 15.25 12.73 50.46
C TYR J 18 15.23 11.67 49.38
N PRO J 19 15.13 10.38 49.77
CA PRO J 19 15.08 9.31 48.76
C PRO J 19 13.77 9.38 47.94
N VAL J 20 13.87 9.17 46.63
CA VAL J 20 12.71 9.21 45.72
C VAL J 20 12.83 8.03 44.77
N SER J 21 11.72 7.35 44.49
CA SER J 21 11.70 6.21 43.57
C SER J 21 11.53 6.71 42.15
N PHE J 22 11.88 5.85 41.21
CA PHE J 22 11.70 6.10 39.81
C PHE J 22 10.23 6.29 39.52
N THR J 23 9.93 7.21 38.63
CA THR J 23 8.59 7.30 38.06
C THR J 23 8.43 6.11 37.12
N LYS J 24 7.21 5.88 36.67
CA LYS J 24 6.95 4.79 35.74
C LYS J 24 7.70 4.99 34.40
N GLU J 25 7.84 6.24 33.96
CA GLU J 25 8.57 6.56 32.73
C GLU J 25 10.06 6.30 32.87
N GLN J 26 10.63 6.66 34.01
CA GLN J 26 12.02 6.39 34.31
C GLN J 26 12.32 4.89 34.35
N SER J 27 11.45 4.10 35.00
CA SER J 27 11.73 2.65 35.10
C SER J 27 11.67 2.02 33.73
N ALA J 28 10.82 2.54 32.86
CA ALA J 28 10.65 2.04 31.49
C ALA J 28 11.89 2.31 30.66
N GLN J 29 12.40 3.53 30.75
CA GLN J 29 13.67 3.91 30.10
C GLN J 29 14.83 3.08 30.62
N ALA J 30 14.91 2.94 31.94
CA ALA J 30 15.94 2.12 32.56
C ALA J 30 15.87 0.66 32.09
N ALA J 31 14.66 0.09 32.02
CA ALA J 31 14.50 -1.29 31.54
C ALA J 31 14.88 -1.45 30.05
N GLN J 32 14.57 -0.45 29.24
CA GLN J 32 14.94 -0.42 27.84
C GLN J 32 16.46 -0.43 27.67
N TRP J 33 17.16 0.45 28.39
CA TRP J 33 18.61 0.42 28.30
C TRP J 33 19.18 -0.90 28.83
N GLU J 34 18.55 -1.50 29.83
CA GLU J 34 19.04 -2.80 30.32
C GLU J 34 18.94 -3.89 29.23
N SER J 35 17.87 -3.83 28.46
CA SER J 35 17.70 -4.78 27.36
C SER J 35 18.80 -4.64 26.32
N VAL J 36 19.12 -3.40 25.98
CA VAL J 36 20.22 -3.11 25.05
C VAL J 36 21.54 -3.71 25.58
N LEU J 37 21.85 -3.41 26.83
CA LEU J 37 23.03 -3.93 27.50
C LEU J 37 23.06 -5.46 27.49
N LYS J 38 21.99 -6.07 27.97
CA LYS J 38 21.88 -7.52 27.99
C LYS J 38 22.09 -8.14 26.62
N SER J 39 21.65 -7.47 25.57
CA SER J 39 21.76 -7.96 24.20
C SER J 39 23.10 -7.65 23.56
N GLY J 40 23.90 -6.82 24.24
CA GLY J 40 25.18 -6.38 23.74
C GLY J 40 25.08 -5.51 22.51
N GLN J 41 24.08 -4.63 22.49
CA GLN J 41 23.74 -3.85 21.30
C GLN J 41 23.85 -2.36 21.58
N ILE J 42 24.74 -1.96 22.47
CA ILE J 42 24.94 -0.54 22.71
C ILE J 42 25.49 0.15 21.46
N GLN J 43 26.31 -0.55 20.69
CA GLN J 43 26.97 0.04 19.52
C GLN J 43 25.97 0.61 18.51
N PRO J 44 24.99 -0.21 18.09
CA PRO J 44 23.94 0.34 17.22
C PRO J 44 22.96 1.32 17.87
N HIS J 45 23.05 1.51 19.18
CA HIS J 45 22.17 2.44 19.87
C HIS J 45 22.93 3.72 20.27
N LEU J 46 24.15 3.90 19.76
CA LEU J 46 24.95 5.08 20.10
C LEU J 46 24.30 6.37 19.61
N ASP J 47 23.78 6.36 18.38
CA ASP J 47 23.13 7.54 17.87
C ASP J 47 21.90 7.91 18.73
N GLN J 48 21.15 6.90 19.15
CA GLN J 48 20.03 7.10 20.06
C GLN J 48 20.50 7.65 21.42
N LEU J 49 21.61 7.17 21.96
CA LEU J 49 22.11 7.60 23.23
C LEU J 49 22.49 9.07 23.16
N ASN J 50 23.13 9.44 22.06
CA ASN J 50 23.50 10.82 21.76
C ASN J 50 22.27 11.75 21.76
N LEU J 51 21.22 11.30 21.09
CA LEU J 51 19.98 12.05 21.05
C LEU J 51 19.32 12.17 22.44
N VAL J 52 19.30 11.08 23.21
CA VAL J 52 18.72 11.14 24.56
C VAL J 52 19.47 12.23 25.35
N LEU J 53 20.80 12.20 25.23
CA LEU J 53 21.64 13.03 26.05
C LEU J 53 21.65 14.43 25.56
N ARG J 54 21.11 14.70 24.39
CA ARG J 54 20.99 16.10 23.93
C ARG J 54 20.08 16.87 24.87
N ASP J 55 18.96 16.23 25.19
CA ASP J 55 17.86 16.87 25.88
C ASP J 55 17.75 16.47 27.34
N ASN J 56 18.54 15.47 27.75
CA ASN J 56 18.55 14.99 29.13
C ASN J 56 19.94 14.96 29.69
N THR J 57 20.08 15.40 30.93
CA THR J 57 21.36 15.44 31.60
C THR J 57 21.91 14.07 31.79
N PHE J 58 21.07 13.19 32.31
CA PHE J 58 21.42 11.80 32.47
C PHE J 58 20.48 10.94 31.62
N ILE J 59 20.85 9.68 31.46
CA ILE J 59 20.18 8.81 30.49
C ILE J 59 18.71 8.52 30.79
N VAL J 60 18.33 8.37 32.05
CA VAL J 60 16.92 8.12 32.42
C VAL J 60 16.18 9.33 33.01
N SER J 61 16.70 10.52 32.78
CA SER J 61 15.95 11.78 33.08
C SER J 61 15.79 12.01 34.57
N THR J 62 16.88 11.80 35.27
CA THR J 62 16.94 11.94 36.69
C THR J 62 17.84 13.14 37.00
N LEU J 63 17.82 13.54 38.28
CA LEU J 63 18.57 14.68 38.73
C LEU J 63 19.93 14.20 39.14
N TYR J 64 20.19 12.90 38.97
CA TYR J 64 21.44 12.31 39.45
C TYR J 64 21.87 11.20 38.52
N PRO J 65 23.19 10.90 38.51
CA PRO J 65 23.61 9.77 37.69
C PRO J 65 23.10 8.46 38.34
N THR J 66 22.67 7.49 37.52
CA THR J 66 22.07 6.22 38.01
C THR J 66 23.00 5.07 37.68
N SER J 67 22.72 3.88 38.19
CA SER J 67 23.45 2.73 37.78
C SER J 67 23.22 2.47 36.28
N THR J 68 22.09 2.88 35.71
CA THR J 68 21.88 2.77 34.26
C THR J 68 22.93 3.59 33.51
N ASP J 69 23.19 4.82 33.97
CA ASP J 69 24.30 5.62 33.42
C ASP J 69 25.61 4.90 33.57
N VAL J 70 25.88 4.29 34.72
CA VAL J 70 27.17 3.64 34.91
C VAL J 70 27.33 2.44 33.97
N HIS J 71 26.36 1.53 33.91
CA HIS J 71 26.48 0.36 33.08
C HIS J 71 26.64 0.74 31.60
N VAL J 72 25.84 1.67 31.13
CA VAL J 72 25.93 2.14 29.74
C VAL J 72 27.31 2.81 29.48
N PHE J 73 27.74 3.60 30.44
CA PHE J 73 29.07 4.23 30.33
C PHE J 73 30.21 3.24 30.22
N GLU J 74 30.18 2.19 31.04
CA GLU J 74 31.21 1.19 31.07
C GLU J 74 31.40 0.57 29.69
N VAL J 75 30.30 0.43 28.94
CA VAL J 75 30.34 -0.13 27.60
C VAL J 75 30.65 0.94 26.54
N ALA J 76 30.07 2.12 26.68
CA ALA J 76 30.16 3.23 25.71
C ALA J 76 31.53 3.95 25.65
N LEU J 77 32.18 4.11 26.80
CA LEU J 77 33.49 4.78 26.85
C LEU J 77 34.49 4.10 25.92
N PRO J 78 34.71 2.80 26.04
CA PRO J 78 35.65 2.15 25.13
C PRO J 78 35.22 2.18 23.67
N LEU J 79 33.93 2.17 23.39
CA LEU J 79 33.46 2.24 22.02
C LEU J 79 33.81 3.63 21.45
N ILE J 80 33.53 4.66 22.21
CA ILE J 80 33.77 6.02 21.73
C ILE J 80 35.27 6.27 21.60
N LYS J 81 36.04 5.74 22.56
CA LYS J 81 37.48 5.92 22.54
C LYS J 81 38.02 5.40 21.21
N ASP J 82 37.54 4.22 20.82
CA ASP J 82 37.97 3.60 19.58
C ASP J 82 37.52 4.34 18.32
N LEU J 83 36.32 4.92 18.38
CA LEU J 83 35.77 5.74 17.29
C LEU J 83 36.64 6.97 17.05
N VAL J 84 37.02 7.62 18.14
CA VAL J 84 37.97 8.72 18.10
C VAL J 84 39.32 8.23 17.56
N ALA J 85 39.84 7.10 18.08
CA ALA J 85 41.17 6.61 17.69
C ALA J 85 41.23 6.25 16.21
N SER J 86 40.12 5.74 15.68
CA SER J 86 40.16 5.19 14.33
C SER J 86 39.58 6.18 13.33
N SER J 87 39.30 7.39 13.80
CA SER J 87 38.53 8.37 13.03
C SER J 87 39.25 8.79 11.77
N LYS J 88 38.49 8.92 10.68
CA LYS J 88 39.02 9.54 9.46
C LYS J 88 39.12 11.07 9.60
N ASP J 89 38.50 11.63 10.66
CA ASP J 89 38.49 13.09 10.95
C ASP J 89 37.94 13.35 12.33
N VAL J 90 38.80 13.68 13.29
CA VAL J 90 38.40 13.65 14.70
C VAL J 90 37.32 14.71 15.03
N LYS J 91 37.41 15.86 14.39
CA LYS J 91 36.42 16.92 14.59
C LYS J 91 35.04 16.41 14.22
N SER J 92 34.94 15.72 13.10
CA SER J 92 33.64 15.19 12.68
C SER J 92 33.15 14.11 13.66
N THR J 93 34.06 13.33 14.26
CA THR J 93 33.65 12.38 15.31
C THR J 93 33.13 13.08 16.54
N TYR J 94 33.85 14.10 17.00
CA TYR J 94 33.36 14.92 18.11
C TYR J 94 31.98 15.52 17.83
N THR J 95 31.76 16.03 16.62
CA THR J 95 30.47 16.65 16.29
C THR J 95 29.30 15.65 16.18
N THR J 96 29.63 14.42 15.86
CA THR J 96 28.62 13.36 15.67
C THR J 96 28.18 12.85 17.02
N TYR J 97 29.04 12.97 18.04
CA TYR J 97 28.71 12.36 19.38
C TYR J 97 28.81 13.39 20.49
N ARG J 98 28.42 14.62 20.19
CA ARG J 98 28.61 15.74 21.11
C ARG J 98 28.05 15.49 22.51
N HIS J 99 26.87 14.88 22.57
CA HIS J 99 26.15 14.77 23.86
C HIS J 99 26.65 13.60 24.68
N ILE J 100 26.90 12.48 24.01
CA ILE J 100 27.65 11.40 24.58
C ILE J 100 28.93 11.93 25.15
N LEU J 101 29.66 12.82 24.44
CA LEU J 101 30.98 13.29 24.94
C LEU J 101 30.78 14.09 26.23
N ARG J 102 29.71 14.91 26.27
CA ARG J 102 29.43 15.71 27.46
C ARG J 102 29.26 14.78 28.67
N TRP J 103 28.50 13.73 28.43
CA TRP J 103 28.14 12.75 29.45
C TRP J 103 29.32 11.88 29.84
N ILE J 104 30.16 11.51 28.87
CA ILE J 104 31.42 10.81 29.18
C ILE J 104 32.35 11.63 30.05
N ASP J 105 32.54 12.90 29.71
CA ASP J 105 33.35 13.76 30.54
C ASP J 105 32.81 13.77 31.97
N TYR J 106 31.48 13.85 32.12
CA TYR J 106 30.81 13.79 33.44
C TYR J 106 31.16 12.49 34.17
N MET J 107 30.85 11.39 33.53
CA MET J 107 30.93 10.09 34.20
C MET J 107 32.33 9.72 34.51
N GLN J 108 33.29 10.13 33.67
CA GLN J 108 34.63 9.64 33.86
C GLN J 108 35.26 10.39 35.01
N ASN J 109 34.77 11.60 35.28
CA ASN J 109 35.18 12.34 36.47
C ASN J 109 34.43 11.89 37.71
N LEU J 110 33.14 11.59 37.58
CA LEU J 110 32.35 11.11 38.70
C LEU J 110 33.02 9.86 39.29
N LEU J 111 33.40 8.95 38.40
CA LEU J 111 33.86 7.62 38.81
C LEU J 111 35.37 7.53 38.94
N GLU J 112 36.07 8.64 38.69
CA GLU J 112 37.51 8.75 38.72
C GLU J 112 38.19 7.63 37.95
N VAL J 113 37.80 7.53 36.70
CA VAL J 113 38.39 6.57 35.76
C VAL J 113 39.88 6.87 35.59
N SER J 114 40.72 5.85 35.48
CA SER J 114 42.16 6.10 35.44
C SER J 114 42.55 7.00 34.27
N SER J 115 43.63 7.74 34.49
CA SER J 115 44.39 8.42 33.43
C SER J 115 44.28 7.69 32.10
N THR J 116 44.82 6.48 32.04
CA THR J 116 44.98 5.75 30.80
C THR J 116 43.66 5.26 30.17
N ASP J 117 42.62 5.08 30.99
CA ASP J 117 41.35 4.58 30.48
C ASP J 117 40.48 5.72 29.98
N LYS J 118 40.69 6.94 30.49
CA LYS J 118 39.80 8.09 30.18
C LYS J 118 39.80 8.47 28.70
N LEU J 119 38.71 9.05 28.22
CA LEU J 119 38.76 9.69 26.93
C LEU J 119 39.22 11.11 27.18
N GLU J 120 40.30 11.50 26.56
CA GLU J 120 40.79 12.84 26.76
C GLU J 120 40.21 13.74 25.68
N ILE J 121 39.31 14.63 26.08
CA ILE J 121 38.61 15.47 25.13
C ILE J 121 39.14 16.90 25.11
N ASN J 122 39.36 17.42 23.91
CA ASN J 122 40.18 18.61 23.71
C ASN J 122 39.73 19.40 22.49
N SER K 4 17.23 46.89 -6.12
CA SER K 4 18.59 47.01 -5.52
C SER K 4 19.70 46.59 -6.48
N ASP K 5 20.94 46.85 -6.09
CA ASP K 5 22.11 46.41 -6.85
C ASP K 5 22.24 44.87 -6.84
N LEU K 6 21.76 44.20 -5.79
CA LEU K 6 21.88 42.74 -5.66
C LEU K 6 20.83 42.01 -6.50
N VAL K 7 19.63 42.58 -6.52
CA VAL K 7 18.53 42.07 -7.33
C VAL K 7 18.78 42.29 -8.83
N THR K 8 19.38 43.43 -9.19
CA THR K 8 19.78 43.65 -10.59
C THR K 8 20.79 42.61 -11.02
N LYS K 9 21.79 42.38 -10.16
CA LYS K 9 22.79 41.31 -10.38
C LYS K 9 22.12 39.96 -10.60
N PHE K 10 21.21 39.61 -9.71
CA PHE K 10 20.57 38.29 -9.74
C PHE K 10 19.84 38.12 -11.04
N GLU K 11 19.10 39.16 -11.40
CA GLU K 11 18.30 39.17 -12.62
C GLU K 11 19.11 39.13 -13.93
N SER K 12 20.39 39.53 -13.88
CA SER K 12 21.28 39.46 -15.05
C SER K 12 21.68 38.03 -15.41
N LEU K 13 21.46 37.09 -14.49
CA LEU K 13 21.97 35.72 -14.64
C LEU K 13 20.91 34.81 -15.24
N ILE K 14 21.29 33.83 -16.06
CA ILE K 14 20.29 32.88 -16.58
C ILE K 14 19.67 32.05 -15.47
N ILE K 15 20.46 31.71 -14.47
CA ILE K 15 19.95 30.95 -13.32
C ILE K 15 18.70 31.58 -12.70
N SER K 16 18.47 32.88 -12.91
CA SER K 16 17.26 33.54 -12.40
C SER K 16 16.03 33.24 -13.22
N LYS K 17 16.21 32.71 -14.42
CA LYS K 17 15.10 32.46 -15.33
C LYS K 17 14.72 30.98 -15.44
N TYR K 18 15.23 30.17 -14.54
CA TYR K 18 14.96 28.74 -14.57
C TYR K 18 14.06 28.35 -13.40
N PRO K 19 12.78 27.99 -13.70
CA PRO K 19 12.06 27.03 -12.86
C PRO K 19 12.13 25.61 -13.44
N SER K 21 8.06 27.01 -11.26
CA SER K 21 7.90 25.59 -10.96
C SER K 21 7.04 25.30 -9.70
N PHE K 22 7.04 26.25 -8.76
CA PHE K 22 6.54 26.11 -7.38
C PHE K 22 5.38 25.16 -7.10
N THR K 23 5.61 24.21 -6.19
CA THR K 23 4.55 23.39 -5.60
C THR K 23 3.69 24.25 -4.67
N LYS K 24 2.58 23.69 -4.19
CA LYS K 24 1.71 24.38 -3.23
C LYS K 24 2.51 24.80 -1.99
N GLU K 25 3.28 23.87 -1.44
CA GLU K 25 4.10 24.15 -0.29
C GLU K 25 5.10 25.30 -0.57
N GLN K 26 5.72 25.29 -1.77
CA GLN K 26 6.74 26.30 -2.14
C GLN K 26 6.16 27.71 -2.27
N SER K 27 4.95 27.79 -2.82
CA SER K 27 4.24 29.07 -2.96
C SER K 27 3.91 29.65 -1.58
N ALA K 28 3.51 28.78 -0.66
CA ALA K 28 3.28 29.19 0.73
C ALA K 28 4.56 29.82 1.34
N GLN K 29 5.68 29.10 1.29
CA GLN K 29 6.97 29.61 1.81
C GLN K 29 7.30 31.02 1.28
N ALA K 30 7.25 31.18 -0.03
CA ALA K 30 7.65 32.45 -0.66
C ALA K 30 6.79 33.62 -0.18
N ALA K 31 5.48 33.38 -0.06
CA ALA K 31 4.55 34.41 0.41
C ALA K 31 4.87 34.81 1.86
N GLN K 32 5.11 33.80 2.70
CA GLN K 32 5.48 33.99 4.11
C GLN K 32 6.69 34.88 4.28
N TRP K 33 7.77 34.62 3.54
CA TRP K 33 8.96 35.48 3.59
C TRP K 33 8.67 36.86 2.98
N GLU K 34 7.88 36.89 1.91
CA GLU K 34 7.42 38.16 1.35
C GLU K 34 6.77 38.97 2.49
N SER K 35 5.78 38.39 3.15
CA SER K 35 5.18 38.97 4.37
C SER K 35 6.24 39.49 5.35
N VAL K 36 7.19 38.65 5.71
CA VAL K 36 8.22 39.03 6.70
C VAL K 36 9.00 40.26 6.22
N LEU K 37 9.44 40.22 4.97
CA LEU K 37 10.16 41.33 4.38
C LEU K 37 9.32 42.61 4.33
N LYS K 38 8.11 42.51 3.82
CA LYS K 38 7.25 43.71 3.74
C LYS K 38 7.12 44.39 5.12
N SER K 39 6.88 43.58 6.15
CA SER K 39 6.56 44.10 7.47
C SER K 39 7.83 44.49 8.27
N GLY K 40 8.99 44.41 7.63
CA GLY K 40 10.25 44.80 8.27
C GLY K 40 10.70 43.94 9.43
N GLN K 41 10.28 42.67 9.48
CA GLN K 41 10.53 41.83 10.67
C GLN K 41 11.48 40.69 10.41
N ILE K 42 12.59 40.95 9.72
CA ILE K 42 13.52 39.88 9.44
C ILE K 42 14.33 39.48 10.69
N GLN K 43 14.73 40.47 11.49
CA GLN K 43 15.62 40.17 12.63
C GLN K 43 15.00 39.17 13.62
N PRO K 44 13.71 39.35 13.97
CA PRO K 44 12.98 38.38 14.78
C PRO K 44 12.80 37.00 14.15
N HIS K 45 12.95 36.90 12.84
CA HIS K 45 12.85 35.63 12.10
C HIS K 45 14.19 34.96 11.75
N LEU K 46 15.32 35.44 12.30
CA LEU K 46 16.60 34.84 11.96
C LEU K 46 16.73 33.38 12.42
N ASP K 47 16.21 33.09 13.63
CA ASP K 47 16.24 31.72 14.14
C ASP K 47 15.45 30.80 13.20
N GLN K 48 14.30 31.26 12.73
CA GLN K 48 13.45 30.50 11.80
C GLN K 48 14.15 30.26 10.46
N LEU K 49 14.79 31.30 9.94
CA LEU K 49 15.56 31.22 8.69
C LEU K 49 16.69 30.20 8.81
N ASN K 50 17.38 30.23 9.93
CA ASN K 50 18.42 29.25 10.24
C ASN K 50 17.89 27.81 10.24
N LEU K 51 16.74 27.60 10.84
CA LEU K 51 16.12 26.28 10.85
C LEU K 51 15.71 25.77 9.45
N VAL K 52 15.11 26.67 8.67
CA VAL K 52 14.74 26.38 7.29
C VAL K 52 15.96 25.94 6.49
N LEU K 53 17.02 26.73 6.60
CA LEU K 53 18.25 26.48 5.87
C LEU K 53 19.02 25.26 6.40
N ARG K 54 18.72 24.80 7.61
CA ARG K 54 19.31 23.54 8.07
C ARG K 54 19.00 22.42 7.12
N ASP K 55 17.76 22.39 6.70
CA ASP K 55 17.17 21.25 6.00
C ASP K 55 16.99 21.50 4.52
N ASN K 56 17.16 22.73 4.12
CA ASN K 56 16.92 23.14 2.76
C ASN K 56 18.07 23.97 2.20
N THR K 57 18.55 23.60 1.02
CA THR K 57 19.63 24.31 0.36
C THR K 57 19.31 25.77 0.12
N PHE K 58 18.15 26.07 -0.47
CA PHE K 58 17.69 27.44 -0.61
C PHE K 58 16.36 27.66 0.15
N ILE K 59 16.04 28.93 0.41
CA ILE K 59 14.92 29.28 1.30
C ILE K 59 13.60 28.60 0.90
N VAL K 60 13.28 28.59 -0.39
CA VAL K 60 12.04 28.01 -0.88
C VAL K 60 12.15 26.55 -1.37
N SER K 61 13.23 25.86 -1.03
CA SER K 61 13.38 24.45 -1.33
C SER K 61 13.41 24.18 -2.83
N THR K 62 14.15 25.03 -3.53
CA THR K 62 14.34 24.95 -4.96
C THR K 62 15.73 24.42 -5.31
N LEU K 63 15.95 24.15 -6.59
CA LEU K 63 17.26 23.72 -7.11
C LEU K 63 18.21 24.90 -7.40
N TYR K 64 17.63 26.08 -7.49
CA TYR K 64 18.39 27.29 -7.80
C TYR K 64 17.95 28.36 -6.82
N PRO K 65 18.81 29.35 -6.56
CA PRO K 65 18.40 30.46 -5.71
C PRO K 65 17.29 31.22 -6.41
N THR K 66 16.31 31.71 -5.64
CA THR K 66 15.16 32.41 -6.20
C THR K 66 15.22 33.84 -5.67
N SER K 67 14.32 34.70 -6.12
CA SER K 67 14.29 36.10 -5.68
C SER K 67 14.08 36.19 -4.17
N THR K 68 13.38 35.22 -3.61
CA THR K 68 13.20 35.11 -2.16
C THR K 68 14.55 34.98 -1.48
N ASP K 69 15.44 34.13 -2.01
CA ASP K 69 16.80 34.05 -1.45
C ASP K 69 17.51 35.39 -1.50
N VAL K 70 17.41 36.06 -2.67
CA VAL K 70 18.11 37.32 -2.87
C VAL K 70 17.57 38.41 -1.93
N HIS K 71 16.24 38.46 -1.80
CA HIS K 71 15.56 39.46 -1.03
C HIS K 71 15.85 39.33 0.45
N VAL K 72 15.78 38.10 0.97
CA VAL K 72 16.10 37.82 2.36
C VAL K 72 17.60 38.04 2.60
N PHE K 73 18.45 37.62 1.67
CA PHE K 73 19.90 37.84 1.80
C PHE K 73 20.25 39.33 1.94
N GLU K 74 19.64 40.15 1.11
CA GLU K 74 19.90 41.58 1.16
C GLU K 74 19.80 42.19 2.57
N VAL K 75 18.87 41.69 3.38
CA VAL K 75 18.66 42.19 4.76
C VAL K 75 19.48 41.38 5.78
N ALA K 76 19.47 40.07 5.62
CA ALA K 76 20.22 39.13 6.48
C ALA K 76 21.74 39.38 6.50
N LEU K 77 22.36 39.59 5.34
CA LEU K 77 23.83 39.82 5.33
C LEU K 77 24.29 40.90 6.33
N PRO K 78 23.77 42.13 6.21
CA PRO K 78 24.22 43.17 7.16
C PRO K 78 23.85 42.91 8.63
N LEU K 79 22.73 42.23 8.86
CA LEU K 79 22.33 41.87 10.19
C LEU K 79 23.37 40.91 10.81
N ILE K 80 23.71 39.88 10.06
CA ILE K 80 24.61 38.84 10.55
C ILE K 80 25.97 39.44 10.72
N LYS K 81 26.32 40.33 9.80
CA LYS K 81 27.57 41.05 9.92
C LYS K 81 27.63 41.82 11.25
N ASP K 82 26.54 42.49 11.60
CA ASP K 82 26.45 43.33 12.82
C ASP K 82 26.49 42.45 14.07
N LEU K 83 25.82 41.31 13.96
CA LEU K 83 25.80 40.37 15.07
C LEU K 83 27.19 39.85 15.32
N VAL K 84 27.88 39.48 14.24
CA VAL K 84 29.26 39.03 14.36
C VAL K 84 30.15 40.16 14.89
N ALA K 85 30.01 41.38 14.34
CA ALA K 85 30.77 42.54 14.82
C ALA K 85 30.59 42.77 16.32
N SER K 86 29.36 42.68 16.81
CA SER K 86 29.04 43.03 18.21
C SER K 86 29.09 41.84 19.15
N SER K 87 29.48 40.67 18.65
CA SER K 87 29.42 39.45 19.43
C SER K 87 30.27 39.48 20.72
N LYS K 88 29.71 38.93 21.80
CA LYS K 88 30.43 38.63 23.03
C LYS K 88 31.34 37.39 22.86
N ASP K 89 31.04 36.58 21.87
CA ASP K 89 31.80 35.37 21.59
C ASP K 89 31.46 34.88 20.18
N VAL K 90 32.35 35.16 19.23
CA VAL K 90 32.08 34.88 17.82
C VAL K 90 31.80 33.42 17.57
N LYS K 91 32.45 32.52 18.31
CA LYS K 91 32.21 31.08 18.10
C LYS K 91 30.76 30.71 18.41
N SER K 92 30.23 31.20 19.52
CA SER K 92 28.82 30.98 19.82
C SER K 92 27.90 31.60 18.75
N THR K 93 28.27 32.77 18.22
CA THR K 93 27.46 33.36 17.15
C THR K 93 27.43 32.47 15.91
N TYR K 94 28.59 32.00 15.47
CA TYR K 94 28.65 31.15 14.28
C TYR K 94 27.91 29.85 14.50
N THR K 95 27.98 29.32 15.71
CA THR K 95 27.30 28.06 16.01
C THR K 95 25.79 28.24 16.06
N THR K 96 25.37 29.45 16.41
CA THR K 96 23.96 29.78 16.48
C THR K 96 23.35 30.00 15.12
N TYR K 97 24.14 30.38 14.12
CA TYR K 97 23.60 30.69 12.81
C TYR K 97 24.29 29.92 11.70
N ARG K 98 24.66 28.68 12.01
CA ARG K 98 25.46 27.88 11.12
C ARG K 98 24.90 27.81 9.73
N HIS K 99 23.60 27.62 9.61
CA HIS K 99 22.98 27.32 8.30
C HIS K 99 22.74 28.59 7.50
N ILE K 100 22.37 29.68 8.16
CA ILE K 100 22.41 30.99 7.54
C ILE K 100 23.80 31.26 6.96
N LEU K 101 24.84 30.95 7.74
CA LEU K 101 26.19 31.22 7.28
C LEU K 101 26.58 30.44 6.03
N ARG K 102 26.13 29.20 5.95
CA ARG K 102 26.41 28.39 4.77
C ARG K 102 25.81 29.09 3.55
N TRP K 103 24.58 29.50 3.73
CA TRP K 103 23.77 30.11 2.68
C TRP K 103 24.25 31.53 2.31
N ILE K 104 24.71 32.30 3.29
CA ILE K 104 25.40 33.55 3.00
C ILE K 104 26.67 33.34 2.19
N ASP K 105 27.47 32.33 2.54
CA ASP K 105 28.69 32.02 1.82
C ASP K 105 28.32 31.82 0.35
N TYR K 106 27.21 31.11 0.14
CA TYR K 106 26.76 30.83 -1.20
C TYR K 106 26.30 32.11 -1.91
N MET K 107 25.38 32.82 -1.30
CA MET K 107 24.74 33.96 -1.96
C MET K 107 25.72 35.11 -2.27
N GLN K 108 26.66 35.35 -1.36
CA GLN K 108 27.56 36.50 -1.55
C GLN K 108 28.59 36.19 -2.65
N ASN K 109 28.83 34.91 -2.89
CA ASN K 109 29.67 34.51 -4.01
C ASN K 109 28.88 34.50 -5.31
N LEU K 110 27.67 33.93 -5.29
CA LEU K 110 26.80 33.98 -6.46
C LEU K 110 26.59 35.42 -6.89
N LEU K 111 26.20 36.30 -5.95
CA LEU K 111 25.93 37.72 -6.27
C LEU K 111 27.16 38.66 -6.39
N GLU K 112 28.36 38.14 -6.14
CA GLU K 112 29.59 38.90 -6.33
C GLU K 112 29.63 40.15 -5.44
N VAL K 113 29.35 39.92 -4.16
CA VAL K 113 29.37 40.98 -3.16
C VAL K 113 30.82 41.43 -2.99
N SER K 114 31.01 42.72 -2.79
CA SER K 114 32.34 43.29 -2.70
C SER K 114 33.13 42.75 -1.52
N SER K 115 34.44 42.60 -1.70
CA SER K 115 35.30 41.97 -0.69
C SER K 115 35.04 42.53 0.69
N THR K 116 34.84 43.84 0.76
CA THR K 116 34.62 44.52 2.04
C THR K 116 33.16 44.44 2.50
N ASP K 117 32.24 44.22 1.56
CA ASP K 117 30.84 43.98 1.90
C ASP K 117 30.52 42.50 2.22
N LYS K 118 31.47 41.59 1.94
CA LYS K 118 31.29 40.19 2.26
C LYS K 118 31.42 39.97 3.78
N LEU K 119 30.77 38.90 4.27
CA LEU K 119 30.97 38.39 5.61
C LEU K 119 32.15 37.42 5.62
N GLU K 120 33.02 37.58 6.61
CA GLU K 120 34.15 36.68 6.85
C GLU K 120 33.72 35.28 7.30
N ILE K 121 34.18 34.27 6.58
CA ILE K 121 33.95 32.87 6.94
C ILE K 121 32.56 32.46 6.48
N SER L 4 17.06 35.79 46.67
CA SER L 4 16.38 34.74 45.96
C SER L 4 15.63 33.72 46.80
N ASP L 5 14.44 33.33 46.32
CA ASP L 5 13.89 32.00 46.58
C ASP L 5 15.05 31.02 46.36
N LEU L 6 15.65 31.13 45.18
CA LEU L 6 16.51 30.10 44.61
C LEU L 6 17.85 29.86 45.32
N VAL L 7 18.56 30.94 45.64
CA VAL L 7 19.83 30.81 46.37
C VAL L 7 19.60 30.24 47.76
N THR L 8 18.59 30.75 48.45
CA THR L 8 18.16 30.18 49.73
C THR L 8 17.85 28.68 49.59
N LYS L 9 17.05 28.36 48.59
CA LYS L 9 16.70 26.98 48.26
C LYS L 9 17.97 26.14 48.03
N PHE L 10 18.82 26.63 47.14
CA PHE L 10 20.07 25.94 46.85
C PHE L 10 20.82 25.61 48.15
N GLU L 11 21.04 26.62 48.99
CA GLU L 11 21.88 26.49 50.17
C GLU L 11 21.20 25.62 51.23
N SER L 12 19.89 25.44 51.08
CA SER L 12 19.13 24.48 51.88
C SER L 12 19.40 23.03 51.47
N LEU L 13 19.80 22.82 50.21
CA LEU L 13 20.18 21.47 49.72
C LEU L 13 21.61 21.10 50.12
N ILE L 14 21.78 19.89 50.64
CA ILE L 14 23.11 19.38 51.01
C ILE L 14 24.11 19.41 49.83
N ILE L 15 23.58 19.32 48.63
CA ILE L 15 24.34 19.44 47.36
C ILE L 15 25.16 20.75 47.28
N SER L 16 24.64 21.83 47.84
CA SER L 16 25.41 23.09 47.97
C SER L 16 26.62 22.93 48.89
N LYS L 17 26.67 21.84 49.67
CA LYS L 17 27.74 21.61 50.64
C LYS L 17 28.75 20.62 50.10
N TYR L 18 28.50 20.07 48.91
CA TYR L 18 29.37 19.05 48.36
C TYR L 18 30.75 19.66 48.14
N PRO L 19 31.81 18.92 48.51
CA PRO L 19 33.10 19.60 48.45
C PRO L 19 33.40 19.76 46.98
N VAL L 20 33.73 20.97 46.56
CA VAL L 20 34.14 21.16 45.17
C VAL L 20 35.48 21.90 45.19
N SER L 21 36.43 21.37 44.42
CA SER L 21 37.79 21.90 44.39
C SER L 21 38.07 22.30 42.95
N PHE L 22 37.74 23.56 42.64
CA PHE L 22 38.00 24.09 41.31
C PHE L 22 39.46 23.96 40.89
N THR L 23 39.64 23.64 39.61
CA THR L 23 40.93 23.86 38.98
C THR L 23 41.02 25.37 38.76
N LYS L 24 42.23 25.85 38.49
CA LYS L 24 42.41 27.23 38.04
C LYS L 24 41.46 27.60 36.90
N GLU L 25 41.13 26.63 36.06
CA GLU L 25 40.42 26.89 34.81
C GLU L 25 38.93 27.01 35.14
N GLN L 26 38.49 26.22 36.10
CA GLN L 26 37.12 26.36 36.62
C GLN L 26 37.02 27.68 37.40
N SER L 27 38.01 27.95 38.26
CA SER L 27 38.00 29.21 39.01
C SER L 27 37.84 30.33 38.01
N ALA L 28 38.63 30.28 36.94
CA ALA L 28 38.61 31.30 35.90
C ALA L 28 37.24 31.46 35.23
N GLN L 29 36.56 30.34 34.97
CA GLN L 29 35.18 30.35 34.40
C GLN L 29 34.15 30.94 35.37
N ALA L 30 34.26 30.58 36.64
CA ALA L 30 33.36 31.08 37.66
C ALA L 30 33.50 32.60 37.70
N ALA L 31 34.74 33.10 37.74
CA ALA L 31 34.98 34.55 37.78
C ALA L 31 34.49 35.27 36.52
N GLN L 32 34.61 34.62 35.35
CA GLN L 32 34.08 35.17 34.11
C GLN L 32 32.59 35.41 34.29
N TRP L 33 31.85 34.39 34.72
CA TRP L 33 30.38 34.50 34.82
C TRP L 33 29.94 35.46 35.93
N GLU L 34 30.77 35.62 36.96
CA GLU L 34 30.51 36.59 38.01
C GLU L 34 30.51 37.98 37.37
N SER L 35 31.56 38.30 36.63
CA SER L 35 31.66 39.64 36.00
C SER L 35 30.54 39.86 35.00
N VAL L 36 30.05 38.80 34.35
CA VAL L 36 28.89 38.92 33.44
C VAL L 36 27.61 39.26 34.21
N LEU L 37 27.30 38.42 35.19
CA LEU L 37 26.19 38.68 36.09
C LEU L 37 26.22 40.09 36.70
N LYS L 38 27.38 40.47 37.27
CA LYS L 38 27.52 41.78 37.92
C LYS L 38 27.36 42.99 36.99
N SER L 39 27.60 42.80 35.70
CA SER L 39 27.38 43.87 34.71
C SER L 39 26.04 43.73 33.97
N GLY L 40 25.19 42.79 34.39
CA GLY L 40 23.86 42.63 33.80
C GLY L 40 23.84 42.26 32.31
N GLN L 41 24.86 41.53 31.87
CA GLN L 41 25.06 41.19 30.45
C GLN L 41 24.69 39.75 30.10
N ILE L 42 23.72 39.15 30.81
CA ILE L 42 23.42 37.73 30.54
C ILE L 42 22.73 37.47 29.20
N GLN L 43 21.83 38.36 28.78
CA GLN L 43 21.13 38.20 27.50
C GLN L 43 22.10 38.10 26.31
N PRO L 44 23.01 39.08 26.14
CA PRO L 44 23.97 38.89 25.05
C PRO L 44 25.00 37.75 25.23
N HIS L 45 25.08 37.15 26.42
CA HIS L 45 25.91 35.95 26.59
C HIS L 45 25.12 34.64 26.49
N LEU L 46 23.84 34.72 26.10
CA LEU L 46 23.01 33.49 25.98
C LEU L 46 23.57 32.47 25.01
N ASP L 47 23.96 32.92 23.81
CA ASP L 47 24.54 32.00 22.82
C ASP L 47 25.79 31.36 23.40
N GLN L 48 26.61 32.13 24.10
CA GLN L 48 27.79 31.57 24.74
C GLN L 48 27.41 30.56 25.82
N LEU L 49 26.37 30.89 26.58
CA LEU L 49 25.91 29.97 27.63
C LEU L 49 25.45 28.67 27.01
N ASN L 50 24.65 28.77 25.96
CA ASN L 50 24.19 27.58 25.23
C ASN L 50 25.35 26.72 24.73
N LEU L 51 26.40 27.34 24.22
CA LEU L 51 27.60 26.63 23.77
C LEU L 51 28.37 25.99 24.93
N VAL L 52 28.55 26.73 26.04
CA VAL L 52 29.12 26.13 27.25
C VAL L 52 28.37 24.89 27.62
N LEU L 53 27.05 25.00 27.65
CA LEU L 53 26.18 23.95 28.13
C LEU L 53 26.10 22.75 27.18
N ARG L 54 26.45 22.96 25.91
CA ARG L 54 26.50 21.83 24.95
C ARG L 54 27.52 20.79 25.40
N ASP L 55 28.65 21.28 25.88
CA ASP L 55 29.80 20.42 26.16
C ASP L 55 30.03 20.15 27.65
N ASN L 56 29.29 20.88 28.49
CA ASN L 56 29.40 20.78 29.95
C ASN L 56 28.03 20.57 30.63
N THR L 57 27.93 19.58 31.51
CA THR L 57 26.67 19.30 32.18
C THR L 57 26.24 20.50 33.02
N PHE L 58 27.17 21.12 33.70
CA PHE L 58 26.90 22.31 34.49
C PHE L 58 27.86 23.43 34.08
N ILE L 59 27.58 24.69 34.48
CA ILE L 59 28.30 25.80 33.86
C ILE L 59 29.81 25.76 34.08
N VAL L 60 30.25 25.40 35.28
CA VAL L 60 31.68 25.41 35.62
C VAL L 60 32.30 24.00 35.54
N SER L 61 31.70 23.13 34.74
CA SER L 61 32.23 21.77 34.48
C SER L 61 32.36 20.93 35.72
N THR L 62 31.35 21.03 36.58
CA THR L 62 31.36 20.34 37.87
C THR L 62 30.47 19.12 37.81
N LEU L 63 30.50 18.33 38.88
CA LEU L 63 29.70 17.11 38.96
C LEU L 63 28.31 17.39 39.51
N TYR L 64 28.15 18.57 40.12
CA TYR L 64 26.93 18.98 40.80
C TYR L 64 26.79 20.48 40.55
N PRO L 65 25.56 20.96 40.53
CA PRO L 65 25.36 22.37 40.26
C PRO L 65 26.06 23.20 41.32
N THR L 66 26.53 24.37 40.95
CA THR L 66 27.24 25.24 41.91
C THR L 66 26.42 26.50 42.01
N SER L 67 26.84 27.41 42.88
CA SER L 67 26.13 28.68 43.01
C SER L 67 26.23 29.51 41.72
N THR L 68 27.26 29.25 40.88
CA THR L 68 27.31 29.82 39.53
C THR L 68 26.11 29.37 38.71
N ASP L 69 25.79 28.10 38.74
CA ASP L 69 24.61 27.62 38.01
C ASP L 69 23.37 28.35 38.50
N VAL L 70 23.25 28.46 39.82
CA VAL L 70 22.01 29.01 40.41
C VAL L 70 21.84 30.46 40.01
N HIS L 71 22.90 31.23 40.09
CA HIS L 71 22.86 32.68 39.78
C HIS L 71 22.56 32.96 38.31
N VAL L 72 23.17 32.19 37.41
CA VAL L 72 22.88 32.37 35.98
C VAL L 72 21.45 31.92 35.71
N PHE L 73 21.08 30.81 36.35
CA PHE L 73 19.73 30.27 36.16
C PHE L 73 18.62 31.23 36.54
N GLU L 74 18.78 31.93 37.67
CA GLU L 74 17.80 32.88 38.17
C GLU L 74 17.49 33.98 37.15
N VAL L 75 18.50 34.38 36.38
CA VAL L 75 18.36 35.40 35.37
C VAL L 75 17.91 34.78 34.03
N ALA L 76 18.54 33.67 33.67
CA ALA L 76 18.28 33.02 32.39
C ALA L 76 16.86 32.43 32.23
N LEU L 77 16.29 31.85 33.29
CA LEU L 77 14.96 31.22 33.19
C LEU L 77 13.89 32.23 32.68
N PRO L 78 13.73 33.34 33.40
CA PRO L 78 12.78 34.35 32.88
C PRO L 78 13.12 34.91 31.49
N LEU L 79 14.40 35.09 31.20
CA LEU L 79 14.79 35.57 29.88
C LEU L 79 14.48 34.55 28.78
N ILE L 80 14.84 33.27 28.97
CA ILE L 80 14.40 32.22 28.02
C ILE L 80 12.87 32.11 27.97
N LYS L 81 12.18 32.28 29.08
CA LYS L 81 10.71 32.26 29.06
C LYS L 81 10.13 33.40 28.22
N ASP L 82 10.73 34.58 28.38
CA ASP L 82 10.44 35.77 27.59
C ASP L 82 10.56 35.46 26.08
N LEU L 83 11.68 34.86 25.69
CA LEU L 83 11.94 34.57 24.27
C LEU L 83 10.90 33.64 23.64
N VAL L 84 10.60 32.54 24.31
CA VAL L 84 9.58 31.60 23.83
C VAL L 84 8.20 32.27 23.70
N ALA L 85 7.81 33.03 24.72
CA ALA L 85 6.57 33.81 24.68
C ALA L 85 6.57 34.79 23.53
N SER L 86 7.73 35.39 23.26
CA SER L 86 7.89 36.42 22.23
C SER L 86 8.07 35.83 20.82
N SER L 87 8.09 34.51 20.74
CA SER L 87 8.65 33.81 19.59
C SER L 87 7.76 33.75 18.34
N LYS L 88 8.37 34.04 17.19
CA LYS L 88 7.68 33.89 15.90
C LYS L 88 7.66 32.42 15.42
N ASP L 89 8.46 31.57 16.04
CA ASP L 89 8.38 30.13 15.79
C ASP L 89 9.02 29.41 16.95
N VAL L 90 8.18 28.89 17.83
CA VAL L 90 8.69 28.24 19.03
C VAL L 90 9.74 27.18 18.72
N LYS L 91 9.49 26.35 17.70
CA LYS L 91 10.44 25.27 17.41
C LYS L 91 11.87 25.77 17.15
N SER L 92 11.97 26.84 16.37
CA SER L 92 13.26 27.35 16.02
C SER L 92 13.90 27.97 17.28
N THR L 93 13.06 28.48 18.20
CA THR L 93 13.56 28.95 19.48
C THR L 93 14.15 27.80 20.30
N TYR L 94 13.40 26.71 20.41
CA TYR L 94 13.87 25.52 21.14
C TYR L 94 15.23 25.05 20.61
N THR L 95 15.31 24.96 19.28
CA THR L 95 16.49 24.44 18.59
C THR L 95 17.71 25.35 18.81
N THR L 96 17.44 26.65 18.98
CA THR L 96 18.48 27.65 19.12
C THR L 96 19.07 27.62 20.54
N TYR L 97 18.33 27.14 21.52
CA TYR L 97 18.75 27.13 22.92
C TYR L 97 18.66 25.75 23.56
N ARG L 98 18.98 24.74 22.76
CA ARG L 98 18.81 23.37 23.15
C ARG L 98 19.48 22.98 24.49
N HIS L 99 20.70 23.44 24.68
CA HIS L 99 21.55 23.04 25.79
C HIS L 99 21.16 23.83 27.03
N ILE L 100 20.77 25.10 26.83
CA ILE L 100 20.22 25.86 27.92
C ILE L 100 18.94 25.17 28.42
N LEU L 101 18.07 24.74 27.52
CA LEU L 101 16.82 24.08 27.88
C LEU L 101 17.03 22.80 28.66
N ARG L 102 18.03 22.00 28.28
CA ARG L 102 18.36 20.77 29.03
C ARG L 102 18.71 21.16 30.46
N TRP L 103 19.57 22.16 30.59
CA TRP L 103 20.04 22.61 31.90
C TRP L 103 18.92 23.30 32.71
N ILE L 104 18.07 24.07 32.04
CA ILE L 104 16.93 24.68 32.72
C ILE L 104 16.00 23.63 33.28
N ASP L 105 15.78 22.56 32.50
CA ASP L 105 14.86 21.50 32.90
C ASP L 105 15.38 20.83 34.18
N TYR L 106 16.69 20.62 34.25
CA TYR L 106 17.40 20.13 35.44
C TYR L 106 17.25 21.11 36.61
N MET L 107 17.65 22.36 36.39
CA MET L 107 17.75 23.32 37.49
C MET L 107 16.39 23.65 38.09
N GLN L 108 15.38 23.77 37.25
CA GLN L 108 14.06 24.10 37.76
C GLN L 108 13.39 22.94 38.51
N ASN L 109 13.71 21.70 38.15
CA ASN L 109 13.26 20.55 38.94
C ASN L 109 14.07 20.46 40.23
N LEU L 110 15.38 20.65 40.14
CA LEU L 110 16.23 20.52 41.31
C LEU L 110 15.85 21.54 42.37
N LEU L 111 15.71 22.80 41.93
CA LEU L 111 15.37 23.90 42.81
C LEU L 111 13.88 24.01 43.12
N GLU L 112 13.07 23.07 42.62
CA GLU L 112 11.63 23.01 42.89
C GLU L 112 10.86 24.30 42.55
N VAL L 113 11.16 24.84 41.38
CA VAL L 113 10.50 26.06 40.88
C VAL L 113 9.00 25.82 40.72
N SER L 114 8.20 26.82 41.14
CA SER L 114 6.74 26.80 40.99
C SER L 114 6.29 26.30 39.62
N SER L 115 5.21 25.52 39.63
CA SER L 115 4.65 24.94 38.42
C SER L 115 4.26 26.02 37.42
N THR L 116 3.70 27.13 37.92
CA THR L 116 3.37 28.27 37.05
C THR L 116 4.67 28.97 36.59
N ASP L 117 5.71 29.00 37.44
CA ASP L 117 6.97 29.70 37.10
C ASP L 117 7.87 28.90 36.18
N LYS L 118 7.63 27.58 36.06
CA LYS L 118 8.49 26.69 35.26
C LYS L 118 8.37 26.99 33.77
N LEU L 119 9.47 26.80 33.03
CA LEU L 119 9.41 26.74 31.58
C LEU L 119 8.88 25.36 31.21
N GLU L 120 7.82 25.32 30.41
CA GLU L 120 7.34 24.05 29.84
C GLU L 120 8.42 23.51 28.91
N ILE L 121 8.98 22.36 29.27
CA ILE L 121 10.09 21.76 28.52
C ILE L 121 9.65 21.35 27.10
N ASN L 122 8.54 20.61 27.02
CA ASN L 122 7.98 20.23 25.72
C ASN L 122 8.95 19.33 24.94
N MET M 3 -11.36 19.45 -41.94
CA MET M 3 -10.05 18.74 -42.13
C MET M 3 -8.81 19.65 -41.95
N SER M 4 -9.01 20.97 -41.80
CA SER M 4 -7.97 21.94 -42.12
C SER M 4 -6.71 21.80 -41.25
N ASP M 5 -5.53 21.93 -41.86
CA ASP M 5 -4.26 21.90 -41.14
C ASP M 5 -4.11 23.09 -40.18
N LEU M 6 -4.43 24.28 -40.69
CA LEU M 6 -4.30 25.52 -39.91
C LEU M 6 -5.29 25.60 -38.75
N VAL M 7 -6.53 25.20 -38.99
CA VAL M 7 -7.52 25.15 -37.91
C VAL M 7 -7.10 24.15 -36.80
N THR M 8 -6.57 22.99 -37.21
CA THR M 8 -6.07 21.97 -36.28
C THR M 8 -4.93 22.49 -35.41
N LYS M 9 -3.92 23.06 -36.06
CA LYS M 9 -2.72 23.53 -35.37
C LYS M 9 -3.03 24.76 -34.53
N PHE M 10 -4.04 25.53 -34.92
CA PHE M 10 -4.55 26.63 -34.08
C PHE M 10 -5.19 26.10 -32.79
N GLU M 11 -5.60 24.83 -32.80
CA GLU M 11 -6.13 24.23 -31.57
C GLU M 11 -5.06 23.49 -30.77
N SER M 12 -4.01 22.98 -31.44
CA SER M 12 -2.81 22.57 -30.72
C SER M 12 -2.33 23.73 -29.84
N LEU M 13 -2.87 24.91 -30.12
CA LEU M 13 -2.64 26.14 -29.39
C LEU M 13 -3.83 26.54 -28.53
N ILE M 14 -4.99 26.66 -29.18
CA ILE M 14 -5.94 27.69 -28.85
C ILE M 14 -5.37 28.49 -27.67
N ILE M 15 -4.36 29.30 -28.02
CA ILE M 15 -3.47 30.00 -27.11
C ILE M 15 -2.65 29.06 -26.20
N TYR M 18 -6.17 29.19 -23.02
CA TYR M 18 -5.92 29.88 -21.75
C TYR M 18 -6.12 31.37 -21.94
N PRO M 19 -7.02 31.98 -21.15
CA PRO M 19 -7.27 33.40 -21.34
C PRO M 19 -6.00 34.26 -21.31
N VAL M 20 -5.97 35.31 -22.09
CA VAL M 20 -4.78 36.16 -22.14
C VAL M 20 -4.44 36.72 -20.74
N SER M 21 -5.44 36.80 -19.86
CA SER M 21 -5.28 37.29 -18.49
C SER M 21 -4.76 36.22 -17.52
N PHE M 22 -4.53 35.02 -18.00
CA PHE M 22 -4.21 33.87 -17.12
C PHE M 22 -2.88 34.14 -16.46
N THR M 23 -2.82 34.04 -15.14
CA THR M 23 -1.64 34.38 -14.38
C THR M 23 -0.75 33.15 -14.09
N LYS M 24 0.46 33.42 -13.60
CA LYS M 24 1.43 32.38 -13.29
C LYS M 24 0.92 31.51 -12.15
N GLU M 25 0.25 32.16 -11.21
CA GLU M 25 -0.43 31.55 -10.08
C GLU M 25 -1.52 30.58 -10.52
N GLN M 26 -2.36 31.06 -11.44
CA GLN M 26 -3.43 30.25 -11.99
C GLN M 26 -2.84 29.04 -12.71
N SER M 27 -1.80 29.26 -13.49
CA SER M 27 -1.13 28.17 -14.17
C SER M 27 -0.60 27.14 -13.17
N ALA M 28 0.07 27.61 -12.12
CA ALA M 28 0.63 26.72 -11.11
C ALA M 28 -0.44 25.93 -10.40
N GLN M 29 -1.56 26.57 -10.11
CA GLN M 29 -2.70 25.86 -9.54
C GLN M 29 -3.32 24.83 -10.49
N ALA M 30 -3.40 25.13 -11.79
CA ALA M 30 -3.94 24.19 -12.79
C ALA M 30 -3.07 22.94 -12.83
N ALA M 31 -1.76 23.19 -12.82
CA ALA M 31 -0.75 22.13 -12.87
C ALA M 31 -0.83 21.22 -11.64
N GLN M 32 -1.09 21.83 -10.49
CA GLN M 32 -1.19 21.11 -9.23
C GLN M 32 -2.41 20.19 -9.25
N TRP M 33 -3.53 20.70 -9.75
CA TRP M 33 -4.73 19.87 -9.90
C TRP M 33 -4.58 18.78 -10.95
N GLU M 34 -3.89 19.05 -12.05
CA GLU M 34 -3.67 17.96 -13.02
C GLU M 34 -2.84 16.83 -12.40
N SER M 35 -1.86 17.15 -11.56
CA SER M 35 -1.06 16.07 -10.98
C SER M 35 -1.92 15.29 -9.98
N VAL M 36 -2.74 15.99 -9.19
CA VAL M 36 -3.72 15.31 -8.34
C VAL M 36 -4.54 14.29 -9.16
N LEU M 37 -5.00 14.71 -10.33
CA LEU M 37 -5.87 13.91 -11.19
C LEU M 37 -5.14 12.69 -11.75
N LYS M 38 -3.97 12.90 -12.33
CA LYS M 38 -3.23 11.76 -12.90
C LYS M 38 -2.78 10.74 -11.85
N SER M 39 -2.69 11.18 -10.60
CA SER M 39 -2.31 10.32 -9.47
C SER M 39 -3.50 9.62 -8.83
N GLY M 40 -4.71 9.91 -9.31
CA GLY M 40 -5.92 9.33 -8.73
C GLY M 40 -6.20 9.80 -7.30
N GLN M 41 -5.67 10.97 -6.92
CA GLN M 41 -5.78 11.44 -5.51
C GLN M 41 -6.85 12.51 -5.27
N ILE M 42 -7.90 12.55 -6.06
CA ILE M 42 -8.95 13.56 -5.83
C ILE M 42 -9.55 13.38 -4.44
N GLN M 43 -9.88 12.15 -4.04
CA GLN M 43 -10.59 11.96 -2.76
C GLN M 43 -9.98 12.68 -1.54
N PRO M 44 -8.70 12.42 -1.22
CA PRO M 44 -8.12 13.17 -0.08
C PRO M 44 -7.90 14.67 -0.31
N HIS M 45 -8.14 15.16 -1.51
CA HIS M 45 -8.04 16.57 -1.82
C HIS M 45 -9.42 17.23 -1.84
N LEU M 46 -10.47 16.49 -1.45
CA LEU M 46 -11.81 17.07 -1.47
C LEU M 46 -11.95 18.24 -0.52
N ASP M 47 -11.39 18.13 0.68
CA ASP M 47 -11.53 19.24 1.64
C ASP M 47 -10.86 20.48 1.10
N GLN M 48 -9.73 20.32 0.42
CA GLN M 48 -9.07 21.45 -0.23
C GLN M 48 -9.89 22.01 -1.37
N LEU M 49 -10.46 21.14 -2.19
CA LEU M 49 -11.30 21.60 -3.29
C LEU M 49 -12.49 22.38 -2.76
N ASN M 50 -13.13 21.90 -1.68
CA ASN M 50 -14.24 22.63 -1.09
C ASN M 50 -13.79 24.00 -0.57
N LEU M 51 -12.56 24.12 -0.06
CA LEU M 51 -12.07 25.41 0.45
C LEU M 51 -11.77 26.35 -0.72
N VAL M 52 -11.21 25.82 -1.79
CA VAL M 52 -10.94 26.66 -2.94
C VAL M 52 -12.23 27.27 -3.49
N LEU M 53 -13.23 26.39 -3.62
CA LEU M 53 -14.54 26.76 -4.18
C LEU M 53 -15.39 27.65 -3.28
N ARG M 54 -15.06 27.68 -1.99
CA ARG M 54 -15.69 28.68 -1.11
C ARG M 54 -15.39 30.09 -1.59
N ASP M 55 -14.15 30.33 -1.95
CA ASP M 55 -13.67 31.69 -2.29
C ASP M 55 -13.55 32.03 -3.78
N ASN M 56 -13.75 31.02 -4.63
CA ASN M 56 -13.60 31.11 -6.07
C ASN M 56 -14.74 30.42 -6.82
N THR M 57 -15.33 31.13 -7.76
CA THR M 57 -16.39 30.61 -8.56
C THR M 57 -15.99 29.30 -9.25
N PHE M 58 -14.83 29.26 -9.91
CA PHE M 58 -14.34 28.05 -10.58
C PHE M 58 -12.95 27.78 -10.07
N ILE M 59 -12.43 26.60 -10.35
CA ILE M 59 -11.31 26.08 -9.58
C ILE M 59 -10.03 26.90 -9.69
N VAL M 60 -9.75 27.44 -10.88
CA VAL M 60 -8.56 28.25 -11.10
C VAL M 60 -8.87 29.73 -11.21
N SER M 61 -9.93 30.19 -10.54
CA SER M 61 -10.29 31.63 -10.46
C SER M 61 -10.54 32.34 -11.77
N THR M 62 -11.18 31.66 -12.69
CA THR M 62 -11.45 32.20 -14.01
C THR M 62 -12.89 32.63 -14.04
N LEU M 63 -13.27 33.38 -15.09
CA LEU M 63 -14.65 33.85 -15.26
C LEU M 63 -15.55 32.88 -16.04
N TYR M 64 -14.92 31.89 -16.68
CA TYR M 64 -15.58 30.77 -17.33
C TYR M 64 -14.85 29.56 -16.81
N PRO M 65 -15.53 28.42 -16.71
CA PRO M 65 -14.83 27.18 -16.37
C PRO M 65 -13.68 26.86 -17.35
N THR M 66 -12.63 26.19 -16.84
CA THR M 66 -11.52 25.79 -17.63
C THR M 66 -11.54 24.27 -17.80
N SER M 67 -10.64 23.74 -18.61
CA SER M 67 -10.52 22.29 -18.70
C SER M 67 -10.21 21.65 -17.32
N THR M 68 -9.54 22.38 -16.42
CA THR M 68 -9.29 21.90 -15.03
C THR M 68 -10.58 21.60 -14.26
N ASP M 69 -11.57 22.47 -14.41
CA ASP M 69 -12.88 22.27 -13.79
C ASP M 69 -13.55 21.07 -14.42
N VAL M 70 -13.35 20.82 -15.70
CA VAL M 70 -14.00 19.67 -16.34
C VAL M 70 -13.42 18.33 -15.84
N HIS M 71 -12.09 18.24 -15.88
CA HIS M 71 -11.36 17.07 -15.46
C HIS M 71 -11.64 16.73 -14.01
N VAL M 72 -11.66 17.75 -13.15
CA VAL M 72 -11.92 17.53 -11.73
C VAL M 72 -13.40 17.13 -11.56
N PHE M 73 -14.31 17.84 -12.26
CA PHE M 73 -15.74 17.55 -12.18
C PHE M 73 -16.06 16.12 -12.53
N GLU M 74 -15.35 15.61 -13.54
CA GLU M 74 -15.49 14.24 -14.03
C GLU M 74 -15.19 13.18 -12.98
N VAL M 75 -14.32 13.49 -12.02
CA VAL M 75 -13.98 12.58 -10.95
C VAL M 75 -14.79 12.87 -9.68
N ALA M 76 -15.05 14.14 -9.43
CA ALA M 76 -15.69 14.62 -8.20
C ALA M 76 -17.17 14.23 -8.18
N LEU M 77 -17.88 14.44 -9.29
CA LEU M 77 -19.28 14.01 -9.42
C LEU M 77 -19.53 12.55 -9.01
N PRO M 78 -18.93 11.57 -9.70
CA PRO M 78 -19.12 10.20 -9.21
C PRO M 78 -18.71 9.98 -7.75
N LEU M 79 -17.62 10.61 -7.34
CA LEU M 79 -17.12 10.48 -5.97
C LEU M 79 -18.10 11.03 -4.94
N ILE M 80 -18.60 12.25 -5.20
CA ILE M 80 -19.55 12.86 -4.28
C ILE M 80 -20.83 12.03 -4.27
N LYS M 81 -21.32 11.61 -5.44
CA LYS M 81 -22.49 10.71 -5.50
C LYS M 81 -22.31 9.47 -4.62
N ASP M 82 -21.10 8.89 -4.66
CA ASP M 82 -20.73 7.71 -3.86
C ASP M 82 -20.71 8.01 -2.35
N LEU M 83 -20.15 9.18 -1.99
CA LEU M 83 -20.10 9.61 -0.59
C LEU M 83 -21.50 9.85 -0.03
N VAL M 84 -22.31 10.59 -0.79
CA VAL M 84 -23.72 10.78 -0.43
C VAL M 84 -24.50 9.44 -0.32
N ALA M 85 -24.21 8.48 -1.20
CA ALA M 85 -24.83 7.15 -1.10
C ALA M 85 -24.37 6.36 0.12
N SER M 86 -23.08 6.36 0.40
CA SER M 86 -22.54 5.53 1.50
C SER M 86 -22.45 6.33 2.82
N SER M 87 -23.04 7.52 2.85
CA SER M 87 -22.95 8.44 4.00
C SER M 87 -23.67 7.91 5.26
N LYS M 88 -23.14 8.23 6.43
CA LYS M 88 -23.83 7.92 7.69
C LYS M 88 -24.89 8.98 8.02
N ASP M 89 -24.77 10.17 7.45
CA ASP M 89 -25.78 11.20 7.61
C ASP M 89 -25.66 12.20 6.44
N VAL M 90 -26.73 12.32 5.64
CA VAL M 90 -26.66 13.05 4.38
C VAL M 90 -26.61 14.57 4.56
N LYS M 91 -27.35 15.13 5.53
CA LYS M 91 -27.25 16.58 5.77
C LYS M 91 -25.82 16.96 6.17
N SER M 92 -25.15 16.10 6.93
CA SER M 92 -23.76 16.33 7.34
C SER M 92 -22.80 16.26 6.16
N THR M 93 -23.09 15.36 5.22
CA THR M 93 -22.32 15.34 3.97
C THR M 93 -22.53 16.63 3.15
N TYR M 94 -23.79 16.97 2.88
CA TYR M 94 -24.10 18.21 2.16
C TYR M 94 -23.46 19.45 2.78
N THR M 95 -23.46 19.55 4.11
CA THR M 95 -22.89 20.67 4.80
C THR M 95 -21.35 20.64 4.77
N THR M 96 -20.78 19.46 4.68
CA THR M 96 -19.32 19.32 4.65
C THR M 96 -18.73 19.71 3.26
N TYR M 97 -19.54 19.61 2.21
CA TYR M 97 -19.09 19.91 0.87
C TYR M 97 -19.96 20.93 0.19
N ARG M 98 -20.37 21.96 0.91
CA ARG M 98 -21.31 22.96 0.37
C ARG M 98 -20.81 23.62 -0.93
N HIS M 99 -19.52 23.86 -1.02
CA HIS M 99 -18.99 24.68 -2.11
C HIS M 99 -18.74 23.81 -3.32
N ILE M 100 -18.26 22.59 -3.10
CA ILE M 100 -18.25 21.63 -4.20
C ILE M 100 -19.66 21.48 -4.76
N LEU M 101 -20.66 21.45 -3.90
CA LEU M 101 -22.03 21.24 -4.35
C LEU M 101 -22.55 22.38 -5.19
N ARG M 102 -22.27 23.60 -4.78
CA ARG M 102 -22.58 24.78 -5.60
C ARG M 102 -22.05 24.60 -7.04
N TRP M 103 -20.76 24.25 -7.11
CA TRP M 103 -20.01 24.12 -8.37
C TRP M 103 -20.46 22.89 -9.17
N ILE M 104 -20.72 21.77 -8.48
CA ILE M 104 -21.27 20.56 -9.17
C ILE M 104 -22.62 20.84 -9.80
N ASP M 105 -23.48 21.54 -9.07
CA ASP M 105 -24.77 21.98 -9.59
C ASP M 105 -24.56 22.79 -10.88
N TYR M 106 -23.67 23.77 -10.82
CA TYR M 106 -23.35 24.60 -12.00
C TYR M 106 -22.87 23.77 -13.17
N MET M 107 -21.84 22.98 -12.91
CA MET M 107 -21.15 22.17 -13.92
C MET M 107 -21.99 21.11 -14.57
N GLN M 108 -22.81 20.41 -13.80
CA GLN M 108 -23.65 19.36 -14.36
C GLN M 108 -24.79 19.90 -15.23
N ASN M 109 -25.24 21.12 -14.91
CA ASN M 109 -26.21 21.86 -15.74
C ASN M 109 -25.56 22.40 -17.02
N LEU M 110 -24.39 23.00 -16.86
CA LEU M 110 -23.64 23.57 -17.98
C LEU M 110 -23.33 22.49 -19.02
N LEU M 111 -22.71 21.40 -18.55
CA LEU M 111 -22.34 20.27 -19.40
C LEU M 111 -23.47 19.29 -19.70
N GLU M 112 -24.71 19.69 -19.37
CA GLU M 112 -25.91 18.92 -19.66
C GLU M 112 -25.76 17.43 -19.34
N VAL M 113 -25.22 17.17 -18.15
CA VAL M 113 -25.14 15.83 -17.58
C VAL M 113 -26.54 15.21 -17.56
N SER M 114 -26.62 13.92 -17.85
CA SER M 114 -27.91 13.25 -17.95
C SER M 114 -28.66 13.36 -16.62
N SER M 115 -29.95 13.70 -16.71
CA SER M 115 -30.85 13.70 -15.56
C SER M 115 -31.00 12.27 -15.01
N THR M 116 -29.98 11.81 -14.30
CA THR M 116 -29.81 10.40 -13.92
C THR M 116 -28.38 10.26 -13.42
N ASP M 117 -27.43 10.74 -14.22
CA ASP M 117 -26.03 10.86 -13.82
C ASP M 117 -25.87 12.04 -12.86
N LYS M 118 -26.72 13.05 -13.01
CA LYS M 118 -26.70 14.25 -12.17
C LYS M 118 -26.74 13.95 -10.67
N LEU M 119 -26.30 14.92 -9.88
CA LEU M 119 -26.37 14.79 -8.42
C LEU M 119 -27.63 15.48 -7.92
N GLU M 120 -28.31 14.83 -6.97
CA GLU M 120 -29.45 15.39 -6.27
C GLU M 120 -29.16 16.64 -5.43
N ILE M 121 -29.78 17.75 -5.83
CA ILE M 121 -30.24 18.81 -4.89
C ILE M 121 -30.62 20.09 -5.64
N MET N 3 -26.59 3.76 30.00
CA MET N 3 -27.46 4.68 30.80
C MET N 3 -27.58 4.29 32.27
N SER N 4 -28.16 5.19 33.03
CA SER N 4 -29.25 4.88 33.93
C SER N 4 -29.58 6.23 34.50
N ASP N 5 -30.84 6.44 34.81
CA ASP N 5 -31.23 7.61 35.58
C ASP N 5 -29.99 8.05 36.38
N LEU N 6 -29.41 7.09 37.11
CA LEU N 6 -28.52 7.35 38.23
C LEU N 6 -27.12 7.70 37.78
N VAL N 7 -26.60 6.97 36.81
CA VAL N 7 -25.29 7.29 36.25
C VAL N 7 -25.37 8.67 35.59
N THR N 8 -26.45 8.89 34.83
CA THR N 8 -26.69 10.18 34.21
C THR N 8 -26.81 11.30 35.24
N LYS N 9 -27.73 11.12 36.19
CA LYS N 9 -27.87 12.03 37.33
C LYS N 9 -26.46 12.29 37.87
N PHE N 10 -25.76 11.18 38.19
CA PHE N 10 -24.41 11.29 38.70
C PHE N 10 -23.58 12.22 37.81
N GLU N 11 -23.58 11.96 36.50
CA GLU N 11 -22.78 12.73 35.58
C GLU N 11 -23.29 14.17 35.52
N SER N 12 -24.60 14.35 35.58
CA SER N 12 -25.21 15.68 35.64
C SER N 12 -24.67 16.54 36.76
N LEU N 13 -24.36 15.90 37.88
CA LEU N 13 -24.11 16.62 39.12
C LEU N 13 -22.65 16.89 39.26
N ILE N 14 -21.84 16.04 38.64
CA ILE N 14 -20.54 16.47 38.18
C ILE N 14 -20.67 17.87 37.59
N ILE N 15 -19.61 18.66 37.66
CA ILE N 15 -19.70 20.07 37.37
C ILE N 15 -20.98 20.73 37.84
N SER N 16 -21.92 20.89 36.91
CA SER N 16 -22.99 21.90 37.01
C SER N 16 -23.88 21.41 38.15
N LYS N 17 -23.32 21.14 39.32
CA LYS N 17 -23.86 20.06 40.16
C LYS N 17 -25.20 20.36 40.69
N TYR N 18 -25.91 19.30 41.14
CA TYR N 18 -27.38 19.22 41.30
C TYR N 18 -27.99 18.26 40.24
N PRO N 19 -28.38 17.04 40.66
CA PRO N 19 -28.60 15.94 39.73
C PRO N 19 -29.86 16.10 38.88
N VAL N 20 -29.73 15.81 37.59
CA VAL N 20 -30.84 15.90 36.65
C VAL N 20 -30.77 14.74 35.65
N SER N 21 -31.86 13.99 35.55
CA SER N 21 -31.93 12.86 34.65
C SER N 21 -31.96 13.38 33.22
N PHE N 22 -31.44 12.60 32.28
CA PHE N 22 -31.67 12.86 30.87
C PHE N 22 -33.14 13.06 30.54
N THR N 23 -33.40 13.88 29.53
CA THR N 23 -34.67 13.89 28.83
C THR N 23 -34.70 12.67 27.92
N LYS N 24 -35.86 12.36 27.36
CA LYS N 24 -35.98 11.22 26.45
C LYS N 24 -35.14 11.48 25.19
N GLU N 25 -35.17 12.73 24.71
CA GLU N 25 -34.30 13.17 23.62
C GLU N 25 -32.80 12.95 23.92
N GLN N 26 -32.34 13.42 25.07
CA GLN N 26 -30.92 13.25 25.44
C GLN N 26 -30.52 11.78 25.49
N SER N 27 -31.36 10.93 26.06
CA SER N 27 -30.95 9.56 26.27
C SER N 27 -30.79 8.82 24.94
N ALA N 28 -31.63 9.16 23.97
CA ALA N 28 -31.53 8.58 22.63
C ALA N 28 -30.19 8.96 22.03
N GLN N 29 -29.88 10.25 22.01
CA GLN N 29 -28.61 10.75 21.44
C GLN N 29 -27.47 9.91 21.97
N ALA N 30 -27.42 9.74 23.30
CA ALA N 30 -26.35 9.01 23.97
C ALA N 30 -26.29 7.57 23.51
N ALA N 31 -27.46 6.95 23.37
CA ALA N 31 -27.56 5.60 22.83
C ALA N 31 -26.92 5.52 21.44
N GLN N 32 -27.18 6.52 20.59
CA GLN N 32 -26.66 6.52 19.21
C GLN N 32 -25.14 6.58 19.22
N TRP N 33 -24.58 7.51 20.00
CA TRP N 33 -23.13 7.62 20.11
C TRP N 33 -22.54 6.38 20.76
N GLU N 34 -23.24 5.84 21.77
CA GLU N 34 -22.96 4.51 22.29
C GLU N 34 -23.00 3.53 21.13
N SER N 35 -24.14 3.45 20.43
CA SER N 35 -24.28 2.55 19.26
C SER N 35 -23.06 2.72 18.34
N VAL N 36 -22.75 3.97 18.00
CA VAL N 36 -21.65 4.28 17.10
C VAL N 36 -20.28 3.88 17.69
N LEU N 37 -20.12 4.25 18.98
CA LEU N 37 -18.91 3.93 19.75
C LEU N 37 -18.74 2.40 19.88
N LYS N 38 -19.81 1.73 20.31
CA LYS N 38 -19.80 0.27 20.42
C LYS N 38 -19.35 -0.41 19.13
N SER N 39 -19.66 0.20 17.98
CA SER N 39 -19.50 -0.47 16.68
C SER N 39 -18.27 -0.07 15.84
N GLY N 40 -17.36 0.73 16.40
CA GLY N 40 -16.12 1.09 15.70
C GLY N 40 -16.26 2.07 14.54
N GLN N 41 -17.27 2.92 14.58
CA GLN N 41 -17.62 3.76 13.42
C GLN N 41 -17.41 5.26 13.59
N ILE N 42 -16.46 5.66 14.46
CA ILE N 42 -16.23 7.11 14.73
C ILE N 42 -15.86 7.90 13.48
N GLN N 43 -14.92 7.38 12.69
CA GLN N 43 -14.39 8.10 11.52
C GLN N 43 -15.46 8.52 10.51
N PRO N 44 -16.26 7.55 10.03
CA PRO N 44 -17.43 7.89 9.20
C PRO N 44 -18.50 8.76 9.83
N HIS N 45 -18.54 8.91 11.16
CA HIS N 45 -19.49 9.81 11.81
C HIS N 45 -18.87 11.15 12.18
N LEU N 46 -17.63 11.39 11.72
CA LEU N 46 -16.91 12.61 12.06
C LEU N 46 -17.66 13.82 11.49
N ASP N 47 -18.14 13.73 10.26
CA ASP N 47 -18.91 14.84 9.70
C ASP N 47 -20.16 15.13 10.54
N GLN N 48 -20.84 14.08 10.95
CA GLN N 48 -22.04 14.24 11.78
C GLN N 48 -21.75 14.81 13.13
N LEU N 49 -20.66 14.39 13.75
CA LEU N 49 -20.20 14.97 15.03
C LEU N 49 -19.97 16.46 14.90
N ASN N 50 -19.32 16.82 13.80
CA ASN N 50 -19.04 18.18 13.51
C ASN N 50 -20.33 18.96 13.39
N LEU N 51 -21.34 18.42 12.73
CA LEU N 51 -22.60 19.16 12.57
C LEU N 51 -23.36 19.30 13.92
N VAL N 52 -23.39 18.24 14.71
CA VAL N 52 -23.97 18.29 16.05
C VAL N 52 -23.34 19.40 16.87
N LEU N 53 -22.01 19.41 16.86
CA LEU N 53 -21.26 20.37 17.62
C LEU N 53 -21.37 21.80 17.09
N ARG N 54 -21.82 21.96 15.85
CA ARG N 54 -22.04 23.32 15.34
C ARG N 54 -23.06 24.02 16.19
N ASP N 55 -24.11 23.28 16.56
CA ASP N 55 -25.27 23.86 17.18
C ASP N 55 -25.45 23.43 18.62
N ASN N 56 -24.59 22.56 19.12
CA ASN N 56 -24.64 22.16 20.52
C ASN N 56 -23.28 22.24 21.14
N THR N 57 -23.22 22.75 22.38
CA THR N 57 -21.95 22.91 23.07
C THR N 57 -21.31 21.54 23.33
N PHE N 58 -22.11 20.58 23.79
CA PHE N 58 -21.68 19.21 24.11
C PHE N 58 -22.47 18.18 23.29
N ILE N 59 -21.98 16.94 23.18
CA ILE N 59 -22.52 16.00 22.18
C ILE N 59 -24.02 15.65 22.40
N VAL N 60 -24.36 15.25 23.62
CA VAL N 60 -25.75 15.07 24.04
C VAL N 60 -26.22 16.46 24.36
N SER N 61 -27.47 16.70 24.69
CA SER N 61 -27.84 18.09 24.71
C SER N 61 -27.72 18.81 26.04
N THR N 62 -26.53 18.72 26.62
CA THR N 62 -26.36 18.95 28.05
C THR N 62 -25.72 20.30 28.34
N LEU N 63 -25.86 20.72 29.60
CA LEU N 63 -25.19 21.92 30.10
C LEU N 63 -23.77 21.63 30.58
N TYR N 64 -23.37 20.37 30.54
CA TYR N 64 -22.17 19.91 31.17
C TYR N 64 -21.64 18.84 30.28
N PRO N 65 -20.31 18.69 30.21
CA PRO N 65 -19.82 17.54 29.48
C PRO N 65 -20.24 16.24 30.19
N THR N 66 -20.43 15.17 29.42
CA THR N 66 -20.88 13.87 29.93
C THR N 66 -19.83 12.83 29.60
N SER N 67 -20.03 11.59 30.05
CA SER N 67 -19.12 10.51 29.72
C SER N 67 -19.15 10.21 28.22
N THR N 68 -20.29 10.44 27.58
CA THR N 68 -20.40 10.34 26.13
C THR N 68 -19.43 11.28 25.42
N ASP N 69 -19.28 12.49 25.95
CA ASP N 69 -18.32 13.45 25.42
C ASP N 69 -16.92 12.86 25.57
N VAL N 70 -16.61 12.44 26.79
CA VAL N 70 -15.31 11.88 27.09
C VAL N 70 -14.97 10.67 26.23
N HIS N 71 -15.94 9.76 26.07
CA HIS N 71 -15.72 8.52 25.33
C HIS N 71 -15.41 8.78 23.86
N VAL N 72 -16.16 9.71 23.27
CA VAL N 72 -15.94 10.10 21.89
C VAL N 72 -14.65 10.90 21.72
N PHE N 73 -14.40 11.83 22.64
CA PHE N 73 -13.15 12.61 22.65
C PHE N 73 -11.88 11.73 22.76
N GLU N 74 -11.95 10.65 23.52
CA GLU N 74 -10.80 9.74 23.67
C GLU N 74 -10.38 9.12 22.31
N VAL N 75 -11.38 8.87 21.46
CA VAL N 75 -11.17 8.26 20.14
C VAL N 75 -11.01 9.31 19.01
N ALA N 76 -11.75 10.41 19.07
CA ALA N 76 -11.67 11.46 18.04
C ALA N 76 -10.39 12.32 18.14
N LEU N 77 -9.88 12.54 19.36
CA LEU N 77 -8.66 13.30 19.55
C LEU N 77 -7.51 12.73 18.74
N PRO N 78 -7.19 11.43 18.92
CA PRO N 78 -6.07 10.88 18.16
C PRO N 78 -6.35 10.79 16.67
N LEU N 79 -7.61 10.59 16.33
CA LEU N 79 -8.07 10.53 14.94
C LEU N 79 -7.92 11.87 14.23
N ILE N 80 -8.29 12.97 14.91
CA ILE N 80 -8.15 14.28 14.30
C ILE N 80 -6.67 14.64 14.19
N LYS N 81 -5.88 14.42 15.24
CA LYS N 81 -4.42 14.67 15.17
C LYS N 81 -3.80 13.93 13.99
N ASP N 82 -4.36 12.78 13.63
CA ASP N 82 -3.91 12.01 12.46
C ASP N 82 -4.25 12.69 11.15
N LEU N 83 -5.48 13.17 11.00
CA LEU N 83 -5.90 13.81 9.75
C LEU N 83 -5.09 15.06 9.51
N VAL N 84 -4.91 15.85 10.57
CA VAL N 84 -4.04 17.01 10.57
C VAL N 84 -2.60 16.62 10.18
N ALA N 85 -2.11 15.52 10.75
CA ALA N 85 -0.76 15.04 10.45
C ALA N 85 -0.59 14.59 9.00
N SER N 86 -1.60 13.88 8.48
CA SER N 86 -1.57 13.32 7.12
C SER N 86 -2.25 14.26 6.09
N SER N 87 -2.45 15.51 6.48
CA SER N 87 -3.28 16.43 5.74
C SER N 87 -2.62 16.89 4.44
N LYS N 88 -3.39 16.92 3.36
CA LYS N 88 -2.96 17.53 2.09
C LYS N 88 -3.11 19.05 2.13
N ASP N 89 -3.77 19.57 3.15
CA ASP N 89 -3.88 21.01 3.36
C ASP N 89 -4.42 21.30 4.77
N VAL N 90 -3.55 21.74 5.66
CA VAL N 90 -3.97 21.82 7.05
C VAL N 90 -5.12 22.81 7.22
N LYS N 91 -5.09 23.96 6.53
CA LYS N 91 -6.20 24.91 6.67
C LYS N 91 -7.54 24.25 6.28
N SER N 92 -7.56 23.48 5.20
CA SER N 92 -8.80 22.86 4.74
C SER N 92 -9.32 21.88 5.78
N THR N 93 -8.40 21.18 6.45
CA THR N 93 -8.80 20.25 7.50
C THR N 93 -9.33 20.96 8.70
N TYR N 94 -8.67 22.02 9.14
CA TYR N 94 -9.19 22.78 10.27
C TYR N 94 -10.58 23.24 9.94
N THR N 95 -10.78 23.75 8.72
CA THR N 95 -12.07 24.34 8.32
C THR N 95 -13.17 23.31 8.20
N THR N 96 -12.81 22.07 7.93
CA THR N 96 -13.75 20.98 7.70
C THR N 96 -14.32 20.44 9.02
N TYR N 97 -13.55 20.59 10.10
CA TYR N 97 -13.90 20.10 11.44
C TYR N 97 -13.88 21.18 12.51
N ARG N 98 -14.27 22.41 12.16
CA ARG N 98 -14.20 23.53 13.09
C ARG N 98 -14.87 23.29 14.45
N HIS N 99 -16.04 22.66 14.43
CA HIS N 99 -16.85 22.50 15.67
C HIS N 99 -16.28 21.39 16.53
N ILE N 100 -15.73 20.36 15.91
CA ILE N 100 -15.01 19.30 16.63
C ILE N 100 -13.78 19.93 17.28
N LEU N 101 -13.14 20.86 16.58
CA LEU N 101 -11.93 21.46 17.10
C LEU N 101 -12.23 22.35 18.31
N ARG N 102 -13.36 23.05 18.29
CA ARG N 102 -13.79 23.86 19.44
C ARG N 102 -13.96 22.98 20.68
N TRP N 103 -14.63 21.85 20.48
CA TRP N 103 -14.95 20.89 21.52
C TRP N 103 -13.73 20.08 22.00
N ILE N 104 -12.82 19.74 21.10
CA ILE N 104 -11.50 19.18 21.50
C ILE N 104 -10.66 20.14 22.34
N ASP N 105 -10.60 21.41 21.95
CA ASP N 105 -9.93 22.41 22.76
C ASP N 105 -10.46 22.35 24.23
N TYR N 106 -11.79 22.35 24.36
CA TYR N 106 -12.49 22.34 25.63
C TYR N 106 -12.10 21.08 26.41
N MET N 107 -12.36 19.94 25.78
CA MET N 107 -12.19 18.65 26.43
C MET N 107 -10.75 18.41 26.86
N GLN N 108 -9.80 18.78 26.01
CA GLN N 108 -8.43 18.52 26.30
C GLN N 108 -7.94 19.45 27.40
N ASN N 109 -8.56 20.61 27.56
CA ASN N 109 -8.29 21.48 28.70
C ASN N 109 -8.97 20.94 29.96
N LEU N 110 -10.21 20.49 29.82
CA LEU N 110 -11.01 20.01 30.94
C LEU N 110 -10.30 18.91 31.64
N LEU N 111 -9.85 17.93 30.85
CA LEU N 111 -9.28 16.68 31.35
C LEU N 111 -7.77 16.78 31.57
N GLU N 112 -7.21 17.99 31.49
CA GLU N 112 -5.77 18.23 31.60
C GLU N 112 -4.95 17.17 30.86
N VAL N 113 -5.27 16.98 29.57
CA VAL N 113 -4.48 16.10 28.70
C VAL N 113 -3.05 16.64 28.61
N SER N 114 -2.11 15.73 28.40
CA SER N 114 -0.69 16.06 28.33
C SER N 114 -0.39 17.02 27.20
N SER N 115 0.66 17.81 27.37
CA SER N 115 1.03 18.79 26.37
C SER N 115 1.36 18.07 25.05
N THR N 116 1.94 16.88 25.16
CA THR N 116 2.33 16.08 24.00
C THR N 116 1.17 15.34 23.33
N ASP N 117 0.13 15.02 24.09
CA ASP N 117 -1.06 14.34 23.57
C ASP N 117 -2.11 15.29 23.01
N LYS N 118 -2.06 16.54 23.45
CA LYS N 118 -2.99 17.56 22.99
C LYS N 118 -2.86 17.77 21.49
N LEU N 119 -3.96 18.23 20.89
CA LEU N 119 -3.94 18.71 19.52
C LEU N 119 -3.50 20.15 19.57
N GLU N 120 -2.57 20.51 18.68
CA GLU N 120 -2.23 21.91 18.41
C GLU N 120 -3.42 22.59 17.79
N ILE N 121 -3.91 23.59 18.50
CA ILE N 121 -5.26 24.12 18.27
C ILE N 121 -5.23 25.46 17.53
N SER O 4 -26.24 53.44 -15.97
CA SER O 4 -24.93 53.39 -15.27
C SER O 4 -23.90 52.76 -16.18
N ASP O 5 -22.62 52.96 -15.94
CA ASP O 5 -21.62 52.32 -16.79
C ASP O 5 -21.57 50.82 -16.56
N LEU O 6 -21.85 50.36 -15.33
CA LEU O 6 -21.72 48.94 -15.06
C LEU O 6 -22.74 48.21 -15.92
N VAL O 7 -23.95 48.75 -15.98
CA VAL O 7 -25.00 48.18 -16.82
C VAL O 7 -24.64 48.33 -18.31
N THR O 8 -24.14 49.50 -18.72
CA THR O 8 -23.73 49.68 -20.12
C THR O 8 -22.68 48.67 -20.52
N LYS O 9 -21.72 48.46 -19.62
CA LYS O 9 -20.64 47.50 -19.79
C LYS O 9 -21.20 46.09 -19.96
N PHE O 10 -22.11 45.72 -19.08
CA PHE O 10 -22.69 44.36 -19.14
C PHE O 10 -23.42 44.17 -20.44
N GLU O 11 -24.18 45.16 -20.86
CA GLU O 11 -24.98 45.01 -22.05
C GLU O 11 -24.15 45.04 -23.36
N SER O 12 -22.89 45.47 -23.27
CA SER O 12 -21.96 45.39 -24.40
C SER O 12 -21.47 43.98 -24.66
N LEU O 13 -21.54 43.11 -23.66
CA LEU O 13 -21.00 41.76 -23.77
C LEU O 13 -22.02 40.80 -24.37
N ILE O 14 -21.58 39.85 -25.20
CA ILE O 14 -22.52 38.84 -25.72
C ILE O 14 -23.12 37.97 -24.63
N ILE O 15 -22.49 37.84 -23.46
CA ILE O 15 -23.08 36.98 -22.44
C ILE O 15 -24.35 37.60 -21.85
N SER O 16 -24.53 38.91 -22.04
CA SER O 16 -25.74 39.59 -21.59
C SER O 16 -26.96 39.23 -22.41
N LYS O 17 -26.74 38.74 -23.63
CA LYS O 17 -27.81 38.38 -24.55
C LYS O 17 -27.79 36.88 -24.74
N TYR O 18 -27.28 36.18 -23.72
CA TYR O 18 -27.35 34.75 -23.65
C TYR O 18 -28.69 34.39 -23.05
N PRO O 19 -29.71 34.47 -23.90
CA PRO O 19 -30.98 33.76 -23.71
C PRO O 19 -30.96 32.74 -22.57
N VAL O 20 -31.49 33.14 -21.43
CA VAL O 20 -32.02 32.19 -20.47
C VAL O 20 -33.55 32.29 -20.62
N SER O 21 -34.28 31.25 -20.23
CA SER O 21 -35.72 31.36 -20.05
C SER O 21 -35.92 31.18 -18.58
N PHE O 22 -36.28 32.24 -17.88
CA PHE O 22 -36.49 32.13 -16.44
C PHE O 22 -37.63 31.16 -16.14
N THR O 23 -37.37 30.26 -15.20
CA THR O 23 -38.36 29.44 -14.54
C THR O 23 -39.22 30.37 -13.66
N LYS O 24 -40.34 29.87 -13.19
CA LYS O 24 -41.21 30.70 -12.37
C LYS O 24 -40.42 31.17 -11.16
N GLU O 25 -39.57 30.32 -10.59
CA GLU O 25 -38.86 30.66 -9.38
C GLU O 25 -37.81 31.73 -9.65
N GLN O 26 -37.05 31.58 -10.75
CA GLN O 26 -36.09 32.60 -11.19
C GLN O 26 -36.72 33.99 -11.41
N SER O 27 -37.91 34.01 -12.03
CA SER O 27 -38.70 35.24 -12.27
C SER O 27 -39.01 35.92 -10.91
N ALA O 28 -39.43 35.11 -9.94
CA ALA O 28 -39.80 35.64 -8.63
C ALA O 28 -38.57 36.19 -7.87
N GLN O 29 -37.46 35.47 -7.91
CA GLN O 29 -36.19 35.91 -7.36
C GLN O 29 -35.74 37.21 -8.01
N ALA O 30 -35.87 37.31 -9.35
CA ALA O 30 -35.46 38.51 -10.04
C ALA O 30 -36.32 39.69 -9.60
N ALA O 31 -37.64 39.49 -9.50
CA ALA O 31 -38.57 40.53 -9.05
C ALA O 31 -38.34 40.94 -7.60
N GLN O 32 -38.00 39.97 -6.74
CA GLN O 32 -37.64 40.23 -5.35
C GLN O 32 -36.47 41.22 -5.28
N TRP O 33 -35.38 40.92 -5.95
CA TRP O 33 -34.20 41.79 -5.94
C TRP O 33 -34.50 43.18 -6.55
N GLU O 34 -35.28 43.23 -7.62
CA GLU O 34 -35.78 44.50 -8.16
C GLU O 34 -36.54 45.34 -7.12
N SER O 35 -37.32 44.70 -6.28
CA SER O 35 -38.10 45.39 -5.27
C SER O 35 -37.21 45.97 -4.15
N VAL O 36 -36.26 45.17 -3.71
CA VAL O 36 -35.23 45.56 -2.76
C VAL O 36 -34.40 46.74 -3.29
N LEU O 37 -34.00 46.64 -4.56
CA LEU O 37 -33.21 47.70 -5.18
C LEU O 37 -34.01 48.99 -5.23
N LYS O 38 -35.25 48.89 -5.66
CA LYS O 38 -36.15 50.06 -5.81
C LYS O 38 -36.46 50.76 -4.47
N SER O 39 -36.59 49.97 -3.42
CA SER O 39 -36.83 50.46 -2.04
C SER O 39 -35.59 51.11 -1.42
N GLY O 40 -34.45 50.87 -2.04
CA GLY O 40 -33.15 51.25 -1.50
C GLY O 40 -32.75 50.46 -0.27
N GLN O 41 -33.12 49.17 -0.23
CA GLN O 41 -32.96 48.35 0.98
C GLN O 41 -31.95 47.25 0.82
N ILE O 42 -30.94 47.46 0.01
CA ILE O 42 -29.95 46.41 -0.13
C ILE O 42 -29.31 46.08 1.21
N GLN O 43 -29.08 47.08 2.05
CA GLN O 43 -28.32 46.78 3.28
C GLN O 43 -29.00 45.78 4.20
N PRO O 44 -30.28 45.98 4.54
CA PRO O 44 -31.03 44.97 5.30
C PRO O 44 -31.04 43.57 4.65
N HIS O 45 -30.80 43.48 3.35
CA HIS O 45 -30.88 42.20 2.64
C HIS O 45 -29.51 41.57 2.33
N LEU O 46 -28.42 42.14 2.84
CA LEU O 46 -27.10 41.52 2.62
C LEU O 46 -26.97 40.08 3.17
N ASP O 47 -27.48 39.78 4.37
CA ASP O 47 -27.46 38.39 4.89
C ASP O 47 -28.16 37.40 3.95
N GLN O 48 -29.34 37.80 3.52
CA GLN O 48 -30.08 37.06 2.54
C GLN O 48 -29.26 36.88 1.25
N LEU O 49 -28.57 37.92 0.80
CA LEU O 49 -27.80 37.82 -0.45
C LEU O 49 -26.67 36.81 -0.30
N ASN O 50 -26.00 36.87 0.85
CA ASN O 50 -24.94 35.93 1.17
C ASN O 50 -25.44 34.49 1.25
N LEU O 51 -26.67 34.27 1.77
CA LEU O 51 -27.19 32.91 1.87
C LEU O 51 -27.53 32.39 0.47
N VAL O 52 -28.12 33.23 -0.38
CA VAL O 52 -28.40 32.83 -1.75
C VAL O 52 -27.09 32.39 -2.42
N LEU O 53 -26.10 33.25 -2.31
CA LEU O 53 -24.84 33.02 -3.07
C LEU O 53 -24.01 31.86 -2.52
N ARG O 54 -24.32 31.39 -1.30
CA ARG O 54 -23.68 30.19 -0.77
C ARG O 54 -23.90 28.99 -1.68
N ASP O 55 -25.12 28.82 -2.15
CA ASP O 55 -25.51 27.60 -2.86
C ASP O 55 -25.76 27.84 -4.33
N ASN O 56 -25.65 29.11 -4.75
CA ASN O 56 -25.83 29.47 -6.15
C ASN O 56 -24.67 30.31 -6.67
N THR O 57 -24.10 29.93 -7.82
CA THR O 57 -23.03 30.71 -8.46
C THR O 57 -23.39 32.19 -8.73
N PHE O 58 -24.57 32.38 -9.31
CA PHE O 58 -25.12 33.74 -9.57
C PHE O 58 -26.50 33.86 -8.92
N ILE O 59 -26.92 35.10 -8.74
CA ILE O 59 -28.06 35.43 -7.88
C ILE O 59 -29.32 34.66 -8.23
N VAL O 60 -29.62 34.56 -9.53
CA VAL O 60 -30.88 33.94 -10.06
C VAL O 60 -30.65 32.50 -10.56
N SER O 61 -29.62 31.86 -10.03
CA SER O 61 -29.32 30.46 -10.34
C SER O 61 -29.22 30.22 -11.81
N THR O 62 -28.36 31.01 -12.47
CA THR O 62 -28.18 30.98 -13.90
C THR O 62 -26.83 30.41 -14.25
N LEU O 63 -26.64 30.02 -15.50
CA LEU O 63 -25.28 29.64 -15.90
C LEU O 63 -24.39 30.84 -16.20
N TYR O 64 -24.99 32.02 -16.36
CA TYR O 64 -24.22 33.24 -16.66
C TYR O 64 -24.79 34.39 -15.83
N PRO O 65 -23.99 35.44 -15.55
CA PRO O 65 -24.57 36.53 -14.79
C PRO O 65 -25.73 37.17 -15.56
N THR O 66 -26.69 37.73 -14.83
CA THR O 66 -27.81 38.42 -15.43
C THR O 66 -27.89 39.84 -14.93
N SER O 67 -28.82 40.59 -15.50
CA SER O 67 -28.96 41.96 -15.10
C SER O 67 -29.22 42.02 -13.61
N THR O 68 -29.88 41.02 -13.01
CA THR O 68 -30.05 41.08 -11.56
C THR O 68 -28.70 41.07 -10.82
N ASP O 69 -27.75 40.25 -11.28
CA ASP O 69 -26.40 40.27 -10.70
C ASP O 69 -25.76 41.66 -10.84
N VAL O 70 -25.96 42.29 -11.98
CA VAL O 70 -25.31 43.56 -12.27
C VAL O 70 -25.90 44.68 -11.37
N HIS O 71 -27.22 44.75 -11.31
CA HIS O 71 -27.88 45.78 -10.55
C HIS O 71 -27.58 45.64 -9.07
N VAL O 72 -27.65 44.42 -8.53
CA VAL O 72 -27.37 44.20 -7.10
C VAL O 72 -25.91 44.49 -6.81
N PHE O 73 -25.04 44.11 -7.74
CA PHE O 73 -23.59 44.32 -7.59
C PHE O 73 -23.23 45.82 -7.48
N GLU O 74 -23.90 46.63 -8.30
CA GLU O 74 -23.64 48.07 -8.35
C GLU O 74 -23.82 48.72 -7.00
N VAL O 75 -24.79 48.17 -6.23
CA VAL O 75 -25.12 48.68 -4.90
C VAL O 75 -24.38 47.93 -3.80
N ALA O 76 -24.20 46.63 -3.99
CA ALA O 76 -23.51 45.83 -2.96
C ALA O 76 -22.01 46.11 -2.88
N LEU O 77 -21.37 46.41 -4.00
CA LEU O 77 -19.92 46.59 -3.96
C LEU O 77 -19.51 47.77 -3.01
N PRO O 78 -20.05 48.98 -3.24
CA PRO O 78 -19.76 50.07 -2.32
C PRO O 78 -20.13 49.81 -0.86
N LEU O 79 -21.26 49.15 -0.61
CA LEU O 79 -21.66 48.81 0.75
C LEU O 79 -20.65 47.88 1.40
N ILE O 80 -20.25 46.84 0.68
CA ILE O 80 -19.28 45.87 1.28
C ILE O 80 -17.93 46.54 1.49
N LYS O 81 -17.47 47.29 0.50
CA LYS O 81 -16.25 48.08 0.65
C LYS O 81 -16.29 48.90 1.92
N ASP O 82 -17.43 49.55 2.17
CA ASP O 82 -17.60 50.42 3.37
C ASP O 82 -17.58 49.61 4.69
N LEU O 83 -18.28 48.50 4.70
CA LEU O 83 -18.30 47.58 5.86
C LEU O 83 -16.92 47.09 6.16
N VAL O 84 -16.19 46.73 5.11
CA VAL O 84 -14.84 46.24 5.29
C VAL O 84 -13.92 47.34 5.79
N ALA O 85 -14.01 48.51 5.16
CA ALA O 85 -13.19 49.64 5.57
C ALA O 85 -13.49 50.10 7.00
N SER O 86 -14.74 49.98 7.41
CA SER O 86 -15.15 50.41 8.73
C SER O 86 -14.98 49.35 9.81
N SER O 87 -14.66 48.15 9.41
CA SER O 87 -14.55 47.05 10.33
C SER O 87 -13.26 47.17 11.13
N LYS O 88 -13.43 47.09 12.43
CA LYS O 88 -12.30 46.99 13.30
C LYS O 88 -11.90 45.52 13.54
N ASP O 89 -12.66 44.58 12.98
CA ASP O 89 -12.19 43.19 12.84
C ASP O 89 -12.55 42.62 11.49
N VAL O 90 -11.71 42.94 10.53
CA VAL O 90 -11.95 42.58 9.17
C VAL O 90 -12.18 41.07 9.01
N LYS O 91 -11.48 40.25 9.79
CA LYS O 91 -11.67 38.79 9.64
C LYS O 91 -13.14 38.36 9.86
N SER O 92 -13.77 38.94 10.87
CA SER O 92 -15.15 38.61 11.17
C SER O 92 -16.00 39.16 10.08
N THR O 93 -15.62 40.28 9.49
CA THR O 93 -16.35 40.81 8.33
C THR O 93 -16.28 39.87 7.13
N TYR O 94 -15.09 39.43 6.78
CA TYR O 94 -14.94 38.54 5.62
C TYR O 94 -15.69 37.26 5.84
N THR O 95 -15.66 36.75 7.05
CA THR O 95 -16.32 35.49 7.36
C THR O 95 -17.82 35.59 7.22
N THR O 96 -18.35 36.78 7.48
CA THR O 96 -19.78 37.03 7.52
C THR O 96 -20.37 37.18 6.14
N TYR O 97 -19.57 37.64 5.19
CA TYR O 97 -20.03 37.87 3.83
C TYR O 97 -19.23 37.06 2.82
N ARG O 98 -18.87 35.82 3.17
CA ARG O 98 -17.94 34.99 2.33
C ARG O 98 -18.38 34.81 0.89
N HIS O 99 -19.64 34.51 0.71
CA HIS O 99 -20.22 34.17 -0.60
C HIS O 99 -20.46 35.43 -1.43
N ILE O 100 -20.91 36.48 -0.79
CA ILE O 100 -20.90 37.79 -1.42
C ILE O 100 -19.52 38.15 -1.94
N LEU O 101 -18.47 37.91 -1.16
CA LEU O 101 -17.12 38.24 -1.59
C LEU O 101 -16.66 37.42 -2.80
N ARG O 102 -17.03 36.15 -2.83
CA ARG O 102 -16.73 35.28 -3.98
C ARG O 102 -17.29 35.88 -5.25
N TRP O 103 -18.56 36.26 -5.16
CA TRP O 103 -19.37 36.81 -6.26
C TRP O 103 -18.90 38.21 -6.66
N ILE O 104 -18.55 39.06 -5.70
CA ILE O 104 -17.94 40.36 -6.02
C ILE O 104 -16.65 40.20 -6.78
N ASP O 105 -15.84 39.22 -6.38
CA ASP O 105 -14.59 38.95 -7.05
C ASP O 105 -14.85 38.67 -8.54
N TYR O 106 -15.88 37.86 -8.79
CA TYR O 106 -16.27 37.48 -10.14
C TYR O 106 -16.75 38.74 -10.89
N MET O 107 -17.75 39.40 -10.29
CA MET O 107 -18.45 40.47 -10.98
C MET O 107 -17.54 41.67 -11.28
N GLN O 108 -16.63 41.99 -10.34
CA GLN O 108 -15.81 43.19 -10.55
C GLN O 108 -14.78 42.96 -11.64
N ASN O 109 -14.41 41.69 -11.82
CA ASN O 109 -13.58 41.29 -12.94
C ASN O 109 -14.31 41.20 -14.24
N LEU O 110 -15.47 40.57 -14.23
CA LEU O 110 -16.30 40.52 -15.43
C LEU O 110 -16.57 41.93 -16.00
N LEU O 111 -16.89 42.88 -15.13
CA LEU O 111 -17.27 44.25 -15.56
C LEU O 111 -16.13 45.28 -15.56
N GLU O 112 -14.91 44.78 -15.45
CA GLU O 112 -13.70 45.56 -15.58
C GLU O 112 -13.75 46.81 -14.69
N VAL O 113 -14.11 46.59 -13.43
CA VAL O 113 -14.06 47.64 -12.40
C VAL O 113 -12.61 48.08 -12.22
N SER O 114 -12.41 49.38 -12.07
CA SER O 114 -11.08 49.95 -11.87
C SER O 114 -10.35 49.25 -10.74
N SER O 115 -9.03 49.12 -10.87
CA SER O 115 -8.20 48.58 -9.81
C SER O 115 -8.52 49.36 -8.55
N THR O 116 -8.71 50.67 -8.70
CA THR O 116 -9.00 51.57 -7.59
C THR O 116 -10.41 51.39 -7.01
N ASP O 117 -11.39 51.00 -7.84
CA ASP O 117 -12.78 50.81 -7.37
C ASP O 117 -13.12 49.40 -6.87
N LYS O 118 -12.22 48.44 -7.14
CA LYS O 118 -12.43 47.04 -6.78
C LYS O 118 -12.36 46.85 -5.28
N LEU O 119 -13.05 45.84 -4.77
CA LEU O 119 -12.86 45.41 -3.39
C LEU O 119 -11.57 44.60 -3.39
N GLU O 120 -10.74 44.84 -2.38
CA GLU O 120 -9.35 44.40 -2.34
C GLU O 120 -9.06 43.12 -1.55
N ILE O 121 -10.08 42.30 -1.34
CA ILE O 121 -9.91 40.84 -1.27
C ILE O 121 -8.66 40.26 -0.63
N ASN O 122 -8.62 40.28 0.69
CA ASN O 122 -7.87 39.26 1.43
C ASN O 122 -8.50 37.89 1.15
N MET P 3 -27.85 41.28 40.70
CA MET P 3 -28.90 42.36 40.71
C MET P 3 -30.02 42.00 39.70
N SER P 4 -29.69 41.83 38.43
CA SER P 4 -30.68 41.29 37.51
C SER P 4 -31.02 39.86 37.94
N ASP P 5 -32.19 39.34 37.54
CA ASP P 5 -32.52 37.93 37.76
C ASP P 5 -31.41 37.01 37.18
N LEU P 6 -30.92 37.39 36.00
CA LEU P 6 -29.84 36.68 35.32
C LEU P 6 -28.56 36.59 36.12
N VAL P 7 -28.07 37.73 36.61
CA VAL P 7 -26.81 37.71 37.36
C VAL P 7 -27.00 37.03 38.71
N THR P 8 -28.14 37.23 39.36
CA THR P 8 -28.45 36.55 40.62
C THR P 8 -28.40 35.03 40.42
N LYS P 9 -29.01 34.56 39.33
CA LYS P 9 -29.07 33.13 39.00
C LYS P 9 -27.67 32.60 38.80
N PHE P 10 -26.86 33.31 38.03
CA PHE P 10 -25.49 32.91 37.83
C PHE P 10 -24.76 32.80 39.15
N GLU P 11 -24.89 33.81 40.01
CA GLU P 11 -24.15 33.82 41.27
C GLU P 11 -24.61 32.70 42.22
N SER P 12 -25.79 32.12 41.94
CA SER P 12 -26.28 31.02 42.74
C SER P 12 -25.72 29.68 42.28
N LEU P 13 -25.08 29.64 41.12
CA LEU P 13 -24.56 28.38 40.57
C LEU P 13 -23.16 28.16 41.06
N ILE P 14 -22.86 26.94 41.48
CA ILE P 14 -21.52 26.65 42.04
C ILE P 14 -20.43 26.92 41.02
N ILE P 15 -20.79 26.79 39.76
CA ILE P 15 -19.88 27.10 38.67
C ILE P 15 -19.40 28.54 38.67
N SER P 16 -20.15 29.46 39.30
CA SER P 16 -19.70 30.83 39.39
C SER P 16 -18.57 30.97 40.40
N LYS P 17 -18.37 29.95 41.24
CA LYS P 17 -17.38 30.00 42.32
C LYS P 17 -16.08 29.34 41.86
N TYR P 18 -16.07 28.84 40.63
CA TYR P 18 -14.88 28.22 40.07
C TYR P 18 -13.82 29.30 39.84
N PRO P 19 -12.63 29.12 40.44
CA PRO P 19 -11.65 30.20 40.37
C PRO P 19 -11.14 30.39 38.95
N VAL P 20 -11.16 31.65 38.51
CA VAL P 20 -10.84 32.03 37.14
C VAL P 20 -9.41 32.56 37.15
N SER P 21 -8.52 31.82 36.49
CA SER P 21 -7.13 32.18 36.38
C SER P 21 -6.85 32.64 34.95
N PHE P 22 -7.42 33.79 34.59
CA PHE P 22 -7.24 34.35 33.24
C PHE P 22 -5.76 34.57 32.90
N THR P 23 -5.40 34.29 31.65
CA THR P 23 -4.11 34.71 31.10
C THR P 23 -4.14 36.23 30.89
N LYS P 24 -3.01 36.82 30.50
CA LYS P 24 -2.95 38.23 30.11
C LYS P 24 -3.97 38.54 29.03
N GLU P 25 -4.10 37.61 28.07
CA GLU P 25 -5.01 37.72 26.94
C GLU P 25 -6.47 37.43 27.30
N GLN P 26 -6.72 36.53 28.25
CA GLN P 26 -8.11 36.32 28.74
C GLN P 26 -8.57 37.55 29.53
N SER P 27 -7.75 37.97 30.50
CA SER P 27 -8.05 39.13 31.35
C SER P 27 -8.24 40.39 30.51
N ALA P 28 -7.45 40.53 29.45
CA ALA P 28 -7.51 41.70 28.58
C ALA P 28 -8.81 41.70 27.79
N GLN P 29 -9.16 40.54 27.26
CA GLN P 29 -10.38 40.37 26.47
C GLN P 29 -11.70 40.46 27.23
N ALA P 30 -11.70 40.01 28.48
CA ALA P 30 -12.81 40.27 29.39
C ALA P 30 -12.97 41.80 29.54
N ALA P 31 -11.85 42.49 29.83
CA ALA P 31 -11.86 43.96 29.87
C ALA P 31 -12.40 44.58 28.57
N GLN P 32 -11.98 44.03 27.44
CA GLN P 32 -12.44 44.55 26.15
C GLN P 32 -13.96 44.43 25.97
N TRP P 33 -14.51 43.26 26.26
CA TRP P 33 -15.97 43.04 26.18
C TRP P 33 -16.74 43.95 27.16
N GLU P 34 -16.19 44.19 28.34
CA GLU P 34 -16.81 45.11 29.31
C GLU P 34 -16.85 46.54 28.77
N SER P 35 -15.81 46.97 28.04
CA SER P 35 -15.78 48.30 27.39
C SER P 35 -16.85 48.36 26.28
N VAL P 36 -16.91 47.30 25.48
CA VAL P 36 -17.94 47.14 24.45
C VAL P 36 -19.35 47.33 25.07
N LEU P 37 -19.60 46.66 26.17
CA LEU P 37 -20.88 46.81 26.88
C LEU P 37 -21.05 48.21 27.44
N LYS P 38 -20.02 48.72 28.10
CA LYS P 38 -20.06 50.07 28.68
C LYS P 38 -20.32 51.14 27.62
N SER P 39 -19.76 50.93 26.42
CA SER P 39 -19.89 51.88 25.31
C SER P 39 -21.12 51.62 24.45
N GLY P 40 -21.91 50.63 24.83
CA GLY P 40 -23.13 50.27 24.11
C GLY P 40 -22.90 49.87 22.66
N GLN P 41 -21.79 49.19 22.38
CA GLN P 41 -21.46 48.79 20.99
C GLN P 41 -21.49 47.29 20.79
N ILE P 42 -22.42 46.61 21.45
CA ILE P 42 -22.59 45.18 21.22
C ILE P 42 -23.04 44.87 19.78
N GLN P 43 -24.07 45.56 19.29
CA GLN P 43 -24.60 45.30 17.93
C GLN P 43 -23.52 45.34 16.83
N PRO P 44 -22.76 46.44 16.71
CA PRO P 44 -21.62 46.45 15.79
C PRO P 44 -20.58 45.36 16.02
N HIS P 45 -20.54 44.78 17.22
CA HIS P 45 -19.56 43.72 17.53
C HIS P 45 -20.09 42.28 17.39
N LEU P 46 -21.31 42.13 16.91
CA LEU P 46 -21.93 40.82 16.84
C LEU P 46 -21.18 39.85 15.91
N ASP P 47 -20.65 40.36 14.79
CA ASP P 47 -19.92 39.52 13.84
C ASP P 47 -18.69 38.99 14.56
N GLN P 48 -18.06 39.87 15.34
CA GLN P 48 -16.87 39.46 16.12
C GLN P 48 -17.22 38.44 17.18
N LEU P 49 -18.28 38.73 17.93
CA LEU P 49 -18.80 37.78 18.93
C LEU P 49 -18.99 36.41 18.28
N ASN P 50 -19.56 36.42 17.09
CA ASN P 50 -19.90 35.16 16.37
C ASN P 50 -18.66 34.37 15.95
N LEU P 51 -17.65 35.08 15.49
CA LEU P 51 -16.36 34.46 15.19
C LEU P 51 -15.65 33.94 16.45
N VAL P 52 -15.70 34.72 17.54
CA VAL P 52 -15.13 34.26 18.81
C VAL P 52 -15.76 32.94 19.22
N LEU P 53 -17.09 32.87 19.12
CA LEU P 53 -17.80 31.71 19.61
C LEU P 53 -17.76 30.55 18.64
N ARG P 54 -17.30 30.77 17.43
CA ARG P 54 -17.10 29.67 16.51
C ARG P 54 -16.09 28.73 17.08
N ASP P 55 -15.05 29.28 17.68
CA ASP P 55 -13.87 28.54 18.02
C ASP P 55 -13.73 28.31 19.50
N ASN P 56 -14.58 28.98 20.28
CA ASN P 56 -14.47 28.94 21.72
C ASN P 56 -15.83 28.67 22.31
N THR P 57 -15.88 27.77 23.29
CA THR P 57 -17.18 27.36 23.84
C THR P 57 -17.83 28.51 24.56
N PHE P 58 -17.04 29.26 25.34
CA PHE P 58 -17.49 30.48 26.01
C PHE P 58 -16.62 31.65 25.59
N ILE P 59 -17.06 32.88 25.89
CA ILE P 59 -16.49 34.06 25.25
C ILE P 59 -15.01 34.28 25.59
N VAL P 60 -14.62 33.98 26.84
CA VAL P 60 -13.26 34.16 27.31
C VAL P 60 -12.49 32.82 27.41
N SER P 61 -12.86 31.86 26.55
CA SER P 61 -12.15 30.59 26.42
C SER P 61 -11.95 29.87 27.75
N THR P 62 -13.02 29.86 28.56
CA THR P 62 -13.00 29.20 29.87
C THR P 62 -13.71 27.85 29.74
N LEU P 63 -13.59 27.02 30.77
CA LEU P 63 -14.36 25.75 30.88
C LEU P 63 -15.83 25.96 31.25
N TYR P 64 -16.12 27.06 31.94
CA TYR P 64 -17.47 27.34 32.39
C TYR P 64 -17.77 28.81 32.07
N PRO P 65 -19.06 29.19 31.94
CA PRO P 65 -19.32 30.60 31.75
C PRO P 65 -18.82 31.49 32.89
N THR P 66 -18.41 32.70 32.53
CA THR P 66 -17.87 33.66 33.44
C THR P 66 -18.87 34.79 33.45
N SER P 67 -18.60 35.80 34.27
CA SER P 67 -19.40 37.00 34.26
C SER P 67 -19.41 37.68 32.87
N THR P 68 -18.28 37.64 32.14
CA THR P 68 -18.29 38.18 30.77
C THR P 68 -19.39 37.53 29.90
N ASP P 69 -19.55 36.20 30.02
CA ASP P 69 -20.64 35.51 29.30
C ASP P 69 -22.03 36.00 29.72
N VAL P 70 -22.24 36.13 31.03
CA VAL P 70 -23.51 36.53 31.59
C VAL P 70 -23.88 37.92 31.11
N HIS P 71 -22.96 38.86 31.27
CA HIS P 71 -23.20 40.27 30.90
C HIS P 71 -23.43 40.50 29.39
N VAL P 72 -22.67 39.83 28.55
CA VAL P 72 -22.91 39.91 27.11
C VAL P 72 -24.27 39.25 26.76
N PHE P 73 -24.57 38.12 27.39
CA PHE P 73 -25.81 37.40 27.14
C PHE P 73 -27.01 38.26 27.43
N GLU P 74 -26.94 39.00 28.53
CA GLU P 74 -28.07 39.77 29.00
C GLU P 74 -28.47 40.82 27.98
N VAL P 75 -27.50 41.32 27.24
CA VAL P 75 -27.76 42.30 26.19
C VAL P 75 -27.94 41.63 24.81
N ALA P 76 -27.18 40.56 24.55
CA ALA P 76 -27.25 39.84 23.28
C ALA P 76 -28.56 39.05 23.09
N LEU P 77 -29.11 38.45 24.16
CA LEU P 77 -30.40 37.75 24.03
C LEU P 77 -31.54 38.64 23.48
N PRO P 78 -31.88 39.78 24.13
CA PRO P 78 -32.95 40.60 23.50
C PRO P 78 -32.60 41.26 22.15
N LEU P 79 -31.32 41.57 21.94
CA LEU P 79 -30.83 42.15 20.70
C LEU P 79 -31.10 41.17 19.56
N ILE P 80 -30.62 39.94 19.72
CA ILE P 80 -30.81 38.88 18.74
C ILE P 80 -32.32 38.63 18.56
N LYS P 81 -33.10 38.68 19.65
CA LYS P 81 -34.52 38.50 19.51
C LYS P 81 -35.15 39.59 18.62
N ASP P 82 -34.62 40.81 18.72
CA ASP P 82 -35.19 41.97 18.01
C ASP P 82 -34.77 41.93 16.53
N LEU P 83 -33.54 41.45 16.28
CA LEU P 83 -33.01 41.27 14.90
C LEU P 83 -33.76 40.17 14.18
N VAL P 84 -34.03 39.06 14.89
CA VAL P 84 -34.88 38.01 14.33
C VAL P 84 -36.28 38.52 13.99
N ALA P 85 -36.87 39.31 14.88
CA ALA P 85 -38.21 39.85 14.66
C ALA P 85 -38.32 40.86 13.50
N SER P 86 -37.26 41.63 13.31
CA SER P 86 -37.19 42.62 12.24
C SER P 86 -36.53 42.05 10.97
N SER P 87 -36.31 40.74 10.93
CA SER P 87 -35.50 40.14 9.89
C SER P 87 -36.21 40.16 8.57
N LYS P 88 -35.48 40.54 7.52
CA LYS P 88 -35.97 40.32 6.15
C LYS P 88 -35.97 38.84 5.76
N ASP P 89 -35.19 38.01 6.45
CA ASP P 89 -35.16 36.58 6.15
C ASP P 89 -34.60 35.84 7.31
N VAL P 90 -35.45 35.09 8.00
CA VAL P 90 -35.06 34.53 9.29
C VAL P 90 -33.96 33.52 9.16
N LYS P 91 -34.05 32.60 8.18
CA LYS P 91 -32.97 31.60 7.97
C LYS P 91 -31.60 32.26 7.77
N SER P 92 -31.58 33.36 7.04
CA SER P 92 -30.34 34.11 6.81
C SER P 92 -29.82 34.69 8.10
N THR P 93 -30.71 35.16 8.96
CA THR P 93 -30.28 35.65 10.26
C THR P 93 -29.66 34.52 11.12
N TYR P 94 -30.35 33.40 11.19
CA TYR P 94 -29.83 32.24 11.91
C TYR P 94 -28.49 31.78 11.37
N THR P 95 -28.33 31.72 10.05
CA THR P 95 -27.08 31.25 9.44
C THR P 95 -25.97 32.24 9.70
N THR P 96 -26.30 33.50 9.85
CA THR P 96 -25.31 34.58 10.05
C THR P 96 -24.74 34.66 11.49
N TYR P 97 -25.46 34.12 12.47
CA TYR P 97 -25.11 34.23 13.87
C TYR P 97 -25.17 32.83 14.52
N ARG P 98 -24.73 31.79 13.79
CA ARG P 98 -24.86 30.42 14.27
C ARG P 98 -24.23 30.16 15.61
N HIS P 99 -23.07 30.78 15.83
CA HIS P 99 -22.26 30.41 16.98
C HIS P 99 -22.74 31.20 18.18
N ILE P 100 -23.21 32.42 17.96
CA ILE P 100 -23.95 33.15 18.99
C ILE P 100 -25.18 32.34 19.41
N LEU P 101 -25.95 31.81 18.46
CA LEU P 101 -27.14 31.01 18.80
C LEU P 101 -26.83 29.74 19.58
N ARG P 102 -25.77 29.01 19.22
CA ARG P 102 -25.34 27.87 20.04
C ARG P 102 -25.18 28.34 21.51
N TRP P 103 -24.48 29.45 21.70
CA TRP P 103 -24.11 29.92 23.05
C TRP P 103 -25.30 30.52 23.80
N ILE P 104 -26.21 31.15 23.06
CA ILE P 104 -27.49 31.58 23.62
C ILE P 104 -28.36 30.44 24.11
N ASP P 105 -28.49 29.40 23.28
CA ASP P 105 -29.21 28.20 23.69
C ASP P 105 -28.65 27.65 25.01
N TYR P 106 -27.33 27.55 25.10
CA TYR P 106 -26.70 27.14 26.33
C TYR P 106 -27.10 28.07 27.49
N MET P 107 -26.81 29.37 27.32
CA MET P 107 -26.87 30.34 28.40
C MET P 107 -28.29 30.54 28.90
N GLN P 108 -29.25 30.54 27.99
CA GLN P 108 -30.66 30.73 28.39
C GLN P 108 -31.26 29.52 29.14
N ASN P 109 -30.72 28.34 28.89
CA ASN P 109 -31.09 27.14 29.63
C ASN P 109 -30.37 27.08 30.99
N LEU P 110 -29.07 27.34 31.01
CA LEU P 110 -28.29 27.35 32.24
C LEU P 110 -28.87 28.36 33.24
N LEU P 111 -29.26 29.53 32.73
CA LEU P 111 -29.76 30.60 33.57
C LEU P 111 -31.30 30.56 33.70
N GLU P 112 -31.90 29.52 33.14
CA GLU P 112 -33.31 29.16 33.40
C GLU P 112 -34.22 30.31 33.01
N VAL P 113 -33.90 30.94 31.88
CA VAL P 113 -34.72 32.04 31.32
C VAL P 113 -36.15 31.51 31.11
N SER P 114 -37.16 32.37 31.28
CA SER P 114 -38.55 31.92 31.14
C SER P 114 -38.86 31.39 29.72
N SER P 115 -39.65 30.32 29.67
CA SER P 115 -40.12 29.75 28.41
C SER P 115 -40.60 30.82 27.39
N THR P 116 -41.16 31.92 27.89
CA THR P 116 -41.59 33.07 27.07
C THR P 116 -40.45 34.03 26.64
N ASP P 117 -39.40 34.17 27.47
CA ASP P 117 -38.31 35.15 27.22
C ASP P 117 -37.18 34.59 26.40
N LYS P 118 -37.10 33.26 26.34
CA LYS P 118 -36.09 32.60 25.55
C LYS P 118 -36.19 32.92 24.05
N LEU P 119 -35.08 32.70 23.37
CA LEU P 119 -35.03 32.67 21.93
C LEU P 119 -35.32 31.25 21.49
N GLU P 120 -36.15 31.07 20.47
CA GLU P 120 -36.51 29.73 20.02
C GLU P 120 -35.48 29.16 19.05
N ILE P 121 -35.44 27.84 18.94
CA ILE P 121 -34.72 27.17 17.85
C ILE P 121 -35.15 27.74 16.48
N MET Q 3 -31.69 -17.15 -67.99
CA MET Q 3 -31.39 -16.38 -66.75
C MET Q 3 -29.92 -15.97 -66.77
N SER Q 4 -29.68 -14.65 -66.68
CA SER Q 4 -28.38 -14.07 -67.02
C SER Q 4 -27.33 -14.25 -65.94
N ASP Q 5 -26.07 -14.28 -66.38
CA ASP Q 5 -24.90 -14.33 -65.50
C ASP Q 5 -24.84 -13.05 -64.68
N LEU Q 6 -25.24 -11.94 -65.30
CA LEU Q 6 -25.20 -10.62 -64.66
C LEU Q 6 -26.17 -10.55 -63.49
N VAL Q 7 -27.40 -11.00 -63.71
CA VAL Q 7 -28.38 -11.09 -62.62
C VAL Q 7 -27.88 -11.99 -61.49
N THR Q 8 -27.38 -13.17 -61.84
CA THR Q 8 -26.80 -14.13 -60.87
C THR Q 8 -25.72 -13.44 -60.04
N LYS Q 9 -24.77 -12.83 -60.74
CA LYS Q 9 -23.68 -12.08 -60.11
C LYS Q 9 -24.26 -11.07 -59.14
N PHE Q 10 -25.19 -10.26 -59.65
CA PHE Q 10 -25.82 -9.21 -58.86
C PHE Q 10 -26.32 -9.74 -57.53
N GLU Q 11 -27.10 -10.82 -57.60
CA GLU Q 11 -27.74 -11.38 -56.42
C GLU Q 11 -26.75 -11.98 -55.42
N SER Q 12 -25.56 -12.35 -55.88
CA SER Q 12 -24.54 -12.85 -54.96
C SER Q 12 -23.88 -11.73 -54.17
N LEU Q 13 -24.11 -10.49 -54.60
CA LEU Q 13 -23.46 -9.34 -53.99
C LEU Q 13 -24.24 -8.83 -52.80
N ILE Q 14 -23.54 -8.78 -51.67
CA ILE Q 14 -23.88 -7.89 -50.56
C ILE Q 14 -25.00 -6.91 -50.93
N ILE Q 15 -24.72 -6.13 -51.97
CA ILE Q 15 -25.46 -4.92 -52.32
C ILE Q 15 -26.92 -5.20 -52.69
N TYR Q 18 -28.38 -6.83 -47.08
CA TYR Q 18 -28.17 -5.55 -46.43
C TYR Q 18 -28.90 -4.39 -47.11
N PRO Q 19 -29.89 -3.79 -46.44
CA PRO Q 19 -30.24 -2.44 -46.91
C PRO Q 19 -29.04 -1.48 -46.71
N VAL Q 20 -29.06 -0.31 -47.34
CA VAL Q 20 -27.87 0.55 -47.40
C VAL Q 20 -27.58 1.18 -46.01
N SER Q 21 -28.61 1.17 -45.16
CA SER Q 21 -28.55 1.66 -43.80
C SER Q 21 -27.99 0.65 -42.80
N PHE Q 22 -27.68 -0.54 -43.28
CA PHE Q 22 -27.25 -1.64 -42.38
C PHE Q 22 -25.97 -1.30 -41.62
N THR Q 23 -26.04 -1.34 -40.28
CA THR Q 23 -24.89 -0.97 -39.45
C THR Q 23 -23.92 -2.14 -39.19
N LYS Q 24 -22.75 -1.80 -38.68
CA LYS Q 24 -21.78 -2.80 -38.30
C LYS Q 24 -22.33 -3.66 -37.15
N GLU Q 25 -23.08 -3.05 -36.24
CA GLU Q 25 -23.75 -3.72 -35.14
C GLU Q 25 -24.70 -4.78 -35.64
N GLN Q 26 -25.50 -4.40 -36.63
CA GLN Q 26 -26.48 -5.32 -37.21
C GLN Q 26 -25.81 -6.48 -37.93
N SER Q 27 -24.74 -6.16 -38.66
CA SER Q 27 -23.93 -7.15 -39.33
C SER Q 27 -23.34 -8.15 -38.33
N ALA Q 28 -22.78 -7.61 -37.24
CA ALA Q 28 -22.24 -8.48 -36.18
C ALA Q 28 -23.33 -9.38 -35.59
N GLN Q 29 -24.51 -8.84 -35.36
CA GLN Q 29 -25.58 -9.63 -34.76
C GLN Q 29 -26.07 -10.70 -35.72
N ALA Q 30 -26.15 -10.39 -37.01
CA ALA Q 30 -26.46 -11.44 -38.02
C ALA Q 30 -25.44 -12.58 -37.99
N ALA Q 31 -24.15 -12.23 -37.96
CA ALA Q 31 -23.11 -13.23 -37.90
C ALA Q 31 -23.19 -14.07 -36.63
N GLN Q 32 -23.54 -13.42 -35.52
CA GLN Q 32 -23.71 -14.08 -34.25
C GLN Q 32 -24.83 -15.09 -34.27
N TRP Q 33 -25.96 -14.75 -34.85
CA TRP Q 33 -27.05 -15.71 -34.96
C TRP Q 33 -26.73 -16.77 -35.95
N GLU Q 34 -25.99 -16.43 -37.00
CA GLU Q 34 -25.53 -17.48 -37.94
C GLU Q 34 -24.64 -18.54 -37.22
N SER Q 35 -23.78 -18.07 -36.35
CA SER Q 35 -22.91 -18.94 -35.56
C SER Q 35 -23.67 -19.85 -34.58
N VAL Q 36 -24.66 -19.30 -33.92
CA VAL Q 36 -25.60 -20.08 -33.06
C VAL Q 36 -26.20 -21.24 -33.85
N LEU Q 37 -26.71 -20.93 -35.05
CA LEU Q 37 -27.32 -21.93 -35.96
C LEU Q 37 -26.31 -22.96 -36.36
N LYS Q 38 -25.15 -22.51 -36.82
CA LYS Q 38 -24.12 -23.45 -37.25
C LYS Q 38 -23.61 -24.39 -36.14
N SER Q 39 -23.58 -23.88 -34.90
CA SER Q 39 -23.09 -24.65 -33.78
C SER Q 39 -24.24 -25.49 -33.16
N GLY Q 40 -25.46 -25.37 -33.69
CA GLY Q 40 -26.59 -26.14 -33.18
C GLY Q 40 -27.05 -25.68 -31.79
N GLN Q 41 -26.85 -24.42 -31.46
CA GLN Q 41 -27.07 -23.95 -30.09
C GLN Q 41 -28.29 -23.06 -29.94
N ILE Q 42 -29.28 -23.25 -30.82
CA ILE Q 42 -30.48 -22.44 -30.74
C ILE Q 42 -31.18 -22.59 -29.39
N GLN Q 43 -31.24 -23.80 -28.83
CA GLN Q 43 -32.01 -23.98 -27.60
C GLN Q 43 -31.47 -23.17 -26.42
N PRO Q 44 -30.16 -23.23 -26.13
CA PRO Q 44 -29.71 -22.37 -25.05
C PRO Q 44 -29.74 -20.87 -25.38
N HIS Q 45 -30.04 -20.51 -26.64
CA HIS Q 45 -30.19 -19.10 -27.01
C HIS Q 45 -31.63 -18.60 -27.12
N LEU Q 46 -32.61 -19.43 -26.82
CA LEU Q 46 -34.03 -19.02 -26.83
C LEU Q 46 -34.34 -17.88 -25.87
N ASP Q 47 -33.77 -17.87 -24.65
CA ASP Q 47 -34.09 -16.77 -23.75
C ASP Q 47 -33.56 -15.44 -24.35
N GLN Q 48 -32.35 -15.46 -24.93
CA GLN Q 48 -31.81 -14.29 -25.59
C GLN Q 48 -32.68 -13.85 -26.75
N LEU Q 49 -33.13 -14.83 -27.54
CA LEU Q 49 -33.94 -14.48 -28.72
C LEU Q 49 -35.22 -13.83 -28.28
N ASN Q 50 -35.81 -14.35 -27.23
CA ASN Q 50 -37.01 -13.73 -26.67
C ASN Q 50 -36.78 -12.30 -26.20
N LEU Q 51 -35.63 -12.06 -25.55
CA LEU Q 51 -35.32 -10.70 -25.06
C LEU Q 51 -35.06 -9.72 -26.23
N VAL Q 52 -34.35 -10.18 -27.24
CA VAL Q 52 -34.09 -9.36 -28.43
C VAL Q 52 -35.44 -8.96 -29.03
N LEU Q 53 -36.31 -9.95 -29.19
CA LEU Q 53 -37.63 -9.74 -29.83
C LEU Q 53 -38.62 -8.96 -28.97
N ARG Q 54 -38.38 -8.87 -27.65
CA ARG Q 54 -39.16 -7.99 -26.83
C ARG Q 54 -39.16 -6.56 -27.37
N ASP Q 55 -37.99 -6.12 -27.75
CA ASP Q 55 -37.72 -4.71 -28.08
C ASP Q 55 -37.47 -4.42 -29.56
N ASN Q 56 -37.38 -5.49 -30.35
CA ASN Q 56 -37.14 -5.39 -31.78
C ASN Q 56 -38.16 -6.24 -32.52
N THR Q 57 -38.73 -5.68 -33.56
CA THR Q 57 -39.71 -6.36 -34.40
C THR Q 57 -39.15 -7.58 -35.05
N PHE Q 58 -37.96 -7.44 -35.63
CA PHE Q 58 -37.29 -8.51 -36.30
C PHE Q 58 -35.94 -8.66 -35.68
N ILE Q 59 -35.29 -9.80 -35.89
CA ILE Q 59 -34.13 -10.18 -35.08
C ILE Q 59 -32.97 -9.21 -35.13
N VAL Q 60 -32.68 -8.66 -36.31
CA VAL Q 60 -31.55 -7.73 -36.45
C VAL Q 60 -31.99 -6.25 -36.63
N SER Q 61 -33.16 -5.91 -36.09
CA SER Q 61 -33.66 -4.53 -35.96
C SER Q 61 -33.90 -3.85 -37.29
N THR Q 62 -34.44 -4.58 -38.24
CA THR Q 62 -34.66 -4.06 -39.57
C THR Q 62 -36.15 -3.79 -39.62
N LEU Q 63 -36.55 -3.01 -40.62
CA LEU Q 63 -37.96 -2.74 -40.94
C LEU Q 63 -38.62 -3.84 -41.75
N TYR Q 64 -37.83 -4.79 -42.29
CA TYR Q 64 -38.40 -5.98 -42.93
C TYR Q 64 -37.67 -7.20 -42.45
N PRO Q 65 -38.32 -8.35 -42.51
CA PRO Q 65 -37.55 -9.49 -42.04
C PRO Q 65 -36.36 -9.72 -42.96
N THR Q 66 -35.27 -10.25 -42.39
CA THR Q 66 -34.09 -10.63 -43.14
C THR Q 66 -33.89 -12.17 -43.18
N SER Q 67 -32.94 -12.61 -44.01
CA SER Q 67 -32.52 -14.02 -44.02
C SER Q 67 -32.19 -14.56 -42.61
N THR Q 68 -31.72 -13.70 -41.71
CA THR Q 68 -31.48 -14.10 -40.35
C THR Q 68 -32.79 -14.53 -39.68
N ASP Q 69 -33.84 -13.78 -39.88
CA ASP Q 69 -35.15 -14.18 -39.33
C ASP Q 69 -35.56 -15.52 -39.88
N VAL Q 70 -35.36 -15.72 -41.18
CA VAL Q 70 -35.81 -16.98 -41.80
C VAL Q 70 -35.01 -18.19 -41.31
N HIS Q 71 -33.68 -18.05 -41.26
CA HIS Q 71 -32.83 -19.13 -40.81
C HIS Q 71 -33.08 -19.46 -39.35
N VAL Q 72 -33.25 -18.46 -38.50
CA VAL Q 72 -33.50 -18.73 -37.08
C VAL Q 72 -34.91 -19.36 -36.93
N PHE Q 73 -35.90 -18.78 -37.59
CA PHE Q 73 -37.23 -19.35 -37.59
C PHE Q 73 -37.31 -20.84 -38.02
N GLU Q 74 -36.54 -21.22 -39.02
CA GLU Q 74 -36.53 -22.58 -39.50
C GLU Q 74 -36.28 -23.61 -38.40
N VAL Q 75 -35.43 -23.22 -37.44
CA VAL Q 75 -35.05 -24.08 -36.33
C VAL Q 75 -35.96 -23.84 -35.16
N ALA Q 76 -36.29 -22.58 -34.92
CA ALA Q 76 -37.03 -22.15 -33.73
C ALA Q 76 -38.46 -22.67 -33.76
N LEU Q 77 -39.04 -22.74 -34.97
CA LEU Q 77 -40.44 -23.19 -35.08
C LEU Q 77 -40.63 -24.63 -34.57
N PRO Q 78 -39.94 -25.60 -35.18
CA PRO Q 78 -40.14 -26.97 -34.67
C PRO Q 78 -39.72 -27.18 -33.23
N LEU Q 79 -38.72 -26.43 -32.79
CA LEU Q 79 -38.20 -26.47 -31.44
C LEU Q 79 -39.23 -25.97 -30.44
N ILE Q 80 -39.81 -24.82 -30.72
CA ILE Q 80 -40.83 -24.30 -29.85
C ILE Q 80 -42.04 -25.23 -29.86
N LYS Q 81 -42.44 -25.74 -31.02
CA LYS Q 81 -43.53 -26.69 -31.08
C LYS Q 81 -43.29 -27.90 -30.21
N ASP Q 82 -42.05 -28.39 -30.16
CA ASP Q 82 -41.70 -29.57 -29.36
C ASP Q 82 -41.70 -29.23 -27.87
N LEU Q 83 -41.24 -28.03 -27.53
CA LEU Q 83 -41.29 -27.54 -26.15
C LEU Q 83 -42.73 -27.36 -25.60
N VAL Q 84 -43.63 -26.78 -26.41
CA VAL Q 84 -45.04 -26.72 -26.01
C VAL Q 84 -45.63 -28.13 -25.85
N ALA Q 85 -45.32 -29.05 -26.78
CA ALA Q 85 -45.84 -30.41 -26.70
C ALA Q 85 -45.40 -31.12 -25.41
N SER Q 86 -44.16 -30.93 -25.00
CA SER Q 86 -43.65 -31.66 -23.84
C SER Q 86 -43.78 -30.85 -22.55
N SER Q 87 -44.46 -29.73 -22.62
CA SER Q 87 -44.48 -28.78 -21.53
C SER Q 87 -45.21 -29.33 -20.33
N LYS Q 88 -44.71 -29.00 -19.13
CA LYS Q 88 -45.38 -29.39 -17.87
C LYS Q 88 -46.59 -28.48 -17.59
N ASP Q 89 -46.58 -27.31 -18.20
CA ASP Q 89 -47.67 -26.33 -18.10
C ASP Q 89 -47.60 -25.39 -19.27
N VAL Q 90 -48.55 -25.55 -20.20
CA VAL Q 90 -48.47 -24.82 -21.43
C VAL Q 90 -48.54 -23.31 -21.24
N LYS Q 91 -49.41 -22.82 -20.38
CA LYS Q 91 -49.44 -21.37 -20.14
C LYS Q 91 -48.06 -20.83 -19.70
N SER Q 92 -47.38 -21.56 -18.86
CA SER Q 92 -46.09 -21.10 -18.39
C SER Q 92 -45.15 -21.03 -19.60
N THR Q 93 -45.29 -21.97 -20.52
CA THR Q 93 -44.43 -21.97 -21.69
C THR Q 93 -44.69 -20.76 -22.57
N TYR Q 94 -45.96 -20.45 -22.78
CA TYR Q 94 -46.33 -19.30 -23.58
C TYR Q 94 -45.85 -18.01 -23.00
N THR Q 95 -46.03 -17.87 -21.71
CA THR Q 95 -45.58 -16.68 -21.02
C THR Q 95 -44.08 -16.50 -21.05
N THR Q 96 -43.34 -17.60 -21.07
CA THR Q 96 -41.91 -17.53 -21.04
C THR Q 96 -41.30 -17.16 -22.41
N TYR Q 97 -42.04 -17.41 -23.47
CA TYR Q 97 -41.50 -17.19 -24.83
C TYR Q 97 -42.44 -16.32 -25.60
N ARG Q 98 -43.00 -15.34 -24.91
CA ARG Q 98 -43.99 -14.45 -25.50
C ARG Q 98 -43.61 -13.79 -26.81
N HIS Q 99 -42.41 -13.25 -26.83
CA HIS Q 99 -41.94 -12.41 -27.94
C HIS Q 99 -41.50 -13.30 -29.09
N ILE Q 100 -40.92 -14.45 -28.79
CA ILE Q 100 -40.71 -15.45 -29.83
C ILE Q 100 -42.01 -15.83 -30.45
N LEU Q 101 -43.06 -16.01 -29.63
CA LEU Q 101 -44.38 -16.42 -30.16
C LEU Q 101 -45.00 -15.39 -31.09
N ARG Q 102 -44.94 -14.12 -30.71
CA ARG Q 102 -45.40 -13.08 -31.61
C ARG Q 102 -44.72 -13.22 -32.96
N TRP Q 103 -43.41 -13.45 -32.94
CA TRP Q 103 -42.58 -13.42 -34.15
C TRP Q 103 -42.77 -14.67 -35.00
N ILE Q 104 -42.95 -15.82 -34.35
CA ILE Q 104 -43.38 -17.06 -35.03
C ILE Q 104 -44.70 -16.95 -35.78
N ASP Q 105 -45.69 -16.33 -35.14
CA ASP Q 105 -46.98 -16.07 -35.80
C ASP Q 105 -46.77 -15.27 -37.07
N TYR Q 106 -45.95 -14.22 -36.99
CA TYR Q 106 -45.67 -13.37 -38.14
C TYR Q 106 -44.96 -14.21 -39.21
N MET Q 107 -43.86 -14.83 -38.82
CA MET Q 107 -43.02 -15.50 -39.81
C MET Q 107 -43.72 -16.69 -40.46
N GLN Q 108 -44.49 -17.45 -39.69
CA GLN Q 108 -45.12 -18.64 -40.24
C GLN Q 108 -46.23 -18.27 -41.24
N ASN Q 109 -46.83 -17.10 -41.02
CA ASN Q 109 -47.82 -16.51 -41.92
C ASN Q 109 -47.15 -15.98 -43.21
N LEU Q 110 -46.11 -15.16 -43.02
CA LEU Q 110 -45.27 -14.62 -44.10
C LEU Q 110 -44.79 -15.73 -45.04
N LEU Q 111 -44.21 -16.78 -44.47
CA LEU Q 111 -43.63 -17.87 -45.30
C LEU Q 111 -44.59 -18.98 -45.72
N GLU Q 112 -45.88 -18.80 -45.40
CA GLU Q 112 -46.94 -19.70 -45.86
C GLU Q 112 -46.68 -21.14 -45.39
N VAL Q 113 -46.34 -21.27 -44.11
CA VAL Q 113 -46.02 -22.58 -43.52
C VAL Q 113 -47.26 -23.47 -43.59
N SER Q 114 -47.08 -24.78 -43.68
CA SER Q 114 -48.23 -25.68 -43.74
C SER Q 114 -48.97 -25.74 -42.40
N SER Q 115 -50.27 -26.02 -42.45
CA SER Q 115 -51.10 -26.03 -41.26
C SER Q 115 -50.62 -27.10 -40.30
N THR Q 116 -50.10 -28.20 -40.86
CA THR Q 116 -49.50 -29.29 -40.10
C THR Q 116 -48.23 -28.82 -39.37
N ASP Q 117 -47.46 -27.96 -40.03
CA ASP Q 117 -46.17 -27.56 -39.51
C ASP Q 117 -46.23 -26.28 -38.64
N LYS Q 118 -47.30 -25.49 -38.75
CA LYS Q 118 -47.44 -24.28 -37.95
C LYS Q 118 -47.57 -24.59 -36.48
N LEU Q 119 -47.19 -23.60 -35.67
CA LEU Q 119 -47.50 -23.59 -34.26
C LEU Q 119 -48.89 -23.00 -34.04
N GLU Q 120 -49.74 -23.76 -33.35
CA GLU Q 120 -51.04 -23.32 -32.86
C GLU Q 120 -50.95 -22.06 -32.02
N ILE Q 121 -51.24 -20.90 -32.59
CA ILE Q 121 -51.30 -19.64 -31.83
C ILE Q 121 -50.95 -18.39 -32.67
N SER R 4 -50.36 -34.18 9.25
CA SER R 4 -50.44 -33.63 7.84
C SER R 4 -51.29 -32.38 7.81
N ASP R 5 -52.52 -32.46 8.29
CA ASP R 5 -53.23 -31.22 8.64
C ASP R 5 -52.57 -30.59 9.88
N LEU R 6 -52.18 -31.43 10.84
CA LEU R 6 -51.44 -30.95 11.99
C LEU R 6 -50.11 -30.37 11.55
N VAL R 7 -49.42 -31.09 10.67
CA VAL R 7 -48.13 -30.64 10.16
C VAL R 7 -48.35 -29.29 9.51
N THR R 8 -49.40 -29.18 8.71
CA THR R 8 -49.74 -27.94 8.04
C THR R 8 -50.00 -26.78 8.99
N LYS R 9 -50.80 -27.01 10.03
CA LYS R 9 -51.11 -25.97 11.05
C LYS R 9 -49.83 -25.52 11.76
N PHE R 10 -48.96 -26.48 12.02
CA PHE R 10 -47.69 -26.15 12.66
C PHE R 10 -46.90 -25.22 11.75
N GLU R 11 -46.72 -25.66 10.51
CA GLU R 11 -46.00 -24.85 9.52
C GLU R 11 -46.63 -23.48 9.38
N SER R 12 -47.96 -23.42 9.44
CA SER R 12 -48.69 -22.16 9.30
C SER R 12 -48.45 -21.15 10.42
N LEU R 13 -48.01 -21.60 11.60
CA LEU R 13 -47.84 -20.65 12.72
C LEU R 13 -46.41 -20.26 13.08
N ILE R 14 -45.45 -20.83 12.35
CA ILE R 14 -44.03 -20.51 12.53
C ILE R 14 -43.75 -18.98 12.67
N ILE R 15 -44.32 -18.17 11.77
CA ILE R 15 -44.17 -16.72 11.83
C ILE R 15 -45.37 -15.98 12.48
N SER R 16 -46.60 -16.34 12.08
CA SER R 16 -47.81 -15.70 12.63
C SER R 16 -48.13 -16.06 14.07
N LYS R 17 -47.61 -17.20 14.54
CA LYS R 17 -47.94 -17.75 15.87
C LYS R 17 -49.45 -18.14 16.02
N TYR R 18 -50.12 -18.30 14.89
CA TYR R 18 -51.53 -18.61 14.84
C TYR R 18 -51.79 -19.71 13.81
N PRO R 19 -52.17 -20.90 14.28
CA PRO R 19 -52.34 -21.99 13.36
C PRO R 19 -53.56 -21.79 12.46
N VAL R 20 -53.38 -22.00 11.15
CA VAL R 20 -54.47 -22.00 10.16
C VAL R 20 -54.30 -23.21 9.24
N SER R 21 -55.29 -24.10 9.18
CA SER R 21 -55.26 -25.23 8.26
C SER R 21 -55.21 -24.78 6.80
N PHE R 22 -54.46 -25.51 5.99
CA PHE R 22 -54.51 -25.34 4.53
C PHE R 22 -55.91 -25.63 4.02
N THR R 23 -56.29 -24.87 3.00
CA THR R 23 -57.49 -25.14 2.25
C THR R 23 -57.18 -26.33 1.34
N LYS R 24 -58.22 -26.86 0.72
CA LYS R 24 -58.05 -28.06 -0.10
C LYS R 24 -57.10 -27.75 -1.27
N GLU R 25 -57.27 -26.59 -1.89
CA GLU R 25 -56.38 -26.18 -2.98
C GLU R 25 -54.91 -26.03 -2.55
N GLN R 26 -54.70 -25.41 -1.40
CA GLN R 26 -53.35 -25.23 -0.87
C GLN R 26 -52.68 -26.60 -0.68
N SER R 27 -53.38 -27.54 -0.03
CA SER R 27 -52.91 -28.92 0.08
C SER R 27 -52.57 -29.56 -1.27
N ALA R 28 -53.46 -29.42 -2.25
CA ALA R 28 -53.19 -29.93 -3.60
C ALA R 28 -51.92 -29.30 -4.19
N GLN R 29 -51.75 -28.00 -4.03
CA GLN R 29 -50.58 -27.33 -4.59
C GLN R 29 -49.34 -27.86 -3.91
N ALA R 30 -49.39 -27.96 -2.59
CA ALA R 30 -48.26 -28.43 -1.80
C ALA R 30 -47.86 -29.85 -2.24
N ALA R 31 -48.86 -30.70 -2.46
CA ALA R 31 -48.67 -32.06 -2.98
C ALA R 31 -48.02 -32.09 -4.38
N GLN R 32 -48.52 -31.26 -5.30
CA GLN R 32 -47.90 -30.99 -6.63
C GLN R 32 -46.38 -30.74 -6.56
N TRP R 33 -45.98 -29.82 -5.69
CA TRP R 33 -44.58 -29.49 -5.57
C TRP R 33 -43.75 -30.54 -4.88
N GLU R 34 -44.33 -31.26 -3.92
CA GLU R 34 -43.59 -32.36 -3.30
C GLU R 34 -43.27 -33.40 -4.37
N SER R 35 -44.23 -33.62 -5.26
CA SER R 35 -44.08 -34.60 -6.30
C SER R 35 -42.98 -34.24 -7.27
N VAL R 36 -42.92 -32.96 -7.63
CA VAL R 36 -41.91 -32.43 -8.55
C VAL R 36 -40.53 -32.67 -7.93
N LEU R 37 -40.43 -32.38 -6.64
CA LEU R 37 -39.18 -32.53 -5.90
C LEU R 37 -38.75 -33.99 -5.83
N LYS R 38 -39.69 -34.88 -5.47
CA LYS R 38 -39.40 -36.32 -5.37
C LYS R 38 -38.93 -36.94 -6.69
N SER R 39 -39.48 -36.40 -7.78
CA SER R 39 -39.22 -36.94 -9.11
C SER R 39 -38.00 -36.30 -9.74
N GLY R 40 -37.33 -35.40 -9.03
CA GLY R 40 -36.15 -34.76 -9.56
C GLY R 40 -36.41 -33.82 -10.73
N GLN R 41 -37.65 -33.33 -10.87
CA GLN R 41 -38.12 -32.55 -12.04
C GLN R 41 -38.30 -31.05 -11.78
N ILE R 42 -37.55 -30.47 -10.83
CA ILE R 42 -37.67 -29.02 -10.64
C ILE R 42 -37.39 -28.29 -11.95
N GLN R 43 -36.33 -28.69 -12.66
CA GLN R 43 -35.93 -27.94 -13.85
C GLN R 43 -37.03 -27.72 -14.91
N PRO R 44 -37.69 -28.78 -15.38
CA PRO R 44 -38.84 -28.56 -16.28
C PRO R 44 -40.06 -27.79 -15.69
N HIS R 45 -40.12 -27.67 -14.38
CA HIS R 45 -41.17 -26.90 -13.71
C HIS R 45 -40.75 -25.50 -13.35
N LEU R 46 -39.56 -25.07 -13.77
CA LEU R 46 -39.13 -23.73 -13.39
C LEU R 46 -40.01 -22.71 -14.05
N ASP R 47 -40.43 -22.89 -15.29
CA ASP R 47 -41.29 -21.83 -15.87
C ASP R 47 -42.61 -21.72 -15.11
N GLN R 48 -43.14 -22.87 -14.68
CA GLN R 48 -44.35 -22.93 -13.87
C GLN R 48 -44.14 -22.22 -12.58
N LEU R 49 -43.01 -22.51 -11.91
CA LEU R 49 -42.76 -21.91 -10.64
C LEU R 49 -42.72 -20.39 -10.78
N ASN R 50 -42.07 -19.91 -11.86
CA ASN R 50 -41.97 -18.46 -12.13
C ASN R 50 -43.32 -17.81 -12.33
N LEU R 51 -44.23 -18.54 -12.96
CA LEU R 51 -45.58 -18.01 -13.20
C LEU R 51 -46.39 -18.01 -11.91
N VAL R 52 -46.25 -19.06 -11.10
CA VAL R 52 -46.87 -19.07 -9.74
C VAL R 52 -46.43 -17.87 -8.92
N LEU R 53 -45.14 -17.57 -8.93
CA LEU R 53 -44.57 -16.53 -8.09
C LEU R 53 -44.79 -15.13 -8.66
N ARG R 54 -45.11 -15.02 -9.92
CA ARG R 54 -45.61 -13.73 -10.48
C ARG R 54 -46.85 -13.23 -9.74
N ASP R 55 -47.76 -14.14 -9.39
CA ASP R 55 -49.07 -13.74 -8.90
C ASP R 55 -49.24 -14.09 -7.43
N ASN R 56 -48.29 -14.78 -6.86
CA ASN R 56 -48.40 -15.16 -5.46
C ASN R 56 -47.09 -14.89 -4.72
N THR R 57 -47.16 -14.33 -3.52
CA THR R 57 -45.95 -13.99 -2.79
C THR R 57 -45.15 -15.21 -2.43
N PHE R 58 -45.85 -16.24 -1.95
CA PHE R 58 -45.26 -17.53 -1.64
C PHE R 58 -45.92 -18.62 -2.47
N ILE R 59 -45.27 -19.77 -2.54
CA ILE R 59 -45.61 -20.80 -3.50
C ILE R 59 -47.04 -21.34 -3.33
N VAL R 60 -47.49 -21.55 -2.08
CA VAL R 60 -48.82 -22.10 -1.77
C VAL R 60 -49.89 -21.03 -1.40
N SER R 61 -49.65 -19.79 -1.80
CA SER R 61 -50.59 -18.70 -1.65
C SER R 61 -50.91 -18.46 -0.20
N THR R 62 -49.89 -18.47 0.62
CA THR R 62 -49.97 -18.22 2.04
C THR R 62 -49.44 -16.81 2.35
N LEU R 63 -49.73 -16.33 3.55
CA LEU R 63 -49.17 -15.05 4.01
C LEU R 63 -47.74 -15.13 4.56
N TYR R 64 -47.21 -16.33 4.72
CA TYR R 64 -45.91 -16.55 5.30
C TYR R 64 -45.33 -17.74 4.57
N PRO R 65 -43.99 -17.85 4.53
CA PRO R 65 -43.35 -18.97 3.87
C PRO R 65 -43.75 -20.31 4.54
N THR R 66 -43.88 -21.38 3.75
CA THR R 66 -44.19 -22.72 4.27
C THR R 66 -42.99 -23.64 3.95
N SER R 67 -43.04 -24.89 4.40
CA SER R 67 -41.99 -25.86 4.10
C SER R 67 -41.90 -26.17 2.61
N THR R 68 -43.00 -26.01 1.91
CA THR R 68 -42.99 -26.06 0.44
C THR R 68 -42.06 -25.03 -0.15
N ASP R 69 -42.13 -23.80 0.35
CA ASP R 69 -41.21 -22.75 -0.09
C ASP R 69 -39.80 -23.16 0.17
N VAL R 70 -39.57 -23.72 1.34
CA VAL R 70 -38.24 -24.07 1.75
C VAL R 70 -37.69 -25.21 0.91
N HIS R 71 -38.52 -26.21 0.68
CA HIS R 71 -38.04 -27.40 -0.03
C HIS R 71 -37.75 -27.08 -1.47
N VAL R 72 -38.67 -26.37 -2.11
CA VAL R 72 -38.46 -25.89 -3.48
C VAL R 72 -37.22 -24.99 -3.57
N PHE R 73 -37.09 -24.06 -2.63
CA PHE R 73 -35.93 -23.14 -2.55
C PHE R 73 -34.59 -23.86 -2.48
N GLU R 74 -34.53 -24.92 -1.66
CA GLU R 74 -33.33 -25.69 -1.46
C GLU R 74 -32.81 -26.31 -2.74
N VAL R 75 -33.74 -26.73 -3.60
CA VAL R 75 -33.43 -27.22 -4.93
C VAL R 75 -33.25 -26.10 -5.99
N ALA R 76 -34.13 -25.09 -5.99
CA ALA R 76 -34.13 -23.96 -6.98
C ALA R 76 -32.92 -23.06 -6.95
N LEU R 77 -32.44 -22.77 -5.74
CA LEU R 77 -31.32 -21.87 -5.55
C LEU R 77 -30.07 -22.36 -6.29
N PRO R 78 -29.55 -23.56 -5.93
CA PRO R 78 -28.36 -24.02 -6.68
C PRO R 78 -28.56 -24.18 -8.19
N LEU R 79 -29.76 -24.62 -8.58
CA LEU R 79 -30.14 -24.72 -9.99
C LEU R 79 -30.06 -23.39 -10.74
N ILE R 80 -30.69 -22.35 -10.20
CA ILE R 80 -30.66 -21.03 -10.82
C ILE R 80 -29.23 -20.49 -10.83
N LYS R 81 -28.44 -20.70 -9.77
CA LYS R 81 -27.05 -20.26 -9.77
C LYS R 81 -26.31 -20.92 -10.94
N ASP R 82 -26.53 -22.22 -11.12
CA ASP R 82 -25.88 -22.93 -12.21
C ASP R 82 -26.36 -22.45 -13.56
N LEU R 83 -27.65 -22.22 -13.71
CA LEU R 83 -28.17 -21.63 -14.97
C LEU R 83 -27.56 -20.26 -15.28
N VAL R 84 -27.46 -19.41 -14.26
CA VAL R 84 -26.71 -18.15 -14.41
C VAL R 84 -25.28 -18.36 -14.79
N ALA R 85 -24.57 -19.28 -14.14
CA ALA R 85 -23.18 -19.53 -14.46
C ALA R 85 -22.97 -19.99 -15.92
N SER R 86 -23.91 -20.75 -16.46
CA SER R 86 -23.79 -21.31 -17.79
C SER R 86 -24.62 -20.57 -18.85
N SER R 87 -25.22 -19.47 -18.46
CA SER R 87 -26.05 -18.68 -19.37
C SER R 87 -25.27 -18.16 -20.59
N LYS R 88 -25.92 -18.18 -21.76
CA LYS R 88 -25.40 -17.50 -22.95
C LYS R 88 -25.66 -16.00 -22.88
N ASP R 89 -26.56 -15.58 -22.00
CA ASP R 89 -26.87 -14.15 -21.81
C ASP R 89 -27.50 -13.95 -20.43
N VAL R 90 -26.70 -13.48 -19.49
CA VAL R 90 -27.16 -13.42 -18.10
C VAL R 90 -28.41 -12.56 -17.97
N LYS R 91 -28.49 -11.43 -18.67
CA LYS R 91 -29.67 -10.56 -18.61
C LYS R 91 -30.94 -11.33 -19.01
N SER R 92 -30.81 -12.10 -20.08
CA SER R 92 -31.95 -12.88 -20.57
C SER R 92 -32.40 -13.89 -19.55
N THR R 93 -31.44 -14.51 -18.88
CA THR R 93 -31.75 -15.39 -17.77
C THR R 93 -32.47 -14.71 -16.64
N TYR R 94 -31.90 -13.63 -16.11
CA TYR R 94 -32.57 -12.87 -15.07
C TYR R 94 -33.99 -12.48 -15.46
N THR R 95 -34.17 -12.04 -16.71
CA THR R 95 -35.46 -11.62 -17.21
C THR R 95 -36.43 -12.74 -17.36
N THR R 96 -35.93 -13.95 -17.59
CA THR R 96 -36.79 -15.09 -17.82
C THR R 96 -37.33 -15.66 -16.48
N TYR R 97 -36.67 -15.37 -15.39
CA TYR R 97 -37.04 -15.88 -14.05
C TYR R 97 -37.16 -14.79 -13.00
N ARG R 98 -37.73 -13.64 -13.37
CA ARG R 98 -37.82 -12.49 -12.47
C ARG R 98 -38.48 -12.81 -11.14
N HIS R 99 -39.53 -13.61 -11.21
CA HIS R 99 -40.40 -13.83 -10.05
C HIS R 99 -39.78 -14.85 -9.11
N ILE R 100 -39.17 -15.88 -9.68
CA ILE R 100 -38.33 -16.75 -8.89
C ILE R 100 -37.20 -15.97 -8.21
N LEU R 101 -36.64 -14.97 -8.89
CA LEU R 101 -35.54 -14.27 -8.26
C LEU R 101 -36.01 -13.38 -7.11
N ARG R 102 -37.18 -12.77 -7.24
CA ARG R 102 -37.78 -12.02 -6.15
C ARG R 102 -37.88 -12.91 -4.90
N TRP R 103 -38.39 -14.13 -5.11
CA TRP R 103 -38.63 -15.09 -4.02
C TRP R 103 -37.33 -15.72 -3.48
N ILE R 104 -36.33 -16.00 -4.35
CA ILE R 104 -34.99 -16.38 -3.88
C ILE R 104 -34.36 -15.33 -3.01
N ASP R 105 -34.44 -14.08 -3.46
CA ASP R 105 -33.94 -12.98 -2.66
C ASP R 105 -34.57 -13.05 -1.23
N TYR R 106 -35.90 -13.17 -1.17
CA TYR R 106 -36.60 -13.25 0.10
C TYR R 106 -36.05 -14.42 0.92
N MET R 107 -36.11 -15.61 0.33
CA MET R 107 -35.84 -16.83 1.07
C MET R 107 -34.40 -16.93 1.54
N GLN R 108 -33.43 -16.47 0.71
CA GLN R 108 -32.04 -16.59 1.12
C GLN R 108 -31.69 -15.65 2.25
N ASN R 109 -32.38 -14.52 2.35
CA ASN R 109 -32.23 -13.59 3.45
C ASN R 109 -32.95 -14.11 4.69
N LEU R 110 -34.19 -14.60 4.54
CA LEU R 110 -34.95 -15.19 5.64
C LEU R 110 -34.14 -16.27 6.37
N LEU R 111 -33.55 -17.17 5.57
CA LEU R 111 -32.91 -18.35 6.08
C LEU R 111 -31.43 -18.17 6.30
N GLU R 112 -30.95 -16.94 6.11
CA GLU R 112 -29.55 -16.61 6.32
C GLU R 112 -28.62 -17.61 5.65
N VAL R 113 -28.80 -17.75 4.35
CA VAL R 113 -27.92 -18.59 3.55
C VAL R 113 -26.53 -17.94 3.51
N SER R 114 -25.47 -18.72 3.52
CA SER R 114 -24.11 -18.12 3.58
C SER R 114 -23.89 -17.17 2.40
N SER R 115 -23.09 -16.13 2.59
CA SER R 115 -22.61 -15.30 1.47
C SER R 115 -22.23 -16.12 0.25
N THR R 116 -21.48 -17.19 0.44
CA THR R 116 -21.03 -17.97 -0.71
C THR R 116 -22.18 -18.68 -1.48
N ASP R 117 -23.19 -19.21 -0.78
CA ASP R 117 -24.24 -20.02 -1.44
C ASP R 117 -25.39 -19.15 -1.98
N LYS R 118 -25.43 -17.89 -1.58
CA LYS R 118 -26.47 -16.99 -2.10
C LYS R 118 -26.32 -16.78 -3.61
N LEU R 119 -27.42 -16.45 -4.26
CA LEU R 119 -27.43 -15.95 -5.62
C LEU R 119 -27.34 -14.43 -5.59
N GLU R 120 -26.39 -13.88 -6.35
CA GLU R 120 -26.27 -12.45 -6.57
C GLU R 120 -27.48 -11.95 -7.28
N ILE R 121 -28.17 -10.99 -6.67
CA ILE R 121 -29.21 -10.30 -7.43
C ILE R 121 -28.45 -9.19 -8.16
N ASN R 122 -27.87 -9.55 -9.30
CA ASN R 122 -26.99 -8.69 -10.13
C ASN R 122 -26.59 -7.38 -9.45
N ASP S 5 -50.25 13.57 -43.27
CA ASP S 5 -48.79 13.90 -43.38
C ASP S 5 -47.91 12.65 -43.13
N LEU S 6 -47.95 12.13 -41.90
CA LEU S 6 -47.52 10.76 -41.63
C LEU S 6 -48.25 9.82 -42.57
N VAL S 7 -49.54 10.09 -42.78
CA VAL S 7 -50.38 9.33 -43.69
C VAL S 7 -49.94 9.54 -45.13
N THR S 8 -49.66 10.79 -45.50
CA THR S 8 -49.10 11.03 -46.82
C THR S 8 -47.84 10.18 -47.01
N LYS S 9 -46.90 10.21 -46.06
CA LYS S 9 -45.66 9.45 -46.23
C LYS S 9 -46.00 7.98 -46.41
N PHE S 10 -46.84 7.49 -45.53
CA PHE S 10 -47.23 6.10 -45.58
C PHE S 10 -47.82 5.76 -46.97
N GLU S 11 -48.70 6.60 -47.49
CA GLU S 11 -49.27 6.29 -48.78
C GLU S 11 -48.29 6.53 -49.95
N SER S 12 -47.17 7.22 -49.73
CA SER S 12 -46.17 7.38 -50.81
C SER S 12 -45.34 6.11 -51.00
N LEU S 13 -45.39 5.21 -50.01
CA LEU S 13 -44.58 3.98 -50.00
C LEU S 13 -45.28 2.78 -50.65
N ILE S 14 -44.60 1.99 -51.49
CA ILE S 14 -45.27 0.80 -52.06
C ILE S 14 -45.77 -0.19 -51.00
N ILE S 15 -45.21 -0.15 -49.79
CA ILE S 15 -45.59 -1.12 -48.78
C ILE S 15 -47.05 -0.90 -48.38
N SER S 16 -47.59 0.29 -48.70
CA SER S 16 -48.98 0.60 -48.39
C SER S 16 -49.96 -0.08 -49.36
N LYS S 17 -49.47 -0.65 -50.45
CA LYS S 17 -50.32 -1.43 -51.37
C LYS S 17 -50.17 -2.89 -50.95
N TYR S 18 -51.27 -3.47 -50.46
CA TYR S 18 -51.13 -4.56 -49.51
C TYR S 18 -52.44 -5.28 -49.11
N PRO S 19 -52.48 -6.61 -49.32
CA PRO S 19 -53.15 -7.48 -48.39
C PRO S 19 -52.83 -7.06 -46.95
N SER S 21 -56.17 -8.26 -47.24
CA SER S 21 -57.40 -9.08 -47.27
C SER S 21 -57.85 -9.57 -45.89
N PHE S 22 -58.55 -8.71 -45.15
CA PHE S 22 -58.86 -8.94 -43.74
C PHE S 22 -59.81 -10.10 -43.47
N THR S 23 -59.51 -10.82 -42.40
CA THR S 23 -60.47 -11.70 -41.75
C THR S 23 -61.56 -10.86 -41.08
N LYS S 24 -62.63 -11.52 -40.65
CA LYS S 24 -63.66 -10.84 -39.89
C LYS S 24 -63.12 -10.27 -38.60
N GLU S 25 -62.14 -10.95 -37.99
CA GLU S 25 -61.56 -10.48 -36.72
C GLU S 25 -60.60 -9.31 -36.91
N GLN S 26 -59.91 -9.27 -38.06
CA GLN S 26 -59.08 -8.14 -38.45
C GLN S 26 -59.94 -6.90 -38.79
N SER S 27 -61.03 -7.12 -39.50
CA SER S 27 -61.98 -6.04 -39.75
C SER S 27 -62.51 -5.46 -38.43
N ALA S 28 -62.81 -6.34 -37.47
CA ALA S 28 -63.28 -5.90 -36.14
C ALA S 28 -62.24 -5.11 -35.38
N GLN S 29 -61.00 -5.58 -35.38
CA GLN S 29 -59.90 -4.85 -34.73
C GLN S 29 -59.71 -3.47 -35.37
N ALA S 30 -59.69 -3.42 -36.70
CA ALA S 30 -59.51 -2.17 -37.41
C ALA S 30 -60.65 -1.22 -37.08
N ALA S 31 -61.88 -1.73 -37.17
CA ALA S 31 -63.06 -0.97 -36.76
C ALA S 31 -62.95 -0.45 -35.33
N GLN S 32 -62.52 -1.30 -34.39
CA GLN S 32 -62.42 -0.87 -32.99
C GLN S 32 -61.47 0.31 -32.86
N TRP S 33 -60.28 0.19 -33.44
CA TRP S 33 -59.28 1.27 -33.35
C TRP S 33 -59.77 2.55 -33.98
N GLU S 34 -60.54 2.48 -35.07
CA GLU S 34 -61.09 3.65 -35.72
C GLU S 34 -62.00 4.43 -34.78
N SER S 35 -62.91 3.70 -34.15
CA SER S 35 -63.86 4.31 -33.20
C SER S 35 -63.11 4.89 -31.99
N VAL S 36 -62.06 4.20 -31.54
CA VAL S 36 -61.25 4.76 -30.45
C VAL S 36 -60.62 6.08 -30.87
N LEU S 37 -60.18 6.17 -32.12
CA LEU S 37 -59.55 7.39 -32.61
C LEU S 37 -60.61 8.44 -32.84
N LYS S 38 -61.77 8.03 -33.31
CA LYS S 38 -62.81 9.02 -33.64
C LYS S 38 -63.38 9.65 -32.35
N SER S 39 -63.33 8.89 -31.25
CA SER S 39 -63.72 9.34 -29.92
C SER S 39 -62.66 10.13 -29.14
N GLY S 40 -61.43 10.16 -29.62
CA GLY S 40 -60.36 10.79 -28.86
C GLY S 40 -59.97 10.02 -27.60
N GLN S 41 -60.19 8.70 -27.57
CA GLN S 41 -59.96 7.90 -26.36
C GLN S 41 -58.73 6.99 -26.47
N ILE S 42 -57.74 7.37 -27.27
CA ILE S 42 -56.52 6.58 -27.30
C ILE S 42 -55.92 6.42 -25.89
N GLN S 43 -55.93 7.47 -25.09
CA GLN S 43 -55.23 7.36 -23.80
C GLN S 43 -55.79 6.28 -22.87
N PRO S 44 -57.11 6.26 -22.63
CA PRO S 44 -57.65 5.11 -21.89
C PRO S 44 -57.46 3.73 -22.52
N HIS S 45 -57.13 3.69 -23.81
CA HIS S 45 -56.88 2.40 -24.49
C HIS S 45 -55.40 2.06 -24.68
N LEU S 46 -54.53 2.88 -24.11
CA LEU S 46 -53.10 2.66 -24.18
C LEU S 46 -52.69 1.29 -23.63
N ASP S 47 -53.22 0.92 -22.47
CA ASP S 47 -52.90 -0.40 -21.90
C ASP S 47 -53.34 -1.55 -22.83
N GLN S 48 -54.51 -1.40 -23.43
CA GLN S 48 -55.01 -2.41 -24.38
C GLN S 48 -54.13 -2.46 -25.63
N LEU S 49 -53.63 -1.30 -26.02
CA LEU S 49 -52.75 -1.25 -27.21
C LEU S 49 -51.44 -2.00 -26.91
N ASN S 50 -50.90 -1.77 -25.72
CA ASN S 50 -49.69 -2.44 -25.30
C ASN S 50 -49.93 -3.96 -25.26
N LEU S 51 -51.10 -4.39 -24.84
CA LEU S 51 -51.36 -5.83 -24.74
C LEU S 51 -51.55 -6.43 -26.15
N VAL S 52 -52.22 -5.69 -27.04
CA VAL S 52 -52.34 -6.11 -28.43
C VAL S 52 -50.97 -6.31 -29.09
N LEU S 53 -50.09 -5.30 -28.93
CA LEU S 53 -48.75 -5.35 -29.54
C LEU S 53 -47.78 -6.32 -28.87
N ARG S 54 -48.17 -6.87 -27.72
CA ARG S 54 -47.37 -7.88 -27.09
C ARG S 54 -47.37 -9.07 -27.99
N ASP S 55 -48.55 -9.40 -28.53
CA ASP S 55 -48.79 -10.67 -29.20
C ASP S 55 -48.96 -10.53 -30.72
N ASN S 56 -48.89 -9.31 -31.18
CA ASN S 56 -49.06 -8.98 -32.60
C ASN S 56 -48.03 -7.94 -33.03
N THR S 57 -47.35 -8.20 -34.13
CA THR S 57 -46.34 -7.28 -34.65
C THR S 57 -46.86 -5.95 -35.02
N PHE S 58 -47.99 -5.97 -35.74
CA PHE S 58 -48.74 -4.77 -36.06
C PHE S 58 -50.17 -4.89 -35.47
N ILE S 59 -50.85 -3.75 -35.39
CA ILE S 59 -52.09 -3.64 -34.60
C ILE S 59 -53.20 -4.62 -35.07
N VAL S 60 -53.31 -4.80 -36.40
CA VAL S 60 -54.36 -5.65 -36.98
C VAL S 60 -53.84 -7.03 -37.44
N SER S 61 -52.77 -7.52 -36.81
CA SER S 61 -52.22 -8.85 -37.13
C SER S 61 -51.99 -9.03 -38.62
N THR S 62 -51.38 -8.03 -39.25
CA THR S 62 -51.02 -8.04 -40.65
C THR S 62 -49.56 -8.40 -40.83
N LEU S 63 -49.13 -8.67 -42.05
CA LEU S 63 -47.72 -8.84 -42.38
C LEU S 63 -46.95 -7.51 -42.56
N TYR S 64 -47.68 -6.42 -42.70
CA TYR S 64 -47.10 -5.10 -42.99
C TYR S 64 -47.93 -4.10 -42.24
N PRO S 65 -47.37 -2.92 -41.97
CA PRO S 65 -48.15 -1.96 -41.27
C PRO S 65 -49.27 -1.49 -42.16
N THR S 66 -50.41 -1.20 -41.53
CA THR S 66 -51.63 -0.88 -42.25
C THR S 66 -52.01 0.55 -41.88
N SER S 67 -53.04 1.10 -42.49
CA SER S 67 -53.42 2.47 -42.14
C SER S 67 -53.84 2.59 -40.65
N THR S 68 -54.32 1.50 -40.08
CA THR S 68 -54.65 1.49 -38.65
C THR S 68 -53.43 1.78 -37.80
N ASP S 69 -52.30 1.16 -38.16
CA ASP S 69 -51.01 1.39 -37.46
C ASP S 69 -50.61 2.88 -37.58
N VAL S 70 -50.78 3.44 -38.77
CA VAL S 70 -50.33 4.80 -38.97
C VAL S 70 -51.22 5.79 -38.21
N HIS S 71 -52.53 5.59 -38.28
CA HIS S 71 -53.43 6.43 -37.53
C HIS S 71 -53.21 6.38 -36.02
N VAL S 72 -53.01 5.19 -35.46
CA VAL S 72 -52.90 5.08 -33.99
C VAL S 72 -51.52 5.67 -33.61
N PHE S 73 -50.55 5.47 -34.49
CA PHE S 73 -49.19 5.96 -34.26
C PHE S 73 -49.15 7.48 -34.15
N GLU S 74 -49.96 8.16 -34.97
CA GLU S 74 -50.02 9.61 -35.00
C GLU S 74 -50.32 10.19 -33.64
N VAL S 75 -51.24 9.51 -32.95
CA VAL S 75 -51.74 9.96 -31.65
C VAL S 75 -50.89 9.33 -30.52
N ALA S 76 -50.47 8.07 -30.70
CA ALA S 76 -49.77 7.35 -29.63
C ALA S 76 -48.36 7.86 -29.41
N LEU S 77 -47.67 8.24 -30.50
CA LEU S 77 -46.30 8.76 -30.42
C LEU S 77 -46.28 9.97 -29.48
N PRO S 78 -47.02 11.05 -29.81
CA PRO S 78 -47.00 12.21 -28.91
C PRO S 78 -47.36 11.93 -27.44
N LEU S 79 -48.38 11.10 -27.22
CA LEU S 79 -48.81 10.74 -25.87
C LEU S 79 -47.72 10.01 -25.11
N ILE S 80 -47.13 9.01 -25.74
CA ILE S 80 -46.02 8.31 -25.12
C ILE S 80 -44.86 9.27 -24.77
N LYS S 81 -44.51 10.16 -25.68
CA LYS S 81 -43.44 11.08 -25.41
C LYS S 81 -43.84 11.93 -24.20
N ASP S 82 -45.09 12.38 -24.19
CA ASP S 82 -45.65 13.14 -23.08
C ASP S 82 -45.54 12.36 -21.76
N LEU S 83 -45.87 11.06 -21.80
CA LEU S 83 -45.78 10.21 -20.62
C LEU S 83 -44.35 10.07 -20.17
N VAL S 84 -43.43 9.96 -21.11
CA VAL S 84 -42.03 9.83 -20.74
C VAL S 84 -41.50 11.12 -20.13
N ALA S 85 -41.85 12.27 -20.70
CA ALA S 85 -41.39 13.58 -20.15
C ALA S 85 -41.94 13.89 -18.72
N SER S 86 -43.15 13.44 -18.43
CA SER S 86 -43.73 13.63 -17.11
C SER S 86 -43.53 12.43 -16.18
N SER S 87 -42.79 11.42 -16.59
CA SER S 87 -42.61 10.26 -15.74
C SER S 87 -41.96 10.55 -14.36
N LYS S 88 -42.55 9.94 -13.34
CA LYS S 88 -41.95 9.87 -12.00
C LYS S 88 -40.78 8.86 -11.94
N ASP S 89 -40.69 7.96 -12.89
CA ASP S 89 -39.56 7.03 -12.93
C ASP S 89 -39.56 6.43 -14.32
N VAL S 90 -38.52 6.75 -15.08
CA VAL S 90 -38.61 6.59 -16.53
C VAL S 90 -38.56 5.11 -16.89
N LYS S 91 -37.65 4.39 -16.24
CA LYS S 91 -37.58 2.92 -16.32
C LYS S 91 -38.97 2.29 -16.12
N SER S 92 -39.72 2.77 -15.14
CA SER S 92 -41.05 2.24 -14.88
C SER S 92 -41.96 2.50 -16.04
N THR S 93 -41.81 3.68 -16.66
CA THR S 93 -42.67 3.99 -17.83
C THR S 93 -42.33 3.07 -19.02
N TYR S 94 -41.05 2.98 -19.33
CA TYR S 94 -40.62 2.05 -20.40
C TYR S 94 -41.11 0.62 -20.21
N THR S 95 -41.02 0.14 -18.97
CA THR S 95 -41.36 -1.22 -18.67
C THR S 95 -42.84 -1.36 -18.81
N THR S 96 -43.59 -0.29 -18.48
CA THR S 96 -45.04 -0.30 -18.58
C THR S 96 -45.59 -0.31 -20.01
N TYR S 97 -44.85 0.23 -20.97
CA TYR S 97 -45.34 0.32 -22.41
C TYR S 97 -44.35 -0.32 -23.37
N ARG S 98 -43.79 -1.46 -22.96
CA ARG S 98 -42.71 -2.05 -23.69
C ARG S 98 -43.06 -2.35 -25.14
N HIS S 99 -44.25 -2.88 -25.37
CA HIS S 99 -44.67 -3.36 -26.69
C HIS S 99 -45.06 -2.19 -27.58
N ILE S 100 -45.70 -1.18 -27.00
CA ILE S 100 -45.87 0.08 -27.68
C ILE S 100 -44.52 0.65 -28.17
N LEU S 101 -43.48 0.58 -27.35
CA LEU S 101 -42.21 1.20 -27.72
C LEU S 101 -41.50 0.44 -28.84
N ARG S 102 -41.62 -0.89 -28.83
CA ARG S 102 -41.06 -1.67 -29.93
C ARG S 102 -41.68 -1.21 -31.24
N TRP S 103 -43.01 -1.03 -31.22
CA TRP S 103 -43.81 -0.69 -32.41
C TRP S 103 -43.62 0.77 -32.78
N ILE S 104 -43.37 1.62 -31.80
CA ILE S 104 -42.99 3.02 -32.05
C ILE S 104 -41.72 3.08 -32.76
N ASP S 105 -40.72 2.41 -32.20
CA ASP S 105 -39.40 2.32 -32.86
C ASP S 105 -39.51 1.89 -34.34
N TYR S 106 -40.31 0.88 -34.65
CA TYR S 106 -40.59 0.49 -36.03
C TYR S 106 -41.20 1.64 -36.85
N MET S 107 -42.33 2.13 -36.36
CA MET S 107 -43.17 3.03 -37.12
C MET S 107 -42.46 4.31 -37.38
N GLN S 108 -41.64 4.74 -36.44
CA GLN S 108 -40.96 6.04 -36.66
C GLN S 108 -39.80 5.97 -37.65
N ASN S 109 -39.13 4.82 -37.74
CA ASN S 109 -38.12 4.66 -38.78
C ASN S 109 -38.79 4.47 -40.11
N LEU S 110 -39.85 3.66 -40.16
CA LEU S 110 -40.61 3.47 -41.39
C LEU S 110 -41.06 4.82 -41.96
N LEU S 111 -41.61 5.65 -41.09
CA LEU S 111 -42.21 6.89 -41.54
C LEU S 111 -41.20 8.03 -41.53
N GLU S 112 -39.95 7.71 -41.29
CA GLU S 112 -38.89 8.72 -41.38
C GLU S 112 -39.30 9.98 -40.62
N VAL S 113 -39.76 9.75 -39.38
CA VAL S 113 -40.01 10.82 -38.42
C VAL S 113 -38.68 11.50 -38.12
N SER S 114 -38.77 12.81 -37.88
CA SER S 114 -37.65 13.68 -37.59
C SER S 114 -36.84 13.19 -36.40
N SER S 115 -35.52 13.39 -36.44
CA SER S 115 -34.65 13.22 -35.27
C SER S 115 -34.88 14.36 -34.26
N THR S 116 -36.14 14.47 -33.86
CA THR S 116 -36.69 15.66 -33.25
C THR S 116 -38.04 15.27 -32.66
N ASP S 117 -38.92 14.73 -33.49
CA ASP S 117 -40.24 14.27 -33.05
C ASP S 117 -40.17 12.79 -32.69
N LYS S 118 -39.02 12.17 -32.92
CA LYS S 118 -38.86 10.76 -32.54
C LYS S 118 -38.80 10.59 -31.02
N LEU S 119 -39.25 9.43 -30.56
CA LEU S 119 -39.09 9.04 -29.18
C LEU S 119 -37.73 8.38 -29.10
N GLU S 120 -36.87 8.90 -28.25
CA GLU S 120 -35.55 8.31 -28.06
C GLU S 120 -35.60 7.18 -27.03
N ILE S 121 -34.44 6.64 -26.68
CA ILE S 121 -34.36 5.41 -25.90
C ILE S 121 -32.93 5.19 -25.39
N MET T 3 -54.16 6.55 14.71
CA MET T 3 -54.01 5.58 13.60
C MET T 3 -55.33 5.30 12.89
N SER T 4 -55.24 5.10 11.59
CA SER T 4 -56.34 4.60 10.81
C SER T 4 -56.60 3.15 11.22
N ASP T 5 -57.73 2.62 10.79
CA ASP T 5 -58.16 1.27 11.16
C ASP T 5 -57.20 0.24 10.65
N LEU T 6 -56.64 0.46 9.46
CA LEU T 6 -55.69 -0.48 8.88
C LEU T 6 -54.36 -0.47 9.67
N VAL T 7 -53.94 0.69 10.16
CA VAL T 7 -52.71 0.72 10.93
C VAL T 7 -52.93 0.04 12.30
N THR T 8 -54.07 0.27 12.92
CA THR T 8 -54.40 -0.39 14.20
C THR T 8 -54.38 -1.92 14.03
N LYS T 9 -55.02 -2.40 12.97
CA LYS T 9 -54.98 -3.83 12.67
C LYS T 9 -53.54 -4.36 12.49
N PHE T 10 -52.75 -3.66 11.69
CA PHE T 10 -51.36 -4.01 11.49
C PHE T 10 -50.63 -4.08 12.82
N GLU T 11 -50.79 -3.10 13.66
CA GLU T 11 -50.09 -3.08 14.93
C GLU T 11 -50.55 -4.20 15.88
N SER T 12 -51.69 -4.82 15.61
CA SER T 12 -52.17 -5.97 16.40
C SER T 12 -51.52 -7.29 15.98
N LEU T 13 -50.79 -7.28 14.85
CA LEU T 13 -50.09 -8.48 14.34
C LEU T 13 -48.67 -8.57 14.89
N ILE T 14 -48.21 -9.79 15.18
CA ILE T 14 -46.85 -10.00 15.74
C ILE T 14 -45.68 -9.56 14.82
N ILE T 15 -45.79 -9.78 13.51
CA ILE T 15 -44.79 -9.27 12.56
C ILE T 15 -44.61 -7.75 12.58
N SER T 16 -45.55 -7.01 13.16
CA SER T 16 -45.37 -5.56 13.33
C SER T 16 -44.33 -5.27 14.40
N LYS T 17 -44.03 -6.27 15.23
CA LYS T 17 -43.13 -6.14 16.36
C LYS T 17 -41.75 -6.71 16.06
N TYR T 18 -41.55 -7.15 14.83
CA TYR T 18 -40.22 -7.51 14.33
C TYR T 18 -39.44 -6.24 14.06
N PRO T 19 -38.19 -6.17 14.50
CA PRO T 19 -37.49 -4.89 14.59
C PRO T 19 -37.37 -4.17 13.24
N VAL T 20 -36.67 -4.74 12.31
CA VAL T 20 -35.90 -3.94 11.35
C VAL T 20 -34.41 -4.22 11.48
N SER T 21 -33.66 -3.64 10.61
CA SER T 21 -33.09 -2.35 10.85
C SER T 21 -32.91 -1.74 9.48
N PHE T 22 -33.76 -0.80 9.10
CA PHE T 22 -33.62 -0.24 7.77
C PHE T 22 -32.15 0.04 7.53
N THR T 23 -31.78 0.08 6.25
CA THR T 23 -30.61 0.81 5.78
C THR T 23 -30.99 2.26 5.41
N LYS T 24 -30.00 3.04 4.99
CA LYS T 24 -30.22 4.43 4.60
C LYS T 24 -31.12 4.48 3.38
N GLU T 25 -30.85 3.60 2.42
CA GLU T 25 -31.67 3.45 1.23
C GLU T 25 -33.10 3.06 1.56
N GLN T 26 -33.28 2.16 2.52
CA GLN T 26 -34.62 1.75 2.91
C GLN T 26 -35.31 2.92 3.56
N SER T 27 -34.67 3.49 4.58
CA SER T 27 -35.19 4.69 5.26
C SER T 27 -35.58 5.77 4.26
N ALA T 28 -34.68 6.06 3.32
CA ALA T 28 -34.96 7.04 2.28
C ALA T 28 -36.14 6.64 1.40
N GLN T 29 -36.28 5.34 1.10
CA GLN T 29 -37.40 4.91 0.30
C GLN T 29 -38.71 5.00 1.08
N ALA T 30 -38.68 4.67 2.37
CA ALA T 30 -39.88 4.83 3.21
C ALA T 30 -40.23 6.32 3.23
N ALA T 31 -39.23 7.17 3.37
CA ALA T 31 -39.49 8.60 3.40
C ALA T 31 -40.10 9.08 2.09
N GLN T 32 -39.64 8.56 0.95
CA GLN T 32 -40.18 9.01 -0.36
C GLN T 32 -41.64 8.62 -0.53
N TRP T 33 -41.99 7.39 -0.15
CA TRP T 33 -43.36 6.93 -0.25
C TRP T 33 -44.22 7.75 0.70
N GLU T 34 -43.66 8.14 1.84
CA GLU T 34 -44.38 9.00 2.75
C GLU T 34 -44.72 10.31 2.03
N SER T 35 -43.75 10.95 1.39
CA SER T 35 -44.00 12.24 0.77
C SER T 35 -45.02 12.09 -0.39
N VAL T 36 -44.94 10.96 -1.08
CA VAL T 36 -45.92 10.62 -2.14
C VAL T 36 -47.34 10.60 -1.58
N LEU T 37 -47.50 9.88 -0.46
CA LEU T 37 -48.76 9.83 0.27
C LEU T 37 -49.24 11.21 0.74
N LYS T 38 -48.37 11.97 1.37
CA LYS T 38 -48.74 13.30 1.90
C LYS T 38 -49.25 14.25 0.82
N SER T 39 -48.66 14.16 -0.36
CA SER T 39 -49.03 15.02 -1.48
C SER T 39 -50.22 14.48 -2.27
N GLY T 40 -50.72 13.30 -1.94
CA GLY T 40 -51.81 12.69 -2.69
C GLY T 40 -51.44 12.25 -4.12
N GLN T 41 -50.20 11.78 -4.28
CA GLN T 41 -49.63 11.52 -5.60
C GLN T 41 -49.36 10.06 -5.87
N ILE T 42 -50.15 9.17 -5.25
CA ILE T 42 -50.01 7.77 -5.52
C ILE T 42 -50.34 7.43 -6.96
N GLN T 43 -51.40 8.01 -7.55
CA GLN T 43 -51.77 7.57 -8.89
C GLN T 43 -50.62 7.69 -9.91
N PRO T 44 -49.99 8.88 -10.05
CA PRO T 44 -48.82 8.94 -10.96
C PRO T 44 -47.64 8.04 -10.58
N HIS T 45 -47.59 7.52 -9.36
CA HIS T 45 -46.49 6.61 -8.92
C HIS T 45 -46.83 5.12 -9.00
N LEU T 46 -47.93 4.78 -9.66
CA LEU T 46 -48.40 3.36 -9.74
C LEU T 46 -47.46 2.52 -10.57
N ASP T 47 -47.05 3.07 -11.72
CA ASP T 47 -46.05 2.39 -12.54
C ASP T 47 -44.78 2.11 -11.76
N GLN T 48 -44.26 3.11 -11.05
CA GLN T 48 -43.14 2.86 -10.12
C GLN T 48 -43.40 1.80 -9.03
N LEU T 49 -44.54 1.88 -8.38
CA LEU T 49 -44.91 0.91 -7.34
C LEU T 49 -44.90 -0.50 -7.94
N ASN T 50 -45.44 -0.64 -9.15
CA ASN T 50 -45.52 -1.95 -9.76
C ASN T 50 -44.12 -2.48 -10.05
N LEU T 51 -43.22 -1.59 -10.46
CA LEU T 51 -41.85 -2.00 -10.76
C LEU T 51 -41.13 -2.41 -9.52
N VAL T 52 -41.29 -1.63 -8.46
CA VAL T 52 -40.69 -2.02 -7.14
C VAL T 52 -41.15 -3.40 -6.71
N LEU T 53 -42.45 -3.65 -6.79
CA LEU T 53 -42.99 -4.87 -6.33
C LEU T 53 -42.73 -6.04 -7.27
N ARG T 54 -42.32 -5.77 -8.52
CA ARG T 54 -41.85 -6.83 -9.38
C ARG T 54 -40.69 -7.62 -8.76
N ASP T 55 -39.75 -6.86 -8.21
CA ASP T 55 -38.52 -7.38 -7.74
C ASP T 55 -38.37 -7.47 -6.22
N ASN T 56 -39.34 -6.93 -5.50
CA ASN T 56 -39.37 -6.93 -4.04
C ASN T 56 -40.65 -7.42 -3.51
N THR T 57 -40.58 -8.30 -2.52
CA THR T 57 -41.80 -8.83 -1.93
C THR T 57 -42.68 -7.73 -1.28
N PHE T 58 -42.04 -6.88 -0.48
CA PHE T 58 -42.74 -5.76 0.14
C PHE T 58 -42.07 -4.44 -0.30
N ILE T 59 -42.73 -3.31 -0.07
CA ILE T 59 -42.35 -2.04 -0.72
C ILE T 59 -40.91 -1.65 -0.40
N VAL T 60 -40.51 -1.81 0.86
CA VAL T 60 -39.16 -1.38 1.30
C VAL T 60 -38.19 -2.54 1.46
N SER T 61 -38.40 -3.66 0.75
CA SER T 61 -37.41 -4.75 0.70
C SER T 61 -37.20 -5.47 2.02
N THR T 62 -38.28 -5.67 2.76
CA THR T 62 -38.19 -6.25 4.07
C THR T 62 -38.72 -7.71 4.02
N LEU T 63 -38.47 -8.47 5.09
CA LEU T 63 -39.05 -9.80 5.20
C LEU T 63 -40.54 -9.77 5.55
N TYR T 64 -41.00 -8.68 6.18
CA TYR T 64 -42.40 -8.55 6.56
C TYR T 64 -42.91 -7.17 6.13
N PRO T 65 -44.23 -7.01 5.99
CA PRO T 65 -44.76 -5.68 5.69
C PRO T 65 -44.35 -4.69 6.75
N THR T 66 -44.24 -3.43 6.35
CA THR T 66 -43.90 -2.34 7.26
C THR T 66 -45.06 -1.37 7.20
N SER T 67 -45.06 -0.36 8.06
CA SER T 67 -46.03 0.72 7.96
C SER T 67 -46.08 1.37 6.56
N THR T 68 -45.00 1.29 5.79
CA THR T 68 -45.05 1.81 4.41
C THR T 68 -46.03 1.03 3.54
N ASP T 69 -45.96 -0.30 3.64
CA ASP T 69 -46.88 -1.16 2.92
C ASP T 69 -48.30 -0.90 3.32
N VAL T 70 -48.54 -0.72 4.63
CA VAL T 70 -49.88 -0.47 5.13
C VAL T 70 -50.37 0.86 4.60
N HIS T 71 -49.53 1.89 4.69
CA HIS T 71 -49.95 3.23 4.34
C HIS T 71 -50.22 3.35 2.82
N VAL T 72 -49.35 2.76 2.01
CA VAL T 72 -49.53 2.81 0.55
C VAL T 72 -50.75 1.95 0.12
N PHE T 73 -50.91 0.78 0.75
CA PHE T 73 -52.06 -0.11 0.48
C PHE T 73 -53.39 0.59 0.73
N GLU T 74 -53.45 1.37 1.82
CA GLU T 74 -54.67 2.02 2.23
C GLU T 74 -55.21 2.92 1.12
N VAL T 75 -54.30 3.52 0.35
CA VAL T 75 -54.67 4.35 -0.78
C VAL T 75 -54.74 3.56 -2.10
N ALA T 76 -53.84 2.59 -2.26
CA ALA T 76 -53.74 1.84 -3.51
C ALA T 76 -54.93 0.92 -3.76
N LEU T 77 -55.45 0.30 -2.71
CA LEU T 77 -56.58 -0.60 -2.84
C LEU T 77 -57.77 0.11 -3.57
N PRO T 78 -58.35 1.17 -2.97
CA PRO T 78 -59.46 1.82 -3.67
C PRO T 78 -59.12 2.34 -5.07
N LEU T 79 -57.91 2.83 -5.26
CA LEU T 79 -57.46 3.30 -6.57
C LEU T 79 -57.48 2.19 -7.62
N ILE T 80 -56.88 1.06 -7.30
CA ILE T 80 -56.82 -0.06 -8.25
C ILE T 80 -58.24 -0.61 -8.49
N LYS T 81 -59.03 -0.71 -7.43
CA LYS T 81 -60.40 -1.21 -7.59
C LYS T 81 -61.21 -0.31 -8.56
N ASP T 82 -60.94 0.97 -8.52
CA ASP T 82 -61.65 1.92 -9.34
C ASP T 82 -61.12 1.90 -10.80
N LEU T 83 -59.82 1.74 -10.95
CA LEU T 83 -59.23 1.46 -12.26
C LEU T 83 -59.80 0.18 -12.88
N VAL T 84 -59.90 -0.90 -12.12
CA VAL T 84 -60.49 -2.13 -12.64
C VAL T 84 -61.97 -1.92 -13.10
N ALA T 85 -62.77 -1.27 -12.27
CA ALA T 85 -64.20 -1.10 -12.57
C ALA T 85 -64.46 -0.27 -13.82
N SER T 86 -63.59 0.69 -14.09
CA SER T 86 -63.79 1.65 -15.19
C SER T 86 -62.95 1.27 -16.44
N SER T 87 -62.43 0.04 -16.43
CA SER T 87 -61.46 -0.41 -17.42
C SER T 87 -62.12 -0.64 -18.78
N LYS T 88 -61.48 -0.10 -19.82
CA LYS T 88 -61.78 -0.40 -21.22
C LYS T 88 -61.45 -1.84 -21.59
N ASP T 89 -60.52 -2.44 -20.86
CA ASP T 89 -60.12 -3.83 -21.10
C ASP T 89 -59.57 -4.40 -19.84
N VAL T 90 -60.37 -5.13 -19.08
CA VAL T 90 -59.90 -5.49 -17.73
C VAL T 90 -58.61 -6.33 -17.77
N LYS T 91 -58.46 -7.22 -18.75
CA LYS T 91 -57.22 -8.01 -18.85
C LYS T 91 -55.96 -7.13 -19.03
N SER T 92 -56.07 -6.07 -19.80
CA SER T 92 -54.94 -5.16 -19.99
C SER T 92 -54.64 -4.41 -18.69
N THR T 93 -55.65 -4.15 -17.88
CA THR T 93 -55.40 -3.54 -16.57
C THR T 93 -54.71 -4.50 -15.63
N TYR T 94 -55.17 -5.75 -15.61
CA TYR T 94 -54.52 -6.73 -14.77
C TYR T 94 -53.06 -6.92 -15.16
N THR T 95 -52.79 -7.01 -16.46
CA THR T 95 -51.44 -7.16 -16.95
C THR T 95 -50.51 -5.96 -16.64
N THR T 96 -51.08 -4.78 -16.53
CA THR T 96 -50.30 -3.56 -16.34
C THR T 96 -49.86 -3.38 -14.89
N TYR T 97 -50.61 -3.99 -13.98
CA TYR T 97 -50.38 -3.85 -12.53
C TYR T 97 -50.26 -5.19 -11.81
N ARG T 98 -49.66 -6.15 -12.48
CA ARG T 98 -49.52 -7.53 -11.97
C ARG T 98 -48.93 -7.64 -10.57
N HIS T 99 -47.94 -6.78 -10.30
CA HIS T 99 -47.11 -6.95 -9.11
C HIS T 99 -47.82 -6.25 -7.96
N ILE T 100 -48.40 -5.10 -8.24
CA ILE T 100 -49.28 -4.47 -7.27
C ILE T 100 -50.40 -5.41 -6.88
N LEU T 101 -51.00 -6.08 -7.86
CA LEU T 101 -52.05 -7.02 -7.56
C LEU T 101 -51.60 -8.18 -6.67
N ARG T 102 -50.43 -8.76 -6.92
CA ARG T 102 -49.85 -9.78 -6.02
C ARG T 102 -49.85 -9.27 -4.60
N TRP T 103 -49.38 -8.04 -4.45
CA TRP T 103 -49.20 -7.44 -3.14
C TRP T 103 -50.51 -7.02 -2.49
N ILE T 104 -51.47 -6.54 -3.27
CA ILE T 104 -52.81 -6.23 -2.77
C ILE T 104 -53.45 -7.51 -2.26
N ASP T 105 -53.32 -8.59 -3.03
CA ASP T 105 -53.86 -9.88 -2.62
C ASP T 105 -53.32 -10.19 -1.22
N TYR T 106 -52.00 -10.00 -1.06
CA TYR T 106 -51.33 -10.30 0.19
C TYR T 106 -51.85 -9.42 1.33
N MET T 107 -51.82 -8.13 1.11
CA MET T 107 -52.13 -7.18 2.17
C MET T 107 -53.60 -7.19 2.59
N GLN T 108 -54.51 -7.31 1.64
CA GLN T 108 -55.93 -7.32 2.02
C GLN T 108 -56.35 -8.54 2.83
N ASN T 109 -55.64 -9.66 2.64
CA ASN T 109 -55.80 -10.83 3.47
C ASN T 109 -55.07 -10.68 4.81
N LEU T 110 -53.85 -10.12 4.81
CA LEU T 110 -53.09 -9.91 6.05
C LEU T 110 -53.96 -9.09 6.98
N LEU T 111 -54.54 -8.04 6.40
CA LEU T 111 -55.23 -7.04 7.21
C LEU T 111 -56.75 -7.26 7.33
N GLU T 112 -57.21 -8.41 6.85
CA GLU T 112 -58.61 -8.84 7.08
C GLU T 112 -59.58 -7.74 6.62
N VAL T 113 -59.27 -7.18 5.46
CA VAL T 113 -60.19 -6.27 4.79
C VAL T 113 -61.52 -7.02 4.64
N SER T 114 -62.64 -6.34 4.76
CA SER T 114 -63.91 -7.04 4.65
C SER T 114 -64.06 -7.58 3.23
N SER T 115 -64.74 -8.71 3.08
CA SER T 115 -64.81 -9.42 1.79
C SER T 115 -65.42 -8.49 0.74
N THR T 116 -66.40 -7.68 1.15
CA THR T 116 -67.07 -6.77 0.24
C THR T 116 -66.13 -5.64 -0.21
N ASP T 117 -65.05 -5.41 0.54
CA ASP T 117 -64.12 -4.32 0.29
C ASP T 117 -62.86 -4.75 -0.42
N LYS T 118 -62.64 -6.06 -0.49
CA LYS T 118 -61.45 -6.60 -1.15
C LYS T 118 -61.50 -6.41 -2.66
N LEU T 119 -60.33 -6.36 -3.29
CA LEU T 119 -60.24 -6.40 -4.76
C LEU T 119 -60.39 -7.84 -5.30
N GLU T 120 -61.19 -8.00 -6.36
CA GLU T 120 -61.31 -9.26 -7.06
C GLU T 120 -59.96 -9.62 -7.60
N ILE T 121 -59.43 -10.76 -7.17
CA ILE T 121 -58.19 -11.29 -7.74
C ILE T 121 -58.60 -12.42 -8.69
N ASN T 122 -58.25 -12.25 -9.95
CA ASN T 122 -58.40 -13.32 -10.92
C ASN T 122 -57.02 -13.71 -11.39
N HIS T 123 -56.17 -12.68 -11.47
CA HIS T 123 -55.23 -12.50 -12.55
C HIS T 123 -53.77 -12.55 -12.12
S SO4 U . 32.66 -29.95 3.40
O1 SO4 U . 32.86 -28.75 2.61
O2 SO4 U . 33.93 -30.65 3.64
O3 SO4 U . 32.05 -29.71 4.72
O4 SO4 U . 31.74 -30.78 2.63
S SO4 V . 48.84 -21.15 4.92
O1 SO4 V . 47.41 -20.97 4.99
O2 SO4 V . 49.42 -20.12 4.08
O3 SO4 V . 49.38 -21.14 6.29
O4 SO4 V . 49.10 -22.43 4.25
S SO4 W . 8.66 -12.16 -9.79
O1 SO4 W . 8.86 -11.24 -10.92
O2 SO4 W . 9.89 -12.13 -8.99
O3 SO4 W . 7.60 -11.77 -8.89
O4 SO4 W . 8.39 -13.51 -10.30
S SO4 X . -9.09 -17.27 -9.92
O1 SO4 X . -9.77 -17.36 -11.22
O2 SO4 X . -8.23 -18.41 -9.69
O3 SO4 X . -8.26 -16.10 -9.97
O4 SO4 X . -10.00 -17.16 -8.80
S SO4 Y . 14.57 18.09 15.86
O1 SO4 Y . 13.45 18.25 16.78
O2 SO4 Y . 14.07 17.81 14.52
O3 SO4 Y . 15.29 19.35 15.79
O4 SO4 Y . 15.42 17.02 16.38
S SO4 Z . 32.41 23.57 16.00
O1 SO4 Z . 32.48 24.75 15.15
O2 SO4 Z . 33.74 23.35 16.56
O3 SO4 Z . 31.48 23.75 17.11
O4 SO4 Z . 32.01 22.47 15.14
S SO4 AA . -28.38 24.83 6.71
O1 SO4 AA . -28.39 24.45 5.29
O2 SO4 AA . -27.35 24.10 7.46
O3 SO4 AA . -28.17 26.28 6.77
O4 SO4 AA . -29.69 24.51 7.25
S SO4 BA . -10.91 30.89 7.63
O1 SO4 BA . -10.67 31.85 6.55
O2 SO4 BA . -9.87 31.03 8.65
O3 SO4 BA . -12.16 31.10 8.33
O4 SO4 BA . -10.89 29.58 6.98
S SO4 CA . -51.58 -13.62 -19.56
O1 SO4 CA . -51.54 -14.28 -20.86
O2 SO4 CA . -50.39 -13.94 -18.78
O3 SO4 CA . -51.69 -12.17 -19.76
O4 SO4 CA . -52.71 -14.15 -18.81
S SO4 DA . -35.35 -4.69 -17.76
O1 SO4 DA . -36.75 -4.43 -17.47
O2 SO4 DA . -34.87 -3.73 -18.74
O3 SO4 DA . -34.69 -4.62 -16.47
O4 SO4 DA . -35.23 -6.00 -18.40
#